data_7EAM
#
_entry.id   7EAM
#
_cell.length_a   37.440
_cell.length_b   87.970
_cell.length_c   102.720
_cell.angle_alpha   89.960
_cell.angle_beta   87.050
_cell.angle_gamma   89.980
#
_symmetry.space_group_name_H-M   'P 1'
#
loop_
_entity.id
_entity.type
_entity.pdbx_description
1 polymer 'Spike protein S1'
2 polymer 'the heavy chain of Fab fragment of antibody 7D6'
3 polymer 'the light chain of Fab fragment of antibody 7D6'
4 branched 2-acetamido-2-deoxy-beta-D-glucopyranose-(1-4)-2-acetamido-2-deoxy-beta-D-glucopyranose
5 non-polymer 2-acetamido-2-deoxy-beta-D-glucopyranose
6 water water
#
loop_
_entity_poly.entity_id
_entity_poly.type
_entity_poly.pdbx_seq_one_letter_code
_entity_poly.pdbx_strand_id
1 'polypeptide(L)'
;RVQPTESIVRFPNITNLCPFGEVFNATRFASVYAWNRKRISNCVADYSVLYNSASFSTFKCYGVSPTKLNDLCFTNVYAD
SFVIRGDEVRQIAPGQTGKIADYNYKLPDDFTGCVIAWNSNNLDSKVGGNYNYLYRLFRKSNLKPFERDISTEIYQAGST
PCNGVEGFNCYFPLQSYGFQPTNGVGYQPYRVVVLSFELLHAPATVCGPKKSTNLVKNKCVNFHHHHHHHHHH
;
A,B
2 'polypeptide(L)'
;EVQLQQSGAELVRPGASVKLSCTASGFNIKDTYIHWVKQRPEQGLEWIGRIDPGDGDTEYDPSFQGKATITADTSSNTAY
LELSSLTSEDTAVYYCTRFYDYVDYGMDYWGQGTSVTVSSAKTTPPSVYPLAPGSAAQTNSMVTLGCLVKGYFPEPVTVT
WNSGSLSSGVHTFPAVLQSDLYTLSSSVTVPSSTWPSETVTCNVAHPASSTKVDKKIEPR
;
H,C
3 'polypeptide(L)'
;DIQMTQSPASLSASVGETVTITCRASGNIHNYLAWYQQKQGKSPQLLVYNAKTLADGVPSRFSGSGSGTQYSLKINSLQP
EDFGSYYCQHFWSTPPWTFGGGTKLEVKRADAAPTVSIFPPSSEQLTSGGASVVCFLNNFYPKDINVKWKIDGSERQNGV
LNSWTDQDSKDSTYSMSSTLTLTKDEYERHNSYTCEATHKTSTSPIVKSFNRNN
;
L,D
#
loop_
_chem_comp.id
_chem_comp.type
_chem_comp.name
_chem_comp.formula
NAG D-saccharide, beta linking 2-acetamido-2-deoxy-beta-D-glucopyranose 'C8 H15 N O6'
#
# COMPACT_ATOMS: atom_id res chain seq x y z
N GLU A 6 50.87 -16.99 -8.48
CA GLU A 6 50.30 -18.17 -9.12
C GLU A 6 50.29 -18.03 -10.65
N SER A 7 50.40 -19.16 -11.34
CA SER A 7 50.26 -19.21 -12.80
C SER A 7 49.22 -20.26 -13.14
N ILE A 8 48.02 -19.81 -13.49
CA ILE A 8 46.91 -20.69 -13.88
C ILE A 8 46.79 -20.66 -15.39
N VAL A 9 47.01 -21.80 -16.01
CA VAL A 9 46.81 -21.96 -17.44
C VAL A 9 45.44 -22.49 -17.80
N ARG A 10 44.92 -23.38 -16.97
CA ARG A 10 43.68 -24.07 -17.29
C ARG A 10 42.53 -23.09 -17.48
N PHE A 11 42.46 -22.05 -16.65
CA PHE A 11 41.44 -21.01 -16.74
C PHE A 11 42.17 -19.68 -16.65
N PRO A 12 42.65 -19.16 -17.77
CA PRO A 12 43.54 -18.00 -17.73
C PRO A 12 42.79 -16.70 -17.50
N ASN A 13 43.56 -15.63 -17.35
CA ASN A 13 43.02 -14.28 -17.32
C ASN A 13 42.69 -13.85 -18.74
N ILE A 14 41.41 -13.56 -18.99
CA ILE A 14 40.94 -13.26 -20.34
C ILE A 14 41.03 -11.78 -20.70
N THR A 15 41.36 -10.91 -19.74
CA THR A 15 41.42 -9.47 -19.99
C THR A 15 42.75 -9.15 -20.65
N ASN A 16 42.73 -9.03 -21.98
CA ASN A 16 43.95 -8.77 -22.74
C ASN A 16 43.82 -7.52 -23.60
N LEU A 17 44.77 -7.30 -24.51
CA LEU A 17 44.78 -6.08 -25.32
C LEU A 17 43.46 -5.89 -26.04
N CYS A 18 43.04 -4.64 -26.16
CA CYS A 18 41.76 -4.34 -26.80
C CYS A 18 41.80 -4.76 -28.26
N PRO A 19 40.70 -5.27 -28.79
CA PRO A 19 40.68 -5.79 -30.17
C PRO A 19 40.53 -4.69 -31.21
N PHE A 20 41.50 -3.77 -31.24
CA PHE A 20 41.47 -2.72 -32.24
C PHE A 20 41.46 -3.29 -33.65
N GLY A 21 42.03 -4.49 -33.84
CA GLY A 21 42.01 -5.09 -35.16
C GLY A 21 40.61 -5.34 -35.68
N GLU A 22 39.67 -5.65 -34.79
CA GLU A 22 38.30 -5.90 -35.23
C GLU A 22 37.68 -4.65 -35.84
N VAL A 23 38.13 -3.48 -35.41
CA VAL A 23 37.62 -2.21 -35.90
C VAL A 23 38.42 -1.75 -37.12
N PHE A 24 39.73 -1.62 -36.94
CA PHE A 24 40.56 -1.00 -37.96
C PHE A 24 40.71 -1.90 -39.17
N ASN A 25 40.80 -3.21 -38.95
CA ASN A 25 41.06 -4.14 -40.04
C ASN A 25 39.81 -4.89 -40.48
N ALA A 26 38.64 -4.41 -40.10
CA ALA A 26 37.41 -5.03 -40.57
C ALA A 26 37.32 -5.01 -42.09
N THR A 27 36.81 -6.09 -42.66
CA THR A 27 36.69 -6.16 -44.10
C THR A 27 35.60 -5.22 -44.60
N ARG A 28 34.44 -5.20 -43.92
CA ARG A 28 33.32 -4.36 -44.32
C ARG A 28 33.39 -3.08 -43.50
N PHE A 29 33.20 -1.95 -44.16
CA PHE A 29 33.06 -0.66 -43.48
C PHE A 29 31.70 -0.06 -43.84
N ALA A 30 31.17 0.71 -42.91
CA ALA A 30 29.86 1.32 -43.07
C ALA A 30 29.89 2.57 -43.94
N SER A 31 28.74 2.84 -44.54
CA SER A 31 28.47 4.16 -45.08
C SER A 31 28.37 5.18 -43.94
N VAL A 32 28.80 6.41 -44.25
CA VAL A 32 28.85 7.45 -43.21
C VAL A 32 27.46 7.79 -42.66
N TYR A 33 26.42 7.79 -43.50
CA TYR A 33 25.08 8.09 -42.97
C TYR A 33 24.63 7.04 -41.96
N ALA A 34 25.05 5.78 -42.14
CA ALA A 34 24.73 4.67 -41.23
C ALA A 34 25.98 4.20 -40.51
N TRP A 35 26.71 5.17 -39.96
CA TRP A 35 28.01 4.89 -39.37
C TRP A 35 27.93 3.83 -38.28
N ASN A 36 28.97 3.03 -38.17
CA ASN A 36 29.04 1.91 -37.26
C ASN A 36 29.61 2.35 -35.95
N ARG A 37 29.09 1.83 -34.85
CA ARG A 37 29.66 2.00 -33.53
C ARG A 37 29.94 0.66 -32.90
N LYS A 38 31.14 0.52 -32.35
CA LYS A 38 31.58 -0.61 -31.53
C LYS A 38 31.94 -0.10 -30.14
N ARG A 39 31.46 -0.79 -29.11
CA ARG A 39 31.84 -0.49 -27.74
C ARG A 39 33.07 -1.31 -27.38
N ILE A 40 34.11 -0.64 -26.90
CA ILE A 40 35.32 -1.29 -26.43
C ILE A 40 35.30 -1.25 -24.91
N SER A 41 35.48 -2.42 -24.28
CA SER A 41 35.41 -2.47 -22.83
C SER A 41 36.20 -3.65 -22.30
N ASN A 42 36.60 -3.54 -21.03
CA ASN A 42 37.24 -4.64 -20.30
C ASN A 42 38.45 -5.20 -21.05
N CYS A 43 39.37 -4.32 -21.35
CA CYS A 43 40.59 -4.73 -22.04
C CYS A 43 41.68 -3.71 -21.74
N VAL A 44 42.90 -4.05 -22.14
CA VAL A 44 44.04 -3.17 -22.01
C VAL A 44 44.26 -2.47 -23.34
N ALA A 45 44.25 -1.14 -23.32
CA ALA A 45 44.33 -0.36 -24.56
C ALA A 45 45.78 0.01 -24.77
N ASP A 46 46.48 -0.82 -25.56
CA ASP A 46 47.83 -0.48 -26.02
C ASP A 46 47.65 0.30 -27.31
N TYR A 47 47.77 1.63 -27.22
CA TYR A 47 47.56 2.50 -28.36
C TYR A 47 48.81 2.68 -29.21
N SER A 48 49.93 2.09 -28.83
CA SER A 48 51.16 2.24 -29.59
C SER A 48 51.17 1.36 -30.83
N VAL A 49 50.36 0.31 -30.87
CA VAL A 49 50.09 -0.39 -32.13
C VAL A 49 49.52 0.58 -33.15
N LEU A 50 48.72 1.55 -32.70
CA LEU A 50 48.16 2.57 -33.58
C LEU A 50 49.10 3.77 -33.74
N TYR A 51 49.56 4.33 -32.62
CA TYR A 51 50.41 5.51 -32.66
C TYR A 51 51.46 5.35 -33.75
N ASN A 52 52.45 4.50 -33.50
CA ASN A 52 53.51 4.25 -34.48
C ASN A 52 53.10 3.08 -35.38
N SER A 53 52.14 3.37 -36.25
CA SER A 53 51.77 2.46 -37.34
C SER A 53 52.23 2.94 -38.71
N ALA A 54 52.30 4.26 -38.91
CA ALA A 54 52.79 4.87 -40.15
C ALA A 54 51.88 4.67 -41.36
N SER A 55 50.82 3.87 -41.21
CA SER A 55 49.91 3.61 -42.32
C SER A 55 48.75 4.59 -42.39
N PHE A 56 48.66 5.55 -41.48
CA PHE A 56 47.53 6.46 -41.39
C PHE A 56 47.85 7.78 -42.06
N SER A 57 46.85 8.37 -42.70
CA SER A 57 46.91 9.68 -43.31
C SER A 57 46.54 10.79 -42.35
N THR A 58 45.66 10.50 -41.38
CA THR A 58 45.23 11.42 -40.34
C THR A 58 45.28 10.68 -39.01
N PHE A 59 45.83 11.34 -37.99
CA PHE A 59 45.82 10.86 -36.60
C PHE A 59 45.80 12.10 -35.71
N LYS A 60 44.60 12.59 -35.45
CA LYS A 60 44.37 13.83 -34.74
C LYS A 60 43.68 13.54 -33.43
N CYS A 61 44.20 14.07 -32.35
CA CYS A 61 43.65 13.80 -31.04
C CYS A 61 43.21 15.12 -30.41
N TYR A 62 42.15 15.04 -29.61
CA TYR A 62 41.43 16.18 -29.07
C TYR A 62 41.26 15.92 -27.59
N GLY A 63 41.83 16.79 -26.76
CA GLY A 63 41.72 16.64 -25.32
C GLY A 63 42.51 15.50 -24.75
N VAL A 64 43.30 14.83 -25.56
CA VAL A 64 44.10 13.69 -25.14
C VAL A 64 45.33 13.70 -26.03
N SER A 65 46.41 13.09 -25.56
CA SER A 65 47.65 13.10 -26.30
C SER A 65 48.05 11.68 -26.65
N PRO A 66 48.45 11.40 -27.90
CA PRO A 66 49.04 10.09 -28.20
C PRO A 66 50.39 9.96 -27.52
N THR A 67 50.70 8.75 -27.08
CA THR A 67 51.90 8.44 -26.29
C THR A 67 51.59 8.59 -24.81
N LYS A 68 50.56 9.40 -24.50
CA LYS A 68 49.99 9.42 -23.17
C LYS A 68 48.76 8.53 -23.06
N LEU A 69 48.13 8.20 -24.20
CA LEU A 69 46.99 7.29 -24.19
C LEU A 69 47.33 5.98 -23.50
N ASN A 70 48.56 5.49 -23.69
CA ASN A 70 48.99 4.22 -23.10
C ASN A 70 48.96 4.25 -21.59
N ASP A 71 48.67 5.39 -20.99
CA ASP A 71 48.49 5.53 -19.55
C ASP A 71 47.03 5.87 -19.27
N LEU A 72 46.65 5.70 -18.01
CA LEU A 72 45.34 6.10 -17.49
C LEU A 72 44.18 5.26 -17.99
N CYS A 73 43.04 5.35 -17.30
CA CYS A 73 41.89 4.50 -17.54
C CYS A 73 40.67 5.32 -17.95
N PHE A 74 39.75 4.63 -18.62
CA PHE A 74 38.47 5.19 -19.01
C PHE A 74 37.38 4.17 -18.72
N THR A 75 36.16 4.68 -18.63
CA THR A 75 35.01 3.83 -18.40
C THR A 75 34.76 2.91 -19.59
N ASN A 76 34.79 3.50 -20.78
CA ASN A 76 34.54 2.79 -22.02
C ASN A 76 35.20 3.61 -23.12
N VAL A 77 35.41 2.96 -24.26
CA VAL A 77 35.81 3.64 -25.49
C VAL A 77 34.80 3.24 -26.54
N TYR A 78 34.40 4.17 -27.38
CA TYR A 78 33.51 3.87 -28.50
C TYR A 78 34.31 4.10 -29.75
N ALA A 79 34.12 3.25 -30.72
CA ALA A 79 34.84 3.34 -31.97
C ALA A 79 33.78 3.42 -33.06
N ASP A 80 33.69 4.57 -33.71
CA ASP A 80 32.82 4.81 -34.85
C ASP A 80 33.63 4.67 -36.12
N SER A 81 33.08 4.06 -37.14
CA SER A 81 33.80 3.84 -38.38
C SER A 81 32.91 3.99 -39.59
N PHE A 82 33.50 4.47 -40.66
CA PHE A 82 32.79 4.71 -41.91
C PHE A 82 33.79 5.09 -42.99
N VAL A 83 33.29 5.27 -44.22
CA VAL A 83 34.05 5.71 -45.36
C VAL A 83 33.51 7.05 -45.87
N ILE A 84 34.41 7.98 -46.18
CA ILE A 84 34.11 9.26 -46.80
C ILE A 84 35.20 9.55 -47.81
N ARG A 85 35.04 10.63 -48.58
CA ARG A 85 36.10 10.96 -49.51
C ARG A 85 37.20 11.70 -48.77
N GLY A 86 38.39 11.73 -49.37
CA GLY A 86 39.54 12.25 -48.65
C GLY A 86 39.42 13.71 -48.28
N ASP A 87 38.83 14.52 -49.18
CA ASP A 87 38.65 15.93 -48.92
C ASP A 87 37.61 16.22 -47.83
N GLU A 88 36.88 15.20 -47.35
CA GLU A 88 35.92 15.38 -46.27
C GLU A 88 36.46 14.96 -44.91
N VAL A 89 37.66 14.40 -44.85
CA VAL A 89 38.21 13.99 -43.56
C VAL A 89 38.34 15.18 -42.60
N ARG A 90 38.67 16.37 -43.14
CA ARG A 90 38.76 17.58 -42.33
C ARG A 90 37.45 17.91 -41.62
N GLN A 91 36.31 17.44 -42.12
CA GLN A 91 35.03 17.67 -41.45
C GLN A 91 34.83 16.80 -40.23
N ILE A 92 35.63 15.75 -40.04
CA ILE A 92 35.52 14.91 -38.86
C ILE A 92 36.38 15.51 -37.75
N ALA A 93 35.89 16.59 -37.18
CA ALA A 93 36.60 17.38 -36.19
C ALA A 93 35.56 18.23 -35.50
N PRO A 94 35.79 18.60 -34.24
CA PRO A 94 34.83 19.46 -33.56
C PRO A 94 34.71 20.81 -34.26
N GLY A 95 33.47 21.29 -34.37
CA GLY A 95 33.23 22.64 -34.88
C GLY A 95 33.29 22.82 -36.37
N GLN A 96 33.27 21.75 -37.15
CA GLN A 96 33.36 21.85 -38.59
C GLN A 96 31.96 21.94 -39.21
N THR A 97 31.93 22.33 -40.48
CA THR A 97 30.72 22.35 -41.28
C THR A 97 31.01 21.71 -42.65
N GLY A 98 29.94 21.35 -43.34
CA GLY A 98 30.05 20.66 -44.61
C GLY A 98 28.97 19.59 -44.64
N LYS A 99 28.76 18.96 -45.79
CA LYS A 99 27.70 17.96 -45.90
C LYS A 99 27.88 16.84 -44.88
N ILE A 100 29.13 16.43 -44.63
CA ILE A 100 29.35 15.30 -43.73
C ILE A 100 29.07 15.72 -42.28
N ALA A 101 29.72 16.78 -41.81
CA ALA A 101 29.50 17.23 -40.44
C ALA A 101 28.05 17.65 -40.21
N ASP A 102 27.38 18.20 -41.23
CA ASP A 102 26.04 18.72 -41.00
C ASP A 102 24.96 17.64 -41.11
N TYR A 103 25.07 16.73 -42.07
CA TYR A 103 23.99 15.79 -42.35
C TYR A 103 24.32 14.33 -42.10
N ASN A 104 25.56 14.00 -41.74
CA ASN A 104 25.98 12.60 -41.64
C ASN A 104 26.63 12.17 -40.32
N TYR A 105 27.69 12.85 -39.90
CA TYR A 105 28.39 12.48 -38.67
C TYR A 105 28.96 13.75 -38.06
N LYS A 106 28.51 14.06 -36.86
CA LYS A 106 28.82 15.33 -36.20
C LYS A 106 29.47 15.06 -34.85
N LEU A 107 30.69 15.61 -34.66
CA LEU A 107 31.34 15.49 -33.36
C LEU A 107 30.92 16.63 -32.44
N PRO A 108 30.89 16.40 -31.13
CA PRO A 108 30.59 17.50 -30.20
C PRO A 108 31.76 18.46 -30.10
N ASP A 109 31.46 19.67 -29.65
CA ASP A 109 32.52 20.66 -29.49
C ASP A 109 33.53 20.22 -28.44
N ASP A 110 33.06 19.62 -27.34
CA ASP A 110 33.90 19.20 -26.22
C ASP A 110 34.44 17.78 -26.39
N PHE A 111 34.60 17.32 -27.63
CA PHE A 111 35.03 15.96 -27.91
C PHE A 111 36.38 15.65 -27.27
N THR A 112 36.46 14.48 -26.63
CA THR A 112 37.72 13.91 -26.16
C THR A 112 37.92 12.59 -26.89
N GLY A 113 38.95 12.51 -27.72
CA GLY A 113 39.16 11.31 -28.49
C GLY A 113 40.11 11.58 -29.64
N CYS A 114 40.13 10.62 -30.56
CA CYS A 114 41.07 10.64 -31.68
C CYS A 114 40.31 10.36 -32.95
N VAL A 115 40.74 10.98 -34.03
CA VAL A 115 40.17 10.77 -35.36
C VAL A 115 41.31 10.25 -36.21
N ILE A 116 41.12 9.07 -36.79
CA ILE A 116 42.15 8.34 -37.51
C ILE A 116 41.61 7.98 -38.88
N ALA A 117 42.38 8.23 -39.91
CA ALA A 117 41.91 7.92 -41.26
C ALA A 117 43.06 7.38 -42.08
N TRP A 118 42.72 6.62 -43.10
CA TRP A 118 43.67 6.16 -44.08
C TRP A 118 43.02 5.99 -45.42
N ASN A 119 43.83 6.16 -46.46
CA ASN A 119 43.36 6.01 -47.83
C ASN A 119 43.03 4.55 -48.12
N SER A 120 41.85 4.30 -48.68
CA SER A 120 41.40 2.93 -48.94
C SER A 120 41.08 2.72 -50.42
N ASN A 121 41.72 3.48 -51.31
CA ASN A 121 41.42 3.38 -52.73
C ASN A 121 41.58 1.95 -53.24
N ASN A 122 42.59 1.22 -52.74
CA ASN A 122 42.82 -0.14 -53.20
C ASN A 122 41.67 -1.10 -52.83
N LEU A 123 40.99 -0.84 -51.73
CA LEU A 123 39.89 -1.70 -51.30
C LEU A 123 38.52 -1.20 -51.74
N ASP A 124 38.31 0.10 -51.80
CA ASP A 124 36.97 0.65 -51.85
C ASP A 124 36.61 1.35 -53.16
N SER A 125 37.48 1.37 -54.15
CA SER A 125 37.13 1.89 -55.45
C SER A 125 37.01 0.74 -56.45
N LYS A 126 36.22 0.98 -57.50
CA LYS A 126 36.06 0.00 -58.57
C LYS A 126 36.01 0.75 -59.90
N VAL A 127 36.48 0.08 -60.96
CA VAL A 127 36.48 0.71 -62.28
C VAL A 127 35.10 1.22 -62.65
N GLY A 128 34.09 0.38 -62.45
CA GLY A 128 32.72 0.73 -62.73
C GLY A 128 32.04 1.53 -61.66
N GLY A 129 32.78 1.84 -60.60
CA GLY A 129 32.29 2.68 -59.53
C GLY A 129 31.78 1.87 -58.37
N ASN A 130 32.20 2.22 -57.17
CA ASN A 130 31.69 1.57 -55.97
C ASN A 130 30.44 2.32 -55.57
N TYR A 131 29.31 1.63 -55.59
CA TYR A 131 28.03 2.26 -55.26
C TYR A 131 27.51 1.86 -53.90
N ASN A 132 28.33 1.17 -53.11
CA ASN A 132 27.91 0.73 -51.79
C ASN A 132 28.03 1.82 -50.73
N TYR A 133 28.92 2.79 -50.92
CA TYR A 133 29.11 3.83 -49.92
C TYR A 133 28.28 5.06 -50.28
N LEU A 134 27.44 5.48 -49.35
CA LEU A 134 26.50 6.57 -49.55
C LEU A 134 26.69 7.64 -48.49
N TYR A 135 26.21 8.84 -48.79
CA TYR A 135 26.12 9.91 -47.83
C TYR A 135 24.77 10.63 -48.00
N ARG A 136 24.33 11.28 -46.91
CA ARG A 136 23.09 12.04 -46.97
C ARG A 136 23.36 13.43 -47.52
N LEU A 137 22.64 13.78 -48.58
CA LEU A 137 22.80 15.04 -49.30
C LEU A 137 21.73 16.07 -48.92
N PHE A 138 20.56 15.64 -48.46
CA PHE A 138 19.47 16.55 -48.13
C PHE A 138 18.98 16.23 -46.73
N ARG A 139 18.71 17.27 -45.95
CA ARG A 139 18.14 17.10 -44.62
C ARG A 139 17.53 18.44 -44.21
N LYS A 140 16.44 18.38 -43.45
CA LYS A 140 15.76 19.62 -43.10
C LYS A 140 16.53 20.44 -42.09
N SER A 141 17.42 19.81 -41.31
CA SER A 141 18.23 20.53 -40.35
C SER A 141 19.53 19.76 -40.10
N ASN A 142 20.44 20.39 -39.38
CA ASN A 142 21.70 19.75 -39.07
C ASN A 142 21.54 18.73 -37.95
N LEU A 143 22.43 17.74 -37.97
CA LEU A 143 22.45 16.72 -36.93
C LEU A 143 22.99 17.29 -35.63
N LYS A 144 22.45 16.77 -34.53
CA LYS A 144 23.12 16.98 -33.25
C LYS A 144 24.32 16.06 -33.13
N PRO A 145 25.26 16.38 -32.26
CA PRO A 145 26.44 15.52 -32.08
C PRO A 145 26.03 14.08 -31.82
N PHE A 146 26.69 13.17 -32.53
CA PHE A 146 26.51 11.73 -32.45
C PHE A 146 25.10 11.27 -32.81
N GLU A 147 24.32 12.12 -33.47
CA GLU A 147 23.04 11.71 -34.01
C GLU A 147 23.29 10.90 -35.28
N ARG A 148 22.38 9.99 -35.56
CA ARG A 148 22.58 9.06 -36.66
C ARG A 148 21.25 8.92 -37.37
N ASP A 149 21.15 9.49 -38.57
CA ASP A 149 19.92 9.53 -39.36
C ASP A 149 20.00 8.51 -40.48
N ILE A 150 19.13 7.51 -40.43
CA ILE A 150 19.10 6.46 -41.43
C ILE A 150 17.81 6.50 -42.26
N SER A 151 17.07 7.61 -42.20
CA SER A 151 15.84 7.73 -42.96
C SER A 151 16.09 7.68 -44.45
N THR A 152 15.17 7.05 -45.19
CA THR A 152 15.19 7.00 -46.63
C THR A 152 13.99 7.75 -47.22
N GLU A 153 13.36 8.61 -46.44
CA GLU A 153 12.19 9.35 -46.88
C GLU A 153 12.56 10.34 -47.99
N ILE A 154 11.68 10.48 -48.97
CA ILE A 154 11.93 11.37 -50.08
C ILE A 154 11.89 12.81 -49.57
N TYR A 155 12.89 13.61 -49.97
CA TYR A 155 13.03 14.99 -49.49
C TYR A 155 12.27 15.93 -50.42
N GLN A 156 11.33 16.70 -49.87
CA GLN A 156 10.56 17.66 -50.65
C GLN A 156 11.37 18.94 -50.88
N ALA A 157 11.87 19.13 -52.09
CA ALA A 157 12.74 20.24 -52.45
C ALA A 157 11.99 21.38 -53.13
N GLY A 158 10.66 21.30 -53.17
CA GLY A 158 9.83 22.32 -53.79
C GLY A 158 8.49 22.44 -53.09
N SER A 159 7.51 23.07 -53.76
CA SER A 159 6.17 23.24 -53.22
C SER A 159 5.25 22.03 -53.45
N THR A 160 5.67 21.09 -54.31
CA THR A 160 4.83 19.94 -54.65
C THR A 160 5.15 18.75 -53.75
N PRO A 161 4.15 18.09 -53.17
CA PRO A 161 4.44 16.94 -52.32
C PRO A 161 4.94 15.76 -53.13
N CYS A 162 5.70 14.90 -52.46
CA CYS A 162 6.35 13.79 -53.14
C CYS A 162 5.59 12.48 -53.03
N ASN A 163 4.76 12.31 -52.01
CA ASN A 163 3.97 11.09 -51.83
C ASN A 163 4.82 9.84 -52.00
N GLY A 164 6.08 9.93 -51.57
CA GLY A 164 6.95 8.78 -51.54
C GLY A 164 7.63 8.42 -52.84
N VAL A 165 7.46 9.22 -53.89
CA VAL A 165 8.03 8.94 -55.20
C VAL A 165 9.03 10.02 -55.57
N GLU A 166 10.17 9.58 -56.10
CA GLU A 166 11.15 10.52 -56.60
C GLU A 166 10.64 11.18 -57.87
N GLY A 167 11.05 12.42 -58.06
CA GLY A 167 10.64 13.16 -59.24
C GLY A 167 11.23 14.55 -59.20
N PHE A 168 10.59 15.45 -59.95
CA PHE A 168 11.01 16.85 -59.94
C PHE A 168 10.84 17.44 -58.56
N ASN A 169 11.94 17.98 -58.02
CA ASN A 169 11.96 18.62 -56.71
C ASN A 169 11.64 17.66 -55.57
N CYS A 170 11.84 16.35 -55.80
CA CYS A 170 11.53 15.31 -54.82
C CYS A 170 12.65 14.27 -54.88
N TYR A 171 13.59 14.36 -53.95
CA TYR A 171 14.86 13.67 -54.08
C TYR A 171 15.03 12.54 -53.08
N PHE A 172 15.55 11.42 -53.56
CA PHE A 172 16.03 10.42 -52.63
C PHE A 172 17.18 11.06 -51.86
N PRO A 173 17.22 10.93 -50.52
CA PRO A 173 18.12 11.79 -49.75
C PRO A 173 19.57 11.33 -49.68
N LEU A 174 19.86 10.10 -50.09
CA LEU A 174 21.22 9.54 -50.07
C LEU A 174 21.78 9.53 -51.48
N GLN A 175 23.06 9.79 -51.58
CA GLN A 175 23.74 9.74 -52.88
C GLN A 175 24.99 8.88 -52.75
N SER A 176 25.30 8.17 -53.83
CA SER A 176 26.50 7.34 -53.87
C SER A 176 27.74 8.15 -54.19
N TYR A 177 28.84 7.80 -53.54
CA TYR A 177 30.12 8.37 -53.92
C TYR A 177 30.60 7.87 -55.28
N GLY A 178 30.36 6.60 -55.58
CA GLY A 178 30.82 6.06 -56.87
C GLY A 178 32.33 6.08 -57.09
N PHE A 179 33.10 5.70 -56.08
CA PHE A 179 34.55 5.81 -56.14
C PHE A 179 35.11 4.97 -57.28
N GLN A 180 35.99 5.59 -58.06
CA GLN A 180 36.74 4.93 -59.12
C GLN A 180 38.21 5.13 -58.85
N PRO A 181 39.05 4.16 -59.23
CA PRO A 181 40.45 4.17 -58.76
C PRO A 181 41.30 5.30 -59.29
N THR A 182 40.92 5.92 -60.42
CA THR A 182 41.65 7.03 -61.02
C THR A 182 41.25 8.39 -60.47
N ASN A 183 40.32 8.44 -59.50
CA ASN A 183 39.98 9.69 -58.86
C ASN A 183 41.23 10.35 -58.29
N GLY A 184 41.23 11.68 -58.24
CA GLY A 184 42.26 12.38 -57.50
C GLY A 184 42.18 12.06 -56.03
N VAL A 185 43.28 12.30 -55.30
CA VAL A 185 43.41 11.80 -53.95
C VAL A 185 42.30 12.33 -53.03
N GLY A 186 41.83 13.56 -53.28
CA GLY A 186 40.77 14.09 -52.42
C GLY A 186 39.41 13.51 -52.70
N TYR A 187 39.25 12.85 -53.83
CA TYR A 187 38.02 12.18 -54.17
C TYR A 187 38.09 10.68 -53.97
N GLN A 188 39.21 10.17 -53.51
CA GLN A 188 39.39 8.76 -53.18
C GLN A 188 38.76 8.43 -51.84
N PRO A 189 38.38 7.17 -51.66
CA PRO A 189 37.79 6.75 -50.37
C PRO A 189 38.85 6.68 -49.28
N TYR A 190 38.46 7.13 -48.09
CA TYR A 190 39.23 7.05 -46.87
C TYR A 190 38.38 6.35 -45.83
N ARG A 191 38.94 5.33 -45.18
CA ARG A 191 38.32 4.75 -44.00
C ARG A 191 38.70 5.58 -42.80
N VAL A 192 37.73 5.75 -41.90
CA VAL A 192 37.84 6.64 -40.75
C VAL A 192 37.39 5.86 -39.53
N VAL A 193 38.14 6.01 -38.46
CA VAL A 193 37.80 5.51 -37.13
C VAL A 193 37.88 6.68 -36.16
N VAL A 194 36.81 6.88 -35.42
CA VAL A 194 36.72 7.90 -34.38
C VAL A 194 36.68 7.16 -33.07
N LEU A 195 37.67 7.37 -32.20
CA LEU A 195 37.68 6.79 -30.86
C LEU A 195 37.25 7.89 -29.89
N SER A 196 36.15 7.66 -29.21
CA SER A 196 35.66 8.58 -28.20
C SER A 196 35.88 7.95 -26.83
N PHE A 197 36.43 8.71 -25.91
CA PHE A 197 36.75 8.26 -24.57
C PHE A 197 35.67 8.76 -23.61
N GLU A 198 35.05 7.83 -22.91
CA GLU A 198 34.02 8.11 -21.94
C GLU A 198 34.60 7.97 -20.54
N LEU A 199 34.34 8.97 -19.71
CA LEU A 199 34.78 8.97 -18.32
C LEU A 199 33.60 9.29 -17.42
N LEU A 200 33.08 8.25 -16.76
CA LEU A 200 32.01 8.41 -15.79
C LEU A 200 32.55 8.13 -14.40
N HIS A 201 31.75 8.49 -13.40
CA HIS A 201 32.05 8.10 -12.02
C HIS A 201 31.60 6.64 -11.88
N ALA A 202 32.45 5.76 -12.41
CA ALA A 202 32.14 4.34 -12.54
C ALA A 202 33.44 3.58 -12.58
N PRO A 203 33.41 2.26 -12.39
CA PRO A 203 34.64 1.48 -12.56
C PRO A 203 35.18 1.66 -13.98
N ALA A 204 36.49 1.89 -14.06
CA ALA A 204 37.14 1.93 -15.36
C ALA A 204 37.29 0.51 -15.89
N THR A 205 36.99 0.33 -17.19
CA THR A 205 37.18 -0.97 -17.80
C THR A 205 38.19 -0.96 -18.94
N VAL A 206 38.66 0.21 -19.38
CA VAL A 206 39.60 0.31 -20.49
C VAL A 206 40.81 1.05 -19.98
N CYS A 207 41.92 0.34 -19.80
CA CYS A 207 43.11 0.92 -19.20
C CYS A 207 44.30 0.64 -20.11
N GLY A 208 45.29 1.52 -20.06
CA GLY A 208 46.52 1.29 -20.77
C GLY A 208 47.41 0.32 -20.04
N PRO A 209 48.48 -0.13 -20.73
CA PRO A 209 49.49 -1.00 -20.10
C PRO A 209 50.52 -0.21 -19.31
N GLU B 1 7.45 8.56 -43.68
CA GLU B 1 7.59 8.33 -42.22
C GLU B 1 8.06 6.91 -41.93
N VAL B 2 8.66 6.73 -40.75
CA VAL B 2 9.04 5.40 -40.30
C VAL B 2 7.78 4.66 -39.88
N GLN B 3 7.65 3.43 -40.34
CA GLN B 3 6.60 2.54 -39.90
C GLN B 3 7.15 1.14 -39.73
N LEU B 4 6.68 0.45 -38.69
CA LEU B 4 6.96 -0.95 -38.48
C LEU B 4 5.61 -1.64 -38.51
N GLN B 5 5.34 -2.40 -39.57
CA GLN B 5 4.04 -3.03 -39.77
C GLN B 5 4.16 -4.52 -39.41
N GLN B 6 3.48 -4.92 -38.37
CA GLN B 6 3.54 -6.29 -37.91
C GLN B 6 2.43 -7.12 -38.51
N SER B 7 2.67 -8.42 -38.52
CA SER B 7 1.71 -9.42 -38.99
C SER B 7 0.54 -9.54 -38.01
N GLY B 8 -0.48 -10.24 -38.47
CA GLY B 8 -1.73 -10.31 -37.72
C GLY B 8 -1.74 -11.30 -36.59
N ALA B 9 -2.85 -11.26 -35.86
CA ALA B 9 -3.01 -12.08 -34.66
C ALA B 9 -2.93 -13.56 -34.99
N GLU B 10 -2.37 -14.30 -34.05
CA GLU B 10 -2.22 -15.74 -34.19
C GLU B 10 -2.90 -16.46 -33.03
N LEU B 11 -3.61 -17.54 -33.34
CA LEU B 11 -4.17 -18.46 -32.36
C LEU B 11 -3.65 -19.85 -32.65
N VAL B 12 -2.91 -20.42 -31.71
CA VAL B 12 -2.20 -21.67 -31.94
C VAL B 12 -2.35 -22.58 -30.74
N ARG B 13 -2.10 -23.89 -30.98
CA ARG B 13 -2.19 -24.91 -29.94
C ARG B 13 -0.87 -25.07 -29.19
N PRO B 14 -0.95 -25.47 -27.92
CA PRO B 14 0.27 -25.75 -27.17
C PRO B 14 1.14 -26.75 -27.92
N GLY B 15 2.45 -26.51 -27.90
CA GLY B 15 3.41 -27.33 -28.58
C GLY B 15 3.74 -26.88 -29.98
N ALA B 16 2.91 -26.05 -30.58
CA ALA B 16 3.16 -25.58 -31.93
C ALA B 16 4.23 -24.50 -31.93
N SER B 17 4.54 -24.04 -33.13
CA SER B 17 5.43 -22.91 -33.36
C SER B 17 4.68 -21.86 -34.17
N VAL B 18 5.14 -20.63 -34.08
CA VAL B 18 4.57 -19.54 -34.85
C VAL B 18 5.73 -18.63 -35.22
N LYS B 19 5.58 -17.94 -36.35
CA LYS B 19 6.59 -17.01 -36.84
C LYS B 19 5.92 -15.70 -37.17
N LEU B 20 6.29 -14.66 -36.45
CA LEU B 20 5.71 -13.34 -36.56
C LEU B 20 6.63 -12.50 -37.42
N SER B 21 6.09 -11.49 -38.08
CA SER B 21 6.90 -10.64 -38.94
C SER B 21 6.66 -9.16 -38.67
N CYS B 22 7.66 -8.39 -39.05
CA CYS B 22 7.67 -6.94 -38.93
C CYS B 22 8.32 -6.40 -40.18
N THR B 23 7.55 -5.65 -40.96
CA THR B 23 8.06 -5.08 -42.22
C THR B 23 8.23 -3.58 -42.01
N ALA B 24 9.44 -3.12 -42.20
CA ALA B 24 9.80 -1.73 -41.98
C ALA B 24 9.65 -0.93 -43.26
N SER B 25 9.26 0.32 -43.10
CA SER B 25 9.31 1.27 -44.18
C SER B 25 9.90 2.56 -43.66
N GLY B 26 10.54 3.30 -44.56
CA GLY B 26 11.13 4.57 -44.20
C GLY B 26 12.57 4.54 -43.80
N PHE B 27 13.15 3.35 -43.70
CA PHE B 27 14.57 3.12 -43.42
C PHE B 27 14.84 1.67 -43.78
N ASN B 28 16.11 1.33 -43.93
CA ASN B 28 16.53 -0.04 -44.22
C ASN B 28 16.94 -0.73 -42.91
N ILE B 29 16.37 -1.91 -42.65
CA ILE B 29 16.67 -2.60 -41.41
C ILE B 29 18.14 -2.99 -41.32
N LYS B 30 18.84 -3.14 -42.45
CA LYS B 30 20.25 -3.47 -42.37
C LYS B 30 21.07 -2.36 -41.71
N ASP B 31 20.50 -1.16 -41.59
CA ASP B 31 21.22 -0.02 -41.03
C ASP B 31 21.01 0.17 -39.53
N THR B 32 20.29 -0.74 -38.87
CA THR B 32 20.08 -0.61 -37.44
C THR B 32 20.00 -2.02 -36.83
N TYR B 33 19.49 -2.10 -35.59
CA TYR B 33 19.17 -3.37 -34.96
C TYR B 33 17.66 -3.39 -34.74
N ILE B 34 17.05 -4.56 -34.97
CA ILE B 34 15.63 -4.76 -34.76
C ILE B 34 15.49 -5.62 -33.51
N HIS B 35 14.68 -5.14 -32.57
CA HIS B 35 14.44 -5.78 -31.29
C HIS B 35 12.99 -6.27 -31.20
N TRP B 36 12.81 -7.29 -30.38
CA TRP B 36 11.47 -7.78 -30.05
C TRP B 36 11.26 -7.70 -28.57
N VAL B 37 10.01 -7.37 -28.20
CA VAL B 37 9.57 -7.13 -26.84
C VAL B 37 8.24 -7.86 -26.64
N LYS B 38 8.09 -8.50 -25.49
CA LYS B 38 6.89 -9.27 -25.10
C LYS B 38 6.12 -8.50 -24.05
N GLN B 39 4.78 -8.55 -24.14
CA GLN B 39 3.95 -7.99 -23.09
C GLN B 39 2.79 -8.94 -22.82
N ARG B 40 2.85 -9.65 -21.70
CA ARG B 40 1.76 -10.58 -21.35
C ARG B 40 0.54 -9.78 -20.92
N PRO B 41 -0.64 -10.40 -20.98
CA PRO B 41 -1.88 -9.65 -20.66
C PRO B 41 -1.87 -9.07 -19.26
N GLU B 42 -2.12 -7.77 -19.16
CA GLU B 42 -2.08 -7.04 -17.90
C GLU B 42 -0.72 -7.13 -17.23
N GLN B 43 0.33 -7.33 -18.01
CA GLN B 43 1.67 -7.48 -17.46
C GLN B 43 2.61 -6.48 -18.11
N GLY B 44 3.86 -6.52 -17.67
CA GLY B 44 4.85 -5.58 -18.12
C GLY B 44 5.59 -6.03 -19.37
N LEU B 45 6.43 -5.13 -19.83
CA LEU B 45 7.27 -5.33 -21.01
C LEU B 45 8.50 -6.15 -20.66
N GLU B 46 8.87 -7.06 -21.58
CA GLU B 46 10.07 -7.86 -21.43
C GLU B 46 10.85 -7.86 -22.73
N TRP B 47 12.13 -7.49 -22.65
CA TRP B 47 13.00 -7.54 -23.82
C TRP B 47 13.34 -8.98 -24.17
N ILE B 48 13.12 -9.33 -25.44
CA ILE B 48 13.38 -10.68 -25.91
C ILE B 48 14.79 -10.82 -26.48
N GLY B 49 15.13 -9.96 -27.42
CA GLY B 49 16.41 -10.04 -28.09
C GLY B 49 16.42 -9.10 -29.27
N ARG B 50 17.52 -9.17 -30.03
CA ARG B 50 17.67 -8.31 -31.19
C ARG B 50 18.46 -9.03 -32.27
N ILE B 51 18.30 -8.53 -33.49
CA ILE B 51 19.15 -8.91 -34.62
C ILE B 51 19.78 -7.67 -35.25
N ASP B 52 20.98 -7.88 -35.79
CA ASP B 52 21.70 -6.98 -36.69
C ASP B 52 21.52 -7.52 -38.10
N PRO B 53 20.56 -7.02 -38.89
CA PRO B 53 20.30 -7.64 -40.20
C PRO B 53 21.46 -7.52 -41.16
N GLY B 54 22.41 -6.63 -40.88
CA GLY B 54 23.56 -6.47 -41.77
C GLY B 54 24.52 -7.63 -41.76
N ASP B 55 24.59 -8.38 -40.67
CA ASP B 55 25.44 -9.56 -40.63
C ASP B 55 24.81 -10.77 -39.97
N GLY B 56 23.53 -10.70 -39.60
CA GLY B 56 22.83 -11.81 -39.01
C GLY B 56 23.00 -11.98 -37.52
N ASP B 57 23.83 -11.19 -36.87
CA ASP B 57 24.18 -11.47 -35.48
C ASP B 57 23.00 -11.17 -34.57
N THR B 58 22.77 -12.03 -33.60
CA THR B 58 21.66 -11.91 -32.67
C THR B 58 22.15 -11.92 -31.23
N GLU B 59 21.31 -11.38 -30.36
CA GLU B 59 21.49 -11.45 -28.91
C GLU B 59 20.12 -11.67 -28.31
N TYR B 60 20.05 -12.50 -27.27
CA TYR B 60 18.81 -12.80 -26.60
C TYR B 60 18.93 -12.64 -25.09
N ASP B 61 17.82 -12.31 -24.45
CA ASP B 61 17.73 -12.47 -23.02
C ASP B 61 17.81 -13.97 -22.71
N PRO B 62 18.57 -14.36 -21.70
CA PRO B 62 18.70 -15.81 -21.40
C PRO B 62 17.38 -16.55 -21.25
N SER B 63 16.33 -15.88 -20.77
CA SER B 63 15.09 -16.61 -20.57
C SER B 63 14.40 -16.97 -21.88
N PHE B 64 14.78 -16.33 -22.98
CA PHE B 64 14.18 -16.62 -24.28
C PHE B 64 15.10 -17.38 -25.22
N GLN B 65 16.33 -17.68 -24.80
CA GLN B 65 17.22 -18.47 -25.64
C GLN B 65 16.57 -19.82 -25.94
N GLY B 66 16.51 -20.19 -27.20
CA GLY B 66 15.85 -21.43 -27.59
C GLY B 66 14.37 -21.28 -27.91
N LYS B 67 13.63 -20.63 -27.02
CA LYS B 67 12.23 -20.34 -27.29
C LYS B 67 12.09 -19.40 -28.50
N ALA B 68 12.94 -18.39 -28.57
CA ALA B 68 12.80 -17.36 -29.59
C ALA B 68 13.97 -17.43 -30.56
N THR B 69 13.67 -17.30 -31.84
CA THR B 69 14.68 -17.20 -32.88
C THR B 69 14.33 -15.99 -33.73
N ILE B 70 15.23 -15.01 -33.79
CA ILE B 70 15.02 -13.80 -34.58
C ILE B 70 15.83 -13.93 -35.87
N THR B 71 15.18 -13.64 -37.01
CA THR B 71 15.87 -13.64 -38.31
C THR B 71 15.46 -12.38 -39.07
N ALA B 72 16.12 -12.13 -40.20
CA ALA B 72 15.76 -10.99 -41.00
C ALA B 72 15.91 -11.34 -42.46
N ASP B 73 15.14 -10.64 -43.29
CA ASP B 73 15.21 -10.70 -44.76
C ASP B 73 15.42 -9.27 -45.22
N THR B 74 16.67 -8.89 -45.50
CA THR B 74 16.90 -7.50 -45.90
C THR B 74 16.28 -7.18 -47.24
N SER B 75 16.12 -8.17 -48.12
CA SER B 75 15.59 -7.88 -49.45
C SER B 75 14.17 -7.36 -49.36
N SER B 76 13.39 -7.88 -48.41
CA SER B 76 12.03 -7.41 -48.21
C SER B 76 11.90 -6.53 -46.98
N ASN B 77 13.02 -6.16 -46.37
CA ASN B 77 13.03 -5.22 -45.25
C ASN B 77 12.18 -5.72 -44.09
N THR B 78 12.28 -7.01 -43.80
CA THR B 78 11.40 -7.67 -42.85
C THR B 78 12.22 -8.43 -41.83
N ALA B 79 11.82 -8.32 -40.57
CA ALA B 79 12.38 -9.11 -39.50
C ALA B 79 11.33 -10.07 -38.98
N TYR B 80 11.79 -11.17 -38.42
CA TYR B 80 10.91 -12.24 -37.99
C TYR B 80 11.26 -12.68 -36.57
N LEU B 81 10.23 -13.09 -35.83
CA LEU B 81 10.38 -13.74 -34.54
C LEU B 81 9.66 -15.07 -34.60
N GLU B 82 10.43 -16.14 -34.47
CA GLU B 82 9.88 -17.47 -34.36
C GLU B 82 9.88 -17.92 -32.90
N LEU B 83 8.74 -18.37 -32.43
CA LEU B 83 8.57 -18.88 -31.09
C LEU B 83 8.22 -20.35 -31.20
N SER B 84 8.97 -21.20 -30.49
CA SER B 84 8.79 -22.63 -30.61
C SER B 84 8.22 -23.22 -29.32
N SER B 85 7.72 -24.45 -29.42
CA SER B 85 7.22 -25.23 -28.29
C SER B 85 6.30 -24.39 -27.41
N LEU B 86 5.23 -23.87 -28.02
CA LEU B 86 4.46 -22.85 -27.34
C LEU B 86 3.69 -23.40 -26.14
N THR B 87 3.60 -22.57 -25.10
CA THR B 87 2.76 -22.83 -23.95
C THR B 87 1.92 -21.61 -23.59
N SER B 88 1.03 -21.75 -22.61
CA SER B 88 0.19 -20.63 -22.23
C SER B 88 0.98 -19.42 -21.76
N GLU B 89 2.20 -19.62 -21.27
CA GLU B 89 3.04 -18.51 -20.83
C GLU B 89 3.50 -17.65 -22.01
N ASP B 90 3.35 -18.14 -23.23
CA ASP B 90 3.72 -17.39 -24.42
C ASP B 90 2.59 -16.54 -24.96
N THR B 91 1.38 -16.69 -24.42
CA THR B 91 0.29 -15.81 -24.81
C THR B 91 0.66 -14.39 -24.40
N ALA B 92 0.65 -13.49 -25.36
CA ALA B 92 1.17 -12.14 -25.14
C ALA B 92 1.03 -11.34 -26.41
N VAL B 93 1.20 -10.03 -26.28
CA VAL B 93 1.43 -9.17 -27.42
C VAL B 93 2.94 -9.02 -27.62
N TYR B 94 3.40 -9.23 -28.86
CA TYR B 94 4.80 -9.11 -29.23
C TYR B 94 4.96 -7.88 -30.08
N TYR B 95 5.95 -7.05 -29.73
CA TYR B 95 6.26 -5.85 -30.46
C TYR B 95 7.64 -5.93 -31.08
N CYS B 96 7.77 -5.39 -32.29
CA CYS B 96 9.06 -5.08 -32.88
C CYS B 96 9.39 -3.61 -32.67
N THR B 97 10.69 -3.33 -32.49
CA THR B 97 11.16 -1.96 -32.39
C THR B 97 12.55 -1.83 -33.02
N ARG B 98 12.95 -0.60 -33.25
CA ARG B 98 14.26 -0.23 -33.79
C ARG B 98 15.06 0.39 -32.67
N PHE B 99 16.34 -0.01 -32.56
CA PHE B 99 17.24 0.57 -31.57
C PHE B 99 18.68 0.19 -31.84
N TYR B 100 19.53 1.17 -32.16
CA TYR B 100 20.92 0.93 -32.44
C TYR B 100 21.64 1.16 -31.10
N ASP B 101 22.02 0.04 -30.47
CA ASP B 101 22.24 -0.03 -29.01
C ASP B 101 22.95 1.14 -28.33
N TYR B 102 24.12 1.50 -28.83
CA TYR B 102 25.03 2.45 -28.19
C TYR B 102 24.98 3.84 -28.80
N VAL B 103 23.97 4.11 -29.58
CA VAL B 103 23.81 5.39 -30.26
C VAL B 103 22.46 6.01 -29.97
N ASP B 104 21.37 5.25 -30.15
CA ASP B 104 20.03 5.84 -30.13
C ASP B 104 19.64 6.24 -28.70
N TYR B 105 18.67 7.15 -28.61
CA TYR B 105 18.29 7.67 -27.30
C TYR B 105 17.35 6.74 -26.53
N GLY B 106 16.60 5.89 -27.21
CA GLY B 106 15.61 5.00 -26.61
C GLY B 106 14.97 4.29 -27.78
N MET B 107 13.97 3.46 -27.47
CA MET B 107 13.26 2.75 -28.54
C MET B 107 12.17 3.67 -29.07
N ASP B 108 12.47 4.33 -30.21
CA ASP B 108 11.65 5.45 -30.69
C ASP B 108 10.49 5.00 -31.56
N TYR B 109 10.64 3.93 -32.33
CA TYR B 109 9.62 3.49 -33.24
C TYR B 109 9.28 2.05 -32.88
N TRP B 110 7.98 1.77 -32.76
CA TRP B 110 7.47 0.46 -32.42
C TRP B 110 6.42 0.06 -33.43
N GLY B 111 6.35 -1.25 -33.73
CA GLY B 111 5.20 -1.81 -34.41
C GLY B 111 3.97 -1.71 -33.57
N GLN B 112 2.86 -2.05 -34.22
CA GLN B 112 1.55 -1.99 -33.56
C GLN B 112 1.31 -3.16 -32.61
N GLY B 113 2.15 -4.17 -32.63
CA GLY B 113 1.97 -5.35 -31.82
C GLY B 113 1.27 -6.45 -32.59
N THR B 114 1.61 -7.69 -32.22
CA THR B 114 0.93 -8.88 -32.70
C THR B 114 0.53 -9.71 -31.50
N SER B 115 -0.78 -10.01 -31.39
CA SER B 115 -1.33 -10.85 -30.35
C SER B 115 -1.17 -12.32 -30.72
N VAL B 116 -0.55 -13.08 -29.83
CA VAL B 116 -0.42 -14.53 -29.90
C VAL B 116 -1.21 -15.12 -28.74
N THR B 117 -2.11 -16.04 -29.04
CA THR B 117 -2.90 -16.75 -28.04
C THR B 117 -2.61 -18.24 -28.20
N VAL B 118 -2.21 -18.89 -27.11
CA VAL B 118 -1.90 -20.30 -27.13
C VAL B 118 -2.98 -21.01 -26.32
N SER B 119 -3.72 -21.93 -26.96
CA SER B 119 -4.86 -22.54 -26.27
C SER B 119 -5.21 -23.83 -26.99
N SER B 120 -5.73 -24.79 -26.23
CA SER B 120 -6.29 -26.01 -26.79
C SER B 120 -7.80 -25.95 -26.94
N ALA B 121 -8.42 -24.81 -26.65
CA ALA B 121 -9.87 -24.68 -26.80
C ALA B 121 -10.25 -24.62 -28.27
N LYS B 122 -11.48 -25.00 -28.55
CA LYS B 122 -12.01 -24.99 -29.90
C LYS B 122 -12.89 -23.77 -30.14
N THR B 123 -12.86 -23.28 -31.36
CA THR B 123 -13.78 -22.19 -31.72
C THR B 123 -15.22 -22.62 -31.47
N THR B 124 -15.94 -21.79 -30.70
CA THR B 124 -17.27 -22.07 -30.18
C THR B 124 -18.05 -20.76 -30.23
N PRO B 125 -19.23 -20.74 -30.84
CA PRO B 125 -20.04 -19.50 -30.85
C PRO B 125 -20.71 -19.27 -29.51
N PRO B 126 -21.03 -18.03 -29.20
CA PRO B 126 -21.69 -17.73 -27.93
C PRO B 126 -23.16 -18.06 -27.94
N SER B 127 -23.65 -18.29 -26.74
CA SER B 127 -25.08 -18.20 -26.46
C SER B 127 -25.35 -16.77 -26.03
N VAL B 128 -26.49 -16.22 -26.43
CA VAL B 128 -26.82 -14.84 -26.15
C VAL B 128 -28.16 -14.80 -25.44
N TYR B 129 -28.16 -14.28 -24.21
CA TYR B 129 -29.36 -14.27 -23.40
C TYR B 129 -29.73 -12.86 -22.99
N PRO B 130 -31.02 -12.55 -22.95
CA PRO B 130 -31.43 -11.21 -22.56
C PRO B 130 -31.44 -11.07 -21.06
N LEU B 131 -31.14 -9.87 -20.61
CA LEU B 131 -31.19 -9.49 -19.19
C LEU B 131 -32.29 -8.41 -19.08
N ALA B 132 -33.47 -8.82 -18.61
CA ALA B 132 -34.58 -7.90 -18.38
C ALA B 132 -34.90 -7.90 -16.89
N PRO B 133 -35.32 -6.77 -16.36
CA PRO B 133 -35.62 -6.71 -14.92
C PRO B 133 -36.84 -7.54 -14.58
N GLY B 134 -36.89 -7.99 -13.33
CA GLY B 134 -38.01 -8.78 -12.84
C GLY B 134 -39.25 -7.95 -12.56
N ASN B 140 -37.12 6.52 -9.38
CA ASN B 140 -37.67 5.39 -10.10
C ASN B 140 -38.20 5.78 -11.48
N SER B 141 -37.35 6.00 -12.51
CA SER B 141 -35.87 6.09 -12.52
C SER B 141 -35.49 5.69 -13.98
N MET B 142 -34.20 5.59 -14.27
CA MET B 142 -33.76 4.99 -15.53
C MET B 142 -33.74 3.47 -15.39
N VAL B 143 -33.91 2.78 -16.52
CA VAL B 143 -33.97 1.33 -16.56
C VAL B 143 -32.69 0.79 -17.14
N THR B 144 -32.13 -0.24 -16.51
CA THR B 144 -30.91 -0.91 -16.98
C THR B 144 -31.31 -2.27 -17.51
N LEU B 145 -30.88 -2.55 -18.74
CA LEU B 145 -31.08 -3.80 -19.44
C LEU B 145 -29.71 -4.39 -19.76
N GLY B 146 -29.69 -5.62 -20.19
CA GLY B 146 -28.40 -6.19 -20.53
C GLY B 146 -28.51 -7.36 -21.47
N CYS B 147 -27.33 -7.87 -21.84
CA CYS B 147 -27.17 -9.07 -22.67
C CYS B 147 -26.03 -9.87 -22.07
N LEU B 148 -26.23 -11.16 -21.92
CA LEU B 148 -25.25 -12.12 -21.42
C LEU B 148 -24.77 -12.94 -22.61
N VAL B 149 -23.48 -12.92 -22.85
CA VAL B 149 -22.84 -13.55 -24.00
C VAL B 149 -21.96 -14.65 -23.42
N LYS B 150 -22.38 -15.88 -23.51
CA LYS B 150 -21.82 -16.96 -22.71
C LYS B 150 -21.25 -18.08 -23.56
N GLY B 151 -20.07 -18.56 -23.16
CA GLY B 151 -19.55 -19.78 -23.66
C GLY B 151 -18.94 -19.73 -25.05
N TYR B 152 -18.11 -18.75 -25.33
CA TYR B 152 -17.52 -18.61 -26.65
C TYR B 152 -16.00 -18.68 -26.59
N PHE B 153 -15.41 -18.93 -27.78
CA PHE B 153 -13.97 -18.92 -27.92
C PHE B 153 -13.69 -18.77 -29.40
N PRO B 154 -12.65 -18.04 -29.80
CA PRO B 154 -11.77 -17.21 -28.99
C PRO B 154 -12.38 -15.83 -28.77
N GLU B 155 -11.68 -14.97 -28.06
CA GLU B 155 -12.02 -13.56 -28.04
C GLU B 155 -11.71 -12.96 -29.41
N PRO B 156 -12.34 -11.83 -29.76
CA PRO B 156 -13.35 -11.09 -29.01
C PRO B 156 -14.78 -11.25 -29.53
N VAL B 157 -15.70 -10.74 -28.74
CA VAL B 157 -17.05 -10.44 -29.20
C VAL B 157 -17.22 -8.93 -29.10
N THR B 158 -18.09 -8.40 -29.95
CA THR B 158 -18.49 -7.02 -29.84
C THR B 158 -20.00 -6.99 -29.56
N VAL B 159 -20.44 -5.99 -28.81
CA VAL B 159 -21.84 -5.80 -28.50
C VAL B 159 -22.20 -4.36 -28.78
N THR B 160 -23.25 -4.15 -29.57
CA THR B 160 -23.83 -2.82 -29.73
C THR B 160 -25.30 -2.92 -29.35
N TRP B 161 -25.96 -1.77 -29.26
CA TRP B 161 -27.36 -1.66 -28.87
C TRP B 161 -28.08 -0.85 -29.94
N ASN B 162 -29.16 -1.43 -30.48
CA ASN B 162 -29.90 -0.81 -31.58
C ASN B 162 -28.98 -0.37 -32.70
N SER B 163 -28.02 -1.23 -33.04
CA SER B 163 -27.07 -1.00 -34.12
C SER B 163 -26.30 0.30 -33.96
N GLY B 164 -26.05 0.71 -32.72
CA GLY B 164 -25.36 1.94 -32.41
C GLY B 164 -26.25 3.13 -32.11
N SER B 165 -27.56 3.02 -32.33
CA SER B 165 -28.45 4.14 -32.01
C SER B 165 -28.45 4.44 -30.51
N LEU B 166 -28.20 3.44 -29.69
CA LEU B 166 -28.07 3.63 -28.24
C LEU B 166 -26.58 3.51 -27.92
N SER B 167 -25.93 4.65 -27.71
CA SER B 167 -24.51 4.69 -27.46
C SER B 167 -24.16 5.16 -26.06
N SER B 168 -24.98 6.04 -25.47
CA SER B 168 -24.73 6.54 -24.15
C SER B 168 -25.24 5.53 -23.13
N GLY B 169 -24.60 5.50 -21.96
CA GLY B 169 -25.07 4.61 -20.92
C GLY B 169 -24.84 3.14 -21.19
N VAL B 170 -23.88 2.82 -22.05
CA VAL B 170 -23.53 1.45 -22.38
C VAL B 170 -22.24 1.09 -21.66
N HIS B 171 -22.23 -0.09 -21.04
CA HIS B 171 -21.02 -0.65 -20.46
C HIS B 171 -20.89 -2.07 -20.95
N THR B 172 -19.76 -2.41 -21.54
CA THR B 172 -19.48 -3.80 -21.91
C THR B 172 -18.31 -4.27 -21.06
N PHE B 173 -18.52 -5.30 -20.34
CA PHE B 173 -17.60 -5.82 -19.34
C PHE B 173 -16.56 -6.73 -19.99
N PRO B 174 -15.32 -6.72 -19.51
CA PRO B 174 -14.32 -7.62 -20.09
C PRO B 174 -14.68 -9.08 -19.88
N ALA B 175 -14.34 -9.89 -20.88
CA ALA B 175 -14.61 -11.31 -20.81
C ALA B 175 -13.81 -11.96 -19.72
N VAL B 176 -14.42 -12.96 -19.10
CA VAL B 176 -13.78 -13.82 -18.13
C VAL B 176 -13.95 -15.27 -18.56
N LEU B 177 -12.99 -16.09 -18.16
CA LEU B 177 -13.05 -17.51 -18.40
C LEU B 177 -13.92 -18.19 -17.36
N GLN B 178 -14.83 -19.02 -17.83
CA GLN B 178 -15.74 -19.80 -17.02
C GLN B 178 -15.87 -21.14 -17.72
N SER B 179 -15.44 -22.21 -17.07
CA SER B 179 -15.41 -23.54 -17.68
C SER B 179 -14.63 -23.54 -18.99
N ASP B 180 -13.50 -22.83 -19.00
CA ASP B 180 -12.55 -22.80 -20.12
C ASP B 180 -13.14 -22.20 -21.40
N LEU B 181 -14.21 -21.42 -21.29
CA LEU B 181 -14.77 -20.64 -22.37
C LEU B 181 -14.96 -19.24 -21.84
N TYR B 182 -15.15 -18.27 -22.73
CA TYR B 182 -15.34 -16.90 -22.32
C TYR B 182 -16.82 -16.55 -22.12
N THR B 183 -17.07 -15.66 -21.17
CA THR B 183 -18.36 -15.06 -20.94
C THR B 183 -18.20 -13.58 -20.69
N LEU B 184 -19.07 -12.78 -21.27
CA LEU B 184 -19.15 -11.38 -20.92
C LEU B 184 -20.58 -10.95 -20.90
N SER B 185 -20.80 -9.73 -20.41
CA SER B 185 -22.12 -9.11 -20.46
C SER B 185 -21.98 -7.66 -20.88
N SER B 186 -23.06 -7.08 -21.33
CA SER B 186 -23.16 -5.68 -21.67
C SER B 186 -24.41 -5.13 -21.03
N SER B 187 -24.33 -3.92 -20.54
CA SER B 187 -25.49 -3.24 -19.97
C SER B 187 -25.75 -1.95 -20.72
N VAL B 188 -27.01 -1.59 -20.82
CA VAL B 188 -27.45 -0.30 -21.34
C VAL B 188 -28.47 0.28 -20.41
N THR B 189 -28.37 1.57 -20.17
CA THR B 189 -29.30 2.29 -19.32
C THR B 189 -30.03 3.33 -20.15
N VAL B 190 -31.36 3.23 -20.15
CA VAL B 190 -32.21 4.11 -20.96
C VAL B 190 -33.32 4.67 -20.06
N PRO B 191 -33.96 5.74 -20.50
CA PRO B 191 -35.09 6.25 -19.73
C PRO B 191 -36.23 5.24 -19.67
N SER B 192 -36.98 5.26 -18.56
CA SER B 192 -38.13 4.35 -18.47
C SER B 192 -39.18 4.70 -19.50
N SER B 193 -39.19 5.94 -20.00
CA SER B 193 -40.10 6.30 -21.10
C SER B 193 -39.66 5.74 -22.44
N THR B 194 -38.42 5.22 -22.54
CA THR B 194 -37.95 4.65 -23.79
C THR B 194 -38.22 3.16 -23.92
N TRP B 195 -38.06 2.39 -22.84
CA TRP B 195 -38.27 0.95 -22.91
C TRP B 195 -39.25 0.57 -21.82
N PRO B 196 -40.22 -0.31 -22.10
CA PRO B 196 -40.40 -1.05 -23.34
C PRO B 196 -41.23 -0.40 -24.45
N SER B 197 -41.49 0.90 -24.37
CA SER B 197 -42.25 1.59 -25.43
C SER B 197 -41.59 1.42 -26.79
N GLU B 198 -40.26 1.50 -26.83
CA GLU B 198 -39.49 1.31 -28.04
C GLU B 198 -38.70 0.01 -27.91
N THR B 199 -38.35 -0.58 -29.04
CA THR B 199 -37.56 -1.80 -28.99
C THR B 199 -36.11 -1.48 -28.65
N VAL B 200 -35.53 -2.36 -27.84
CA VAL B 200 -34.12 -2.33 -27.49
C VAL B 200 -33.57 -3.71 -27.79
N THR B 201 -32.52 -3.77 -28.64
CA THR B 201 -31.97 -5.03 -29.11
C THR B 201 -30.47 -4.97 -28.92
N CYS B 202 -29.89 -6.04 -28.42
CA CYS B 202 -28.44 -6.12 -28.38
C CYS B 202 -27.96 -6.86 -29.62
N ASN B 203 -26.90 -6.33 -30.22
CA ASN B 203 -26.36 -6.89 -31.45
C ASN B 203 -24.99 -7.45 -31.11
N VAL B 204 -24.84 -8.74 -31.19
CA VAL B 204 -23.63 -9.45 -30.78
C VAL B 204 -22.94 -9.99 -32.02
N ALA B 205 -21.64 -9.77 -32.13
CA ALA B 205 -20.87 -10.32 -33.23
C ALA B 205 -19.68 -11.09 -32.67
N HIS B 206 -19.48 -12.30 -33.17
CA HIS B 206 -18.33 -13.14 -32.82
C HIS B 206 -17.73 -13.52 -34.16
N PRO B 207 -16.83 -12.69 -34.68
CA PRO B 207 -16.33 -12.97 -36.06
C PRO B 207 -15.59 -14.28 -36.22
N ALA B 208 -14.93 -14.79 -35.17
CA ALA B 208 -14.21 -16.04 -35.31
C ALA B 208 -15.11 -17.21 -35.65
N SER B 209 -16.38 -17.16 -35.29
CA SER B 209 -17.35 -18.22 -35.59
C SER B 209 -18.34 -17.79 -36.65
N SER B 210 -18.14 -16.62 -37.26
CA SER B 210 -19.06 -16.06 -38.24
C SER B 210 -20.46 -15.88 -37.66
N THR B 211 -20.55 -15.49 -36.40
CA THR B 211 -21.81 -15.36 -35.68
C THR B 211 -22.20 -13.90 -35.55
N LYS B 212 -23.45 -13.61 -35.91
CA LYS B 212 -24.09 -12.32 -35.64
C LYS B 212 -25.47 -12.66 -35.10
N VAL B 213 -25.78 -12.15 -33.91
CA VAL B 213 -27.03 -12.43 -33.22
C VAL B 213 -27.65 -11.10 -32.80
N ASP B 214 -28.93 -10.92 -33.09
CA ASP B 214 -29.71 -9.81 -32.55
C ASP B 214 -30.66 -10.42 -31.54
N LYS B 215 -30.67 -9.86 -30.33
CA LYS B 215 -31.57 -10.31 -29.30
C LYS B 215 -32.37 -9.13 -28.78
N LYS B 216 -33.69 -9.16 -29.03
CA LYS B 216 -34.57 -8.12 -28.50
C LYS B 216 -34.77 -8.37 -27.02
N ILE B 217 -34.72 -7.32 -26.22
CA ILE B 217 -34.96 -7.39 -24.79
C ILE B 217 -36.46 -7.17 -24.56
N GLU B 218 -37.17 -8.20 -24.17
CA GLU B 218 -38.60 -8.11 -23.97
C GLU B 218 -38.91 -8.11 -22.49
N PRO B 219 -39.91 -7.35 -22.05
CA PRO B 219 -40.27 -7.35 -20.63
C PRO B 219 -40.71 -8.73 -20.17
N ARG B 220 -40.43 -9.03 -18.91
CA ARG B 220 -40.81 -10.33 -18.35
C ARG B 220 -42.30 -10.39 -18.05
N ASP C 1 23.98 -7.53 -15.05
CA ASP C 1 22.53 -7.29 -15.36
C ASP C 1 21.96 -6.34 -14.32
N ILE C 2 20.92 -5.62 -14.72
CA ILE C 2 20.26 -4.63 -13.87
C ILE C 2 18.78 -4.97 -13.85
N GLN C 3 18.20 -5.03 -12.65
CA GLN C 3 16.75 -5.18 -12.49
C GLN C 3 16.14 -3.81 -12.20
N MET C 4 14.95 -3.57 -12.77
CA MET C 4 14.25 -2.30 -12.65
C MET C 4 12.91 -2.47 -11.93
N THR C 5 12.63 -1.60 -10.94
CA THR C 5 11.33 -1.61 -10.29
C THR C 5 10.74 -0.21 -10.31
N GLN C 6 9.42 -0.12 -10.32
CA GLN C 6 8.71 1.14 -10.33
C GLN C 6 7.76 1.27 -9.15
N SER C 7 7.50 2.51 -8.73
CA SER C 7 6.55 2.81 -7.65
C SER C 7 5.86 4.13 -7.97
N PRO C 8 4.56 4.26 -7.67
CA PRO C 8 3.69 3.20 -7.16
C PRO C 8 3.23 2.28 -8.31
N ALA C 9 2.68 1.12 -7.99
CA ALA C 9 2.11 0.28 -9.02
C ALA C 9 0.94 0.98 -9.72
N SER C 10 0.15 1.74 -8.96
CA SER C 10 -0.96 2.50 -9.50
C SER C 10 -1.15 3.76 -8.68
N LEU C 11 -1.66 4.78 -9.34
CA LEU C 11 -1.86 6.08 -8.73
C LEU C 11 -3.07 6.73 -9.37
N SER C 12 -3.90 7.37 -8.57
CA SER C 12 -5.01 8.17 -9.07
C SER C 12 -4.71 9.64 -8.82
N ALA C 13 -4.94 10.47 -9.83
CA ALA C 13 -4.73 11.89 -9.65
C ALA C 13 -5.73 12.67 -10.47
N SER C 14 -5.98 13.90 -10.02
CA SER C 14 -6.95 14.74 -10.70
C SER C 14 -6.30 15.51 -11.83
N VAL C 15 -7.11 15.79 -12.86
CA VAL C 15 -6.64 16.67 -13.92
C VAL C 15 -6.22 17.99 -13.29
N GLY C 16 -5.09 18.52 -13.75
CA GLY C 16 -4.51 19.72 -13.17
C GLY C 16 -3.56 19.48 -12.01
N GLU C 17 -3.54 18.29 -11.43
CA GLU C 17 -2.65 17.96 -10.33
C GLU C 17 -1.25 17.60 -10.87
N THR C 18 -0.29 17.55 -9.96
CA THR C 18 1.08 17.17 -10.29
C THR C 18 1.41 15.86 -9.59
N VAL C 19 2.03 14.92 -10.31
CA VAL C 19 2.36 13.63 -9.75
C VAL C 19 3.82 13.31 -10.02
N THR C 20 4.37 12.45 -9.17
CA THR C 20 5.72 11.95 -9.34
C THR C 20 5.71 10.44 -9.25
N ILE C 21 6.32 9.79 -10.25
CA ILE C 21 6.47 8.34 -10.20
C ILE C 21 7.96 8.03 -10.22
N THR C 22 8.32 6.88 -9.67
CA THR C 22 9.69 6.52 -9.38
C THR C 22 10.09 5.23 -10.08
N CYS C 23 11.37 5.19 -10.48
CA CYS C 23 12.00 4.00 -11.05
C CYS C 23 13.26 3.76 -10.23
N ARG C 24 13.49 2.52 -9.83
CA ARG C 24 14.68 2.18 -9.08
C ARG C 24 15.41 1.05 -9.80
N ALA C 25 16.71 1.24 -10.02
CA ALA C 25 17.56 0.23 -10.61
C ALA C 25 18.28 -0.52 -9.51
N SER C 26 18.58 -1.80 -9.76
CA SER C 26 19.25 -2.60 -8.76
C SER C 26 20.71 -2.20 -8.59
N GLY C 27 21.28 -1.50 -9.55
CA GLY C 27 22.64 -0.98 -9.49
C GLY C 27 22.69 0.34 -10.23
N ASN C 28 23.83 1.02 -10.11
CA ASN C 28 23.96 2.38 -10.63
C ASN C 28 23.95 2.31 -12.15
N ILE C 29 23.05 3.05 -12.78
CA ILE C 29 22.90 3.03 -14.23
C ILE C 29 23.30 4.35 -14.86
N HIS C 30 23.81 5.29 -14.04
CA HIS C 30 24.52 6.47 -14.57
C HIS C 30 23.68 7.27 -15.56
N ASN C 31 22.39 7.37 -15.29
CA ASN C 31 21.46 8.18 -16.06
C ASN C 31 21.12 7.56 -17.43
N TYR C 32 21.49 6.31 -17.67
CA TYR C 32 21.17 5.64 -18.94
C TYR C 32 19.78 5.03 -18.79
N LEU C 33 18.77 5.90 -18.84
CA LEU C 33 17.41 5.53 -18.46
C LEU C 33 16.41 6.23 -19.38
N ALA C 34 15.47 5.48 -19.89
CA ALA C 34 14.38 6.01 -20.68
C ALA C 34 13.03 5.76 -19.98
N TRP C 35 12.09 6.67 -20.24
CA TRP C 35 10.71 6.51 -19.82
C TRP C 35 9.83 6.44 -21.05
N TYR C 36 8.77 5.62 -20.96
CA TYR C 36 7.77 5.43 -22.00
C TYR C 36 6.37 5.59 -21.41
N GLN C 37 5.45 6.06 -22.25
CA GLN C 37 4.02 6.07 -21.97
C GLN C 37 3.35 5.04 -22.86
N GLN C 38 2.39 4.32 -22.31
CA GLN C 38 1.59 3.37 -23.09
C GLN C 38 0.13 3.55 -22.78
N LYS C 39 -0.63 3.92 -23.80
CA LYS C 39 -2.08 4.01 -23.68
C LYS C 39 -2.68 2.63 -23.95
N GLN C 40 -3.82 2.37 -23.34
CA GLN C 40 -4.46 1.06 -23.48
C GLN C 40 -4.57 0.66 -24.94
N GLY C 41 -4.09 -0.54 -25.26
CA GLY C 41 -4.20 -1.09 -26.59
C GLY C 41 -3.22 -0.55 -27.62
N LYS C 42 -2.34 0.38 -27.26
CA LYS C 42 -1.37 0.96 -28.19
C LYS C 42 0.03 0.53 -27.77
N SER C 43 1.00 0.80 -28.67
CA SER C 43 2.39 0.52 -28.37
C SER C 43 2.96 1.61 -27.46
N PRO C 44 4.02 1.30 -26.73
CA PRO C 44 4.69 2.34 -25.95
C PRO C 44 5.26 3.42 -26.85
N GLN C 45 5.38 4.61 -26.28
CA GLN C 45 6.02 5.75 -26.94
C GLN C 45 7.08 6.33 -26.01
N LEU C 46 8.24 6.68 -26.58
CA LEU C 46 9.33 7.23 -25.80
C LEU C 46 9.00 8.66 -25.35
N LEU C 47 9.20 8.91 -24.05
CA LEU C 47 8.92 10.21 -23.44
C LEU C 47 10.20 10.96 -23.08
N VAL C 48 11.12 10.30 -22.40
CA VAL C 48 12.31 10.92 -21.82
C VAL C 48 13.45 9.95 -22.04
N TYR C 49 14.64 10.49 -22.32
CA TYR C 49 15.84 9.68 -22.43
C TYR C 49 16.96 10.35 -21.67
N ASN C 50 18.00 9.58 -21.38
CA ASN C 50 19.12 10.05 -20.55
C ASN C 50 18.61 10.62 -19.23
N ALA C 51 17.53 10.02 -18.71
CA ALA C 51 16.91 10.35 -17.44
C ALA C 51 16.16 11.68 -17.44
N LYS C 52 16.62 12.67 -18.18
CA LYS C 52 16.10 14.04 -18.01
C LYS C 52 15.81 14.77 -19.32
N THR C 53 16.10 14.20 -20.47
CA THR C 53 15.93 14.90 -21.74
C THR C 53 14.62 14.46 -22.39
N LEU C 54 13.76 15.42 -22.71
CA LEU C 54 12.49 15.07 -23.32
C LEU C 54 12.69 14.68 -24.77
N ALA C 55 12.01 13.62 -25.20
CA ALA C 55 12.02 13.21 -26.58
C ALA C 55 11.26 14.23 -27.43
N ASP C 56 11.51 14.18 -28.73
CA ASP C 56 10.83 15.09 -29.63
C ASP C 56 9.33 14.83 -29.57
N GLY C 57 8.56 15.91 -29.50
CA GLY C 57 7.12 15.79 -29.52
C GLY C 57 6.50 15.47 -28.20
N VAL C 58 7.20 15.71 -27.10
CA VAL C 58 6.70 15.46 -25.75
C VAL C 58 6.48 16.80 -25.06
N PRO C 59 5.34 17.00 -24.42
CA PRO C 59 5.12 18.27 -23.72
C PRO C 59 6.06 18.50 -22.55
N SER C 60 6.42 19.77 -22.33
CA SER C 60 7.34 20.15 -21.27
C SER C 60 6.75 19.99 -19.86
N ARG C 61 5.49 19.62 -19.72
CA ARG C 61 4.98 19.34 -18.39
C ARG C 61 5.56 18.04 -17.83
N PHE C 62 6.15 17.20 -18.69
CA PHE C 62 6.92 16.05 -18.24
C PHE C 62 8.33 16.49 -17.90
N SER C 63 8.82 16.00 -16.77
CA SER C 63 10.20 16.22 -16.41
C SER C 63 10.80 14.99 -15.76
N GLY C 64 12.01 14.65 -16.16
CA GLY C 64 12.73 13.52 -15.60
C GLY C 64 13.87 14.01 -14.78
N SER C 65 14.13 13.32 -13.66
CA SER C 65 15.29 13.63 -12.82
C SER C 65 15.80 12.37 -12.15
N GLY C 66 16.90 12.52 -11.43
CA GLY C 66 17.43 11.44 -10.64
C GLY C 66 18.88 11.18 -10.95
N SER C 67 19.43 10.17 -10.27
CA SER C 67 20.82 9.81 -10.39
C SER C 67 20.99 8.42 -9.79
N GLY C 68 22.09 7.78 -10.16
CA GLY C 68 22.47 6.54 -9.53
C GLY C 68 21.46 5.44 -9.79
N THR C 69 20.77 5.04 -8.71
CA THR C 69 19.76 4.00 -8.79
C THR C 69 18.33 4.50 -8.73
N GLN C 70 18.09 5.80 -8.52
CA GLN C 70 16.73 6.26 -8.28
C GLN C 70 16.39 7.41 -9.21
N TYR C 71 15.32 7.23 -9.97
CA TYR C 71 14.91 8.16 -11.00
C TYR C 71 13.44 8.49 -10.83
N SER C 72 13.08 9.69 -11.24
CA SER C 72 11.72 10.17 -11.10
C SER C 72 11.22 10.75 -12.40
N LEU C 73 9.93 10.52 -12.68
CA LEU C 73 9.21 11.20 -13.75
C LEU C 73 8.14 12.04 -13.09
N LYS C 74 8.18 13.35 -13.31
CA LYS C 74 7.18 14.27 -12.76
C LYS C 74 6.30 14.77 -13.89
N ILE C 75 4.99 14.80 -13.66
CA ILE C 75 4.07 15.35 -14.62
C ILE C 75 3.39 16.54 -13.95
N ASN C 76 3.64 17.73 -14.47
CA ASN C 76 2.99 18.94 -13.97
C ASN C 76 1.66 19.15 -14.68
N SER C 77 0.65 19.52 -13.91
CA SER C 77 -0.63 19.95 -14.45
C SER C 77 -1.22 18.89 -15.40
N LEU C 78 -1.50 17.73 -14.82
CA LEU C 78 -1.99 16.59 -15.60
C LEU C 78 -3.10 16.99 -16.54
N GLN C 79 -3.07 16.42 -17.74
CA GLN C 79 -4.10 16.58 -18.76
C GLN C 79 -4.71 15.22 -19.06
N PRO C 80 -5.93 15.18 -19.61
CA PRO C 80 -6.57 13.88 -19.83
C PRO C 80 -5.76 12.91 -20.66
N GLU C 81 -4.98 13.39 -21.62
CA GLU C 81 -4.21 12.49 -22.47
C GLU C 81 -3.04 11.85 -21.73
N ASP C 82 -2.77 12.25 -20.49
CA ASP C 82 -1.63 11.73 -19.75
C ASP C 82 -1.95 10.44 -19.00
N PHE C 83 -3.21 10.09 -18.87
CA PHE C 83 -3.56 8.90 -18.11
C PHE C 83 -3.33 7.67 -18.96
N GLY C 84 -2.70 6.68 -18.32
CA GLY C 84 -2.17 5.51 -19.02
C GLY C 84 -1.07 4.89 -18.17
N SER C 85 -0.26 4.06 -18.81
CA SER C 85 0.79 3.39 -18.09
C SER C 85 2.15 3.97 -18.48
N TYR C 86 3.06 3.93 -17.53
CA TYR C 86 4.40 4.46 -17.73
C TYR C 86 5.41 3.40 -17.36
N TYR C 87 6.47 3.28 -18.17
CA TYR C 87 7.50 2.28 -17.97
C TYR C 87 8.85 2.93 -18.06
N CYS C 88 9.80 2.46 -17.27
CA CYS C 88 11.20 2.84 -17.45
C CYS C 88 12.00 1.68 -18.03
N GLN C 89 13.17 2.01 -18.61
CA GLN C 89 14.04 1.02 -19.22
C GLN C 89 15.46 1.55 -19.08
N HIS C 90 16.40 0.69 -18.75
CA HIS C 90 17.79 1.12 -18.67
C HIS C 90 18.56 0.70 -19.92
N PHE C 91 19.63 1.42 -20.21
CA PHE C 91 20.55 1.15 -21.31
C PHE C 91 21.99 1.12 -20.83
N TRP C 92 22.20 0.66 -19.61
CA TRP C 92 23.54 0.66 -19.01
C TRP C 92 24.29 -0.60 -19.36
N SER C 93 25.51 -0.42 -19.89
CA SER C 93 26.48 -1.48 -20.17
C SER C 93 26.09 -2.37 -21.34
N THR C 94 25.37 -3.45 -21.10
CA THR C 94 25.05 -4.43 -22.12
C THR C 94 23.65 -4.96 -21.88
N PRO C 95 23.02 -5.52 -22.89
CA PRO C 95 21.69 -6.13 -22.71
C PRO C 95 21.75 -7.22 -21.65
N PRO C 96 20.61 -7.63 -21.09
CA PRO C 96 19.27 -7.19 -21.53
C PRO C 96 18.93 -5.74 -21.17
N TRP C 97 18.19 -5.06 -22.06
CA TRP C 97 17.72 -3.70 -21.81
C TRP C 97 16.38 -3.78 -21.09
N THR C 98 16.45 -4.02 -19.79
CA THR C 98 15.29 -4.42 -19.02
C THR C 98 14.36 -3.25 -18.70
N PHE C 99 13.06 -3.52 -18.70
CA PHE C 99 12.04 -2.56 -18.34
C PHE C 99 11.58 -2.73 -16.88
N GLY C 100 11.14 -1.64 -16.27
CA GLY C 100 10.42 -1.73 -15.02
C GLY C 100 9.05 -2.32 -15.21
N GLY C 101 8.38 -2.58 -14.07
CA GLY C 101 7.10 -3.27 -14.10
C GLY C 101 5.92 -2.42 -14.49
N GLY C 102 6.09 -1.11 -14.52
CA GLY C 102 5.06 -0.20 -14.93
C GLY C 102 4.33 0.45 -13.77
N THR C 103 3.81 1.64 -14.03
CA THR C 103 2.93 2.37 -13.13
C THR C 103 1.71 2.80 -13.92
N LYS C 104 0.52 2.47 -13.42
CA LYS C 104 -0.74 2.86 -14.06
C LYS C 104 -1.28 4.13 -13.41
N LEU C 105 -1.47 5.17 -14.21
CA LEU C 105 -2.01 6.44 -13.73
C LEU C 105 -3.46 6.55 -14.14
N GLU C 106 -4.34 6.67 -13.15
CA GLU C 106 -5.77 6.72 -13.35
C GLU C 106 -6.31 8.07 -12.88
N VAL C 107 -7.56 8.38 -13.24
CA VAL C 107 -8.13 9.68 -12.95
C VAL C 107 -8.82 9.63 -11.60
N LYS C 108 -8.55 10.62 -10.77
CA LYS C 108 -9.25 10.77 -9.52
C LYS C 108 -10.44 11.69 -9.70
N ARG C 109 -11.57 11.28 -9.11
CA ARG C 109 -12.78 12.08 -9.16
C ARG C 109 -13.50 11.91 -7.84
N ALA C 110 -14.65 12.57 -7.72
CA ALA C 110 -15.43 12.49 -6.50
C ALA C 110 -15.98 11.08 -6.32
N ASP C 111 -16.07 10.66 -5.07
CA ASP C 111 -16.64 9.34 -4.79
C ASP C 111 -18.09 9.26 -5.25
N ALA C 112 -18.49 8.06 -5.65
CA ALA C 112 -19.83 7.83 -6.13
C ALA C 112 -20.25 6.41 -5.79
N ALA C 113 -21.48 6.27 -5.28
CA ALA C 113 -21.97 4.95 -4.95
C ALA C 113 -22.47 4.22 -6.21
N PRO C 114 -22.39 2.89 -6.22
CA PRO C 114 -22.85 2.16 -7.41
C PRO C 114 -24.36 2.21 -7.57
N THR C 115 -24.78 2.10 -8.81
CA THR C 115 -26.16 1.83 -9.14
C THR C 115 -26.28 0.32 -9.37
N VAL C 116 -27.09 -0.36 -8.58
CA VAL C 116 -27.10 -1.82 -8.57
C VAL C 116 -28.38 -2.31 -9.24
N SER C 117 -28.22 -3.28 -10.13
CA SER C 117 -29.33 -3.93 -10.80
C SER C 117 -29.11 -5.44 -10.79
N ILE C 118 -30.17 -6.20 -10.53
CA ILE C 118 -30.12 -7.67 -10.51
C ILE C 118 -31.05 -8.23 -11.59
N PHE C 119 -30.65 -9.33 -12.21
CA PHE C 119 -31.41 -9.91 -13.29
C PHE C 119 -31.53 -11.41 -13.09
N PRO C 120 -32.74 -11.94 -13.14
CA PRO C 120 -32.93 -13.40 -13.10
C PRO C 120 -32.51 -14.03 -14.41
N PRO C 121 -32.32 -15.36 -14.41
CA PRO C 121 -32.08 -16.07 -15.66
C PRO C 121 -33.20 -15.83 -16.66
N SER C 122 -32.82 -15.77 -17.91
CA SER C 122 -33.80 -15.70 -18.97
C SER C 122 -34.48 -17.05 -19.17
N SER C 123 -35.72 -16.98 -19.67
CA SER C 123 -36.41 -18.23 -19.98
C SER C 123 -35.63 -19.03 -21.03
N GLU C 124 -34.93 -18.34 -21.94
CA GLU C 124 -34.16 -19.03 -22.97
C GLU C 124 -33.02 -19.84 -22.34
N GLN C 125 -32.31 -19.26 -21.39
CA GLN C 125 -31.25 -20.02 -20.74
C GLN C 125 -31.82 -21.19 -19.93
N LEU C 126 -32.91 -20.96 -19.21
CA LEU C 126 -33.53 -22.03 -18.42
C LEU C 126 -33.97 -23.17 -19.31
N THR C 127 -34.51 -22.87 -20.49
CA THR C 127 -34.89 -23.94 -21.42
C THR C 127 -33.68 -24.76 -21.84
N SER C 128 -32.51 -24.17 -21.89
CA SER C 128 -31.31 -24.93 -22.22
C SER C 128 -30.72 -25.66 -21.02
N GLY C 129 -31.27 -25.48 -19.82
CA GLY C 129 -30.85 -26.19 -18.63
C GLY C 129 -29.92 -25.43 -17.70
N GLY C 130 -29.66 -24.15 -17.97
CA GLY C 130 -28.75 -23.38 -17.16
C GLY C 130 -29.46 -22.22 -16.52
N ALA C 131 -28.76 -21.56 -15.60
CA ALA C 131 -29.32 -20.40 -14.93
C ALA C 131 -28.21 -19.50 -14.41
N SER C 132 -28.02 -18.38 -15.07
CA SER C 132 -27.06 -17.38 -14.62
C SER C 132 -27.83 -16.21 -14.03
N VAL C 133 -27.47 -15.81 -12.83
CA VAL C 133 -28.04 -14.64 -12.19
C VAL C 133 -26.99 -13.55 -12.26
N VAL C 134 -27.34 -12.37 -12.73
CA VAL C 134 -26.37 -11.32 -13.03
C VAL C 134 -26.70 -10.10 -12.21
N CYS C 135 -25.67 -9.43 -11.72
CA CYS C 135 -25.80 -8.18 -10.97
C CYS C 135 -24.83 -7.19 -11.60
N PHE C 136 -25.30 -6.00 -11.97
CA PHE C 136 -24.45 -4.93 -12.44
C PHE C 136 -24.33 -3.90 -11.32
N LEU C 137 -23.11 -3.47 -11.07
CA LEU C 137 -22.76 -2.39 -10.13
C LEU C 137 -22.17 -1.31 -11.01
N ASN C 138 -22.94 -0.28 -11.35
CA ASN C 138 -22.51 0.66 -12.39
C ASN C 138 -22.17 2.03 -11.82
N ASN C 139 -21.14 2.63 -12.42
CA ASN C 139 -20.81 4.05 -12.28
C ASN C 139 -20.46 4.44 -10.85
N PHE C 140 -19.49 3.76 -10.27
CA PHE C 140 -19.02 4.04 -8.93
C PHE C 140 -17.57 4.47 -8.93
N TYR C 141 -17.15 5.07 -7.82
CA TYR C 141 -15.78 5.48 -7.66
C TYR C 141 -15.52 5.61 -6.18
N PRO C 142 -14.37 5.14 -5.65
CA PRO C 142 -13.25 4.48 -6.34
C PRO C 142 -13.52 3.02 -6.72
N LYS C 143 -12.50 2.36 -7.25
CA LYS C 143 -12.69 1.07 -7.91
C LYS C 143 -12.91 -0.07 -6.96
N ASP C 144 -12.45 0.03 -5.72
CA ASP C 144 -12.59 -1.04 -4.75
C ASP C 144 -14.06 -1.21 -4.40
N ILE C 145 -14.54 -2.46 -4.44
CA ILE C 145 -15.93 -2.73 -4.14
C ILE C 145 -16.07 -4.19 -3.80
N ASN C 146 -17.02 -4.52 -2.95
CA ASN C 146 -17.25 -5.89 -2.54
C ASN C 146 -18.68 -6.24 -2.87
N VAL C 147 -18.85 -7.43 -3.41
CA VAL C 147 -20.19 -7.93 -3.73
C VAL C 147 -20.40 -9.24 -2.99
N LYS C 148 -21.57 -9.38 -2.40
CA LYS C 148 -21.94 -10.60 -1.70
C LYS C 148 -23.25 -11.08 -2.30
N TRP C 149 -23.30 -12.37 -2.60
CA TRP C 149 -24.53 -13.03 -3.02
C TRP C 149 -25.16 -13.77 -1.84
N LYS C 150 -26.48 -13.69 -1.72
CA LYS C 150 -27.22 -14.46 -0.73
C LYS C 150 -28.35 -15.19 -1.44
N ILE C 151 -28.49 -16.47 -1.12
CA ILE C 151 -29.59 -17.27 -1.63
C ILE C 151 -30.42 -17.69 -0.44
N ASP C 152 -31.69 -17.32 -0.43
CA ASP C 152 -32.54 -17.58 0.73
C ASP C 152 -31.88 -17.14 2.02
N GLY C 153 -31.18 -16.00 1.95
CA GLY C 153 -30.57 -15.40 3.11
C GLY C 153 -29.19 -15.91 3.48
N SER C 154 -28.70 -16.95 2.81
CA SER C 154 -27.40 -17.54 3.13
C SER C 154 -26.38 -17.15 2.07
N GLU C 155 -25.18 -16.79 2.52
CA GLU C 155 -24.13 -16.33 1.61
C GLU C 155 -23.68 -17.45 0.69
N ARG C 156 -23.47 -17.11 -0.58
CA ARG C 156 -23.06 -18.05 -1.60
C ARG C 156 -21.77 -17.51 -2.20
N GLN C 157 -20.69 -18.29 -2.12
CA GLN C 157 -19.41 -17.91 -2.72
C GLN C 157 -19.09 -18.69 -3.99
N ASN C 158 -19.45 -19.96 -4.06
CA ASN C 158 -19.07 -20.79 -5.20
C ASN C 158 -19.94 -20.46 -6.42
N GLY C 159 -19.31 -20.44 -7.58
CA GLY C 159 -19.99 -20.14 -8.82
C GLY C 159 -20.11 -18.67 -9.15
N VAL C 160 -19.34 -17.80 -8.49
CA VAL C 160 -19.43 -16.36 -8.69
C VAL C 160 -18.19 -15.87 -9.45
N LEU C 161 -18.43 -15.09 -10.52
CA LEU C 161 -17.37 -14.47 -11.28
C LEU C 161 -17.63 -12.99 -11.44
N ASN C 162 -16.59 -12.18 -11.26
CA ASN C 162 -16.71 -10.73 -11.32
C ASN C 162 -15.81 -10.19 -12.42
N SER C 163 -16.23 -9.07 -13.01
CA SER C 163 -15.47 -8.38 -14.04
C SER C 163 -15.63 -6.89 -13.92
N TRP C 164 -14.52 -6.15 -13.83
CA TRP C 164 -14.55 -4.70 -13.78
C TRP C 164 -14.23 -4.09 -15.15
N THR C 165 -14.87 -2.98 -15.47
CA THR C 165 -14.51 -2.22 -16.64
C THR C 165 -13.27 -1.39 -16.34
N ASP C 166 -12.61 -0.92 -17.41
CA ASP C 166 -11.64 0.15 -17.23
C ASP C 166 -12.39 1.45 -16.92
N GLN C 167 -11.64 2.44 -16.47
CA GLN C 167 -12.25 3.70 -16.12
C GLN C 167 -12.96 4.32 -17.31
N ASP C 168 -14.18 4.78 -17.09
CA ASP C 168 -15.01 5.31 -18.16
C ASP C 168 -14.40 6.61 -18.67
N SER C 169 -14.33 6.74 -20.00
CA SER C 169 -13.70 7.90 -20.60
C SER C 169 -14.52 9.17 -20.43
N LYS C 170 -15.83 9.05 -20.19
CA LYS C 170 -16.68 10.23 -19.99
C LYS C 170 -16.67 10.71 -18.54
N ASP C 171 -17.12 9.88 -17.59
CA ASP C 171 -17.30 10.32 -16.21
C ASP C 171 -16.26 9.77 -15.24
N SER C 172 -15.31 8.96 -15.71
CA SER C 172 -14.18 8.47 -14.92
C SER C 172 -14.61 7.53 -13.80
N THR C 173 -15.79 6.97 -13.89
CA THR C 173 -16.26 5.97 -12.96
C THR C 173 -15.86 4.59 -13.43
N TYR C 174 -16.06 3.63 -12.55
CA TYR C 174 -15.91 2.22 -12.83
C TYR C 174 -17.27 1.54 -12.80
N SER C 175 -17.36 0.38 -13.44
CA SER C 175 -18.51 -0.50 -13.29
C SER C 175 -18.01 -1.92 -13.15
N MET C 176 -18.87 -2.76 -12.60
CA MET C 176 -18.51 -4.15 -12.41
C MET C 176 -19.73 -5.02 -12.62
N SER C 177 -19.54 -6.19 -13.19
CA SER C 177 -20.59 -7.20 -13.23
C SER C 177 -20.22 -8.37 -12.33
N SER C 178 -21.20 -8.99 -11.71
CA SER C 178 -21.01 -10.18 -10.90
C SER C 178 -22.05 -11.18 -11.38
N THR C 179 -21.61 -12.39 -11.69
CA THR C 179 -22.47 -13.42 -12.26
C THR C 179 -22.37 -14.69 -11.43
N LEU C 180 -23.53 -15.16 -10.96
CA LEU C 180 -23.67 -16.42 -10.27
C LEU C 180 -24.21 -17.44 -11.25
N THR C 181 -23.41 -18.46 -11.58
CA THR C 181 -23.79 -19.48 -12.55
C THR C 181 -24.24 -20.74 -11.83
N LEU C 182 -25.47 -21.17 -12.09
CA LEU C 182 -26.11 -22.33 -11.49
C LEU C 182 -26.69 -23.21 -12.59
N THR C 183 -27.03 -24.45 -12.26
CA THR C 183 -27.88 -25.25 -13.13
C THR C 183 -29.34 -24.83 -12.94
N LYS C 184 -30.19 -25.16 -13.92
CA LYS C 184 -31.61 -24.87 -13.78
C LYS C 184 -32.14 -25.55 -12.52
N ASP C 185 -31.73 -26.80 -12.29
CA ASP C 185 -32.25 -27.53 -11.14
C ASP C 185 -31.86 -26.86 -9.83
N GLU C 186 -30.61 -26.38 -9.73
CA GLU C 186 -30.18 -25.72 -8.50
C GLU C 186 -30.93 -24.40 -8.30
N TYR C 187 -31.05 -23.62 -9.36
CA TYR C 187 -31.80 -22.37 -9.31
C TYR C 187 -33.21 -22.59 -8.82
N GLU C 188 -33.85 -23.65 -9.31
CA GLU C 188 -35.25 -23.89 -8.97
C GLU C 188 -35.45 -24.48 -7.59
N ARG C 189 -34.39 -24.76 -6.84
CA ARG C 189 -34.50 -25.25 -5.49
C ARG C 189 -34.51 -24.14 -4.45
N HIS C 190 -34.39 -22.88 -4.86
CA HIS C 190 -34.34 -21.75 -3.96
C HIS C 190 -35.27 -20.66 -4.44
N ASN C 191 -35.55 -19.72 -3.55
CA ASN C 191 -36.58 -18.71 -3.80
C ASN C 191 -36.02 -17.33 -4.05
N SER C 192 -35.29 -16.76 -3.09
CA SER C 192 -34.86 -15.37 -3.17
C SER C 192 -33.36 -15.31 -3.46
N TYR C 193 -33.00 -14.44 -4.37
CA TYR C 193 -31.62 -14.23 -4.82
C TYR C 193 -31.32 -12.76 -4.57
N THR C 194 -30.20 -12.49 -3.90
CA THR C 194 -29.83 -11.13 -3.53
C THR C 194 -28.37 -10.87 -3.84
N CYS C 195 -28.08 -9.68 -4.36
CA CYS C 195 -26.72 -9.18 -4.44
C CYS C 195 -26.62 -7.96 -3.57
N GLU C 196 -25.53 -7.90 -2.78
CA GLU C 196 -25.28 -6.83 -1.83
C GLU C 196 -23.92 -6.24 -2.15
N ALA C 197 -23.89 -4.95 -2.42
CA ALA C 197 -22.65 -4.27 -2.77
C ALA C 197 -22.24 -3.40 -1.60
N THR C 198 -21.00 -3.54 -1.16
CA THR C 198 -20.42 -2.70 -0.12
C THR C 198 -19.27 -1.89 -0.69
N HIS C 199 -19.33 -0.56 -0.51
CA HIS C 199 -18.45 0.39 -1.18
C HIS C 199 -18.13 1.46 -0.17
N LYS C 200 -16.97 2.10 -0.33
CA LYS C 200 -16.49 3.00 0.72
C LYS C 200 -17.47 4.12 1.00
N THR C 201 -18.36 4.41 0.06
CA THR C 201 -19.31 5.51 0.21
C THR C 201 -20.32 5.27 1.33
N SER C 202 -20.49 4.04 1.84
CA SER C 202 -21.39 3.83 2.97
C SER C 202 -21.02 2.55 3.69
N THR C 203 -21.20 2.55 5.01
CA THR C 203 -21.06 1.28 5.75
C THR C 203 -22.24 0.35 5.49
N SER C 204 -23.36 0.86 4.96
CA SER C 204 -24.52 -0.01 4.69
C SER C 204 -24.45 -0.53 3.26
N PRO C 205 -24.65 -1.83 3.04
CA PRO C 205 -24.65 -2.33 1.66
C PRO C 205 -25.85 -1.82 0.89
N ILE C 206 -25.68 -1.75 -0.45
CA ILE C 206 -26.80 -1.57 -1.36
C ILE C 206 -27.26 -2.94 -1.79
N VAL C 207 -28.54 -3.22 -1.59
CA VAL C 207 -29.09 -4.57 -1.71
C VAL C 207 -30.14 -4.59 -2.80
N LYS C 208 -30.03 -5.56 -3.70
CA LYS C 208 -31.07 -5.79 -4.69
C LYS C 208 -31.39 -7.28 -4.70
N SER C 209 -32.69 -7.59 -4.82
CA SER C 209 -33.13 -8.97 -4.75
C SER C 209 -34.25 -9.22 -5.72
N PHE C 210 -34.49 -10.50 -6.01
CA PHE C 210 -35.74 -10.93 -6.61
C PHE C 210 -36.11 -12.30 -6.04
N ASN C 211 -37.38 -12.64 -6.22
CA ASN C 211 -37.92 -13.93 -5.81
C ASN C 211 -38.39 -14.67 -7.06
N ARG C 212 -37.87 -15.87 -7.25
CA ARG C 212 -38.20 -16.69 -8.41
C ARG C 212 -39.69 -17.05 -8.49
N ASN C 213 -40.40 -16.98 -7.37
CA ASN C 213 -41.81 -17.26 -7.40
C ASN C 213 -42.64 -16.07 -7.85
N ASN C 214 -41.97 -14.94 -8.09
CA ASN C 214 -42.54 -13.61 -8.36
C ASN C 214 -43.28 -13.06 -7.17
N GLU D 6 -37.45 33.72 49.25
CA GLU D 6 -37.57 34.08 47.84
C GLU D 6 -38.32 32.99 47.07
N SER D 7 -38.98 33.40 45.97
CA SER D 7 -39.63 32.47 45.06
C SER D 7 -39.19 32.84 43.65
N ILE D 8 -38.27 32.04 43.08
CA ILE D 8 -37.74 32.26 41.75
C ILE D 8 -38.39 31.26 40.81
N VAL D 9 -39.12 31.78 39.82
CA VAL D 9 -39.78 30.91 38.84
C VAL D 9 -38.92 30.72 37.60
N ARG D 10 -38.23 31.79 37.18
CA ARG D 10 -37.51 31.80 35.92
C ARG D 10 -36.44 30.71 35.88
N PHE D 11 -35.75 30.48 36.99
CA PHE D 11 -34.72 29.45 37.12
C PHE D 11 -35.02 28.70 38.41
N PRO D 12 -35.88 27.69 38.35
CA PRO D 12 -36.36 27.06 39.59
C PRO D 12 -35.36 26.07 40.16
N ASN D 13 -35.71 25.56 41.34
CA ASN D 13 -34.95 24.49 41.97
C ASN D 13 -35.30 23.17 41.28
N ILE D 14 -34.30 22.52 40.70
CA ILE D 14 -34.52 21.31 39.90
C ILE D 14 -34.45 20.03 40.70
N THR D 15 -34.08 20.09 41.98
CA THR D 15 -33.98 18.91 42.82
C THR D 15 -35.38 18.55 43.32
N ASN D 16 -36.02 17.58 42.64
CA ASN D 16 -37.37 17.17 43.01
C ASN D 16 -37.42 15.66 43.24
N LEU D 17 -38.62 15.11 43.35
CA LEU D 17 -38.78 13.70 43.67
C LEU D 17 -38.01 12.83 42.70
N CYS D 18 -37.44 11.74 43.21
CA CYS D 18 -36.66 10.84 42.38
C CYS D 18 -37.57 10.23 41.31
N PRO D 19 -37.01 9.97 40.12
CA PRO D 19 -37.81 9.47 39.00
C PRO D 19 -37.99 7.96 39.07
N PHE D 20 -38.62 7.49 40.14
CA PHE D 20 -38.88 6.05 40.25
C PHE D 20 -39.71 5.57 39.07
N GLY D 21 -40.53 6.44 38.48
CA GLY D 21 -41.32 6.02 37.34
C GLY D 21 -40.49 5.57 36.17
N GLU D 22 -39.31 6.18 35.99
CA GLU D 22 -38.44 5.77 34.88
C GLU D 22 -37.97 4.33 35.04
N VAL D 23 -37.86 3.85 36.28
CA VAL D 23 -37.43 2.49 36.55
C VAL D 23 -38.62 1.54 36.56
N PHE D 24 -39.61 1.84 37.41
CA PHE D 24 -40.67 0.88 37.65
C PHE D 24 -41.63 0.79 36.47
N ASN D 25 -41.89 1.90 35.80
CA ASN D 25 -42.84 1.92 34.69
C ASN D 25 -42.17 1.93 33.33
N ALA D 26 -40.90 1.56 33.25
CA ALA D 26 -40.23 1.46 31.97
C ALA D 26 -40.93 0.43 31.07
N THR D 27 -41.08 0.78 29.80
CA THR D 27 -41.71 -0.13 28.87
C THR D 27 -40.87 -1.38 28.66
N ARG D 28 -39.56 -1.19 28.47
CA ARG D 28 -38.65 -2.30 28.25
C ARG D 28 -37.99 -2.68 29.57
N PHE D 29 -37.93 -3.98 29.81
CA PHE D 29 -37.18 -4.52 30.96
C PHE D 29 -36.11 -5.50 30.45
N ALA D 30 -35.01 -5.57 31.18
CA ALA D 30 -33.89 -6.41 30.80
C ALA D 30 -34.09 -7.87 31.14
N SER D 31 -33.40 -8.72 30.41
CA SER D 31 -33.18 -10.08 30.83
C SER D 31 -32.29 -10.11 32.06
N VAL D 32 -32.50 -11.12 32.92
CA VAL D 32 -31.81 -11.18 34.20
C VAL D 32 -30.31 -11.37 34.02
N TYR D 33 -29.86 -12.13 33.00
CA TYR D 33 -28.41 -12.31 32.82
C TYR D 33 -27.75 -10.97 32.49
N ALA D 34 -28.45 -10.09 31.77
CA ALA D 34 -27.95 -8.76 31.40
C ALA D 34 -28.73 -7.69 32.15
N TRP D 35 -28.84 -7.87 33.46
CA TRP D 35 -29.68 -7.02 34.28
C TRP D 35 -29.28 -5.55 34.15
N ASN D 36 -30.25 -4.67 34.21
CA ASN D 36 -30.08 -3.24 34.04
C ASN D 36 -29.78 -2.60 35.38
N ARG D 37 -28.91 -1.62 35.39
CA ARG D 37 -28.71 -0.76 36.53
C ARG D 37 -28.89 0.71 36.16
N LYS D 38 -29.62 1.41 37.01
CA LYS D 38 -29.81 2.86 36.96
C LYS D 38 -29.30 3.46 38.24
N ARG D 39 -28.51 4.53 38.13
CA ARG D 39 -28.05 5.25 39.31
C ARG D 39 -29.04 6.37 39.61
N ILE D 40 -29.53 6.41 40.84
CA ILE D 40 -30.44 7.45 41.31
C ILE D 40 -29.65 8.39 42.19
N SER D 41 -29.73 9.69 41.89
CA SER D 41 -28.91 10.65 42.62
C SER D 41 -29.55 12.03 42.57
N ASN D 42 -29.19 12.86 43.54
CA ASN D 42 -29.59 14.28 43.56
C ASN D 42 -31.10 14.44 43.38
N CYS D 43 -31.84 13.81 44.28
CA CYS D 43 -33.30 13.90 44.25
C CYS D 43 -33.84 13.59 45.64
N VAL D 44 -35.13 13.82 45.80
CA VAL D 44 -35.85 13.52 47.04
C VAL D 44 -36.59 12.20 46.85
N ALA D 45 -36.30 11.23 47.71
CA ALA D 45 -36.81 9.88 47.54
C ALA D 45 -38.07 9.75 48.40
N ASP D 46 -39.21 9.98 47.77
CA ASP D 46 -40.49 9.73 48.42
C ASP D 46 -40.85 8.28 48.13
N TYR D 47 -40.60 7.41 49.10
CA TYR D 47 -40.84 5.98 48.95
C TYR D 47 -42.27 5.59 49.26
N SER D 48 -43.12 6.54 49.67
CA SER D 48 -44.51 6.20 49.96
C SER D 48 -45.34 6.04 48.70
N VAL D 49 -44.91 6.63 47.59
CA VAL D 49 -45.48 6.27 46.28
C VAL D 49 -45.32 4.78 46.03
N LEU D 50 -44.22 4.19 46.50
CA LEU D 50 -43.99 2.76 46.38
C LEU D 50 -44.60 1.98 47.55
N TYR D 51 -44.28 2.37 48.78
CA TYR D 51 -44.74 1.66 49.97
C TYR D 51 -46.21 1.28 49.82
N ASN D 52 -47.09 2.27 49.89
CA ASN D 52 -48.52 2.03 49.71
C ASN D 52 -48.89 2.21 48.24
N SER D 53 -48.50 1.21 47.44
CA SER D 53 -48.93 1.10 46.06
C SER D 53 -49.90 -0.04 45.82
N ALA D 54 -49.78 -1.14 46.56
CA ALA D 54 -50.68 -2.29 46.52
C ALA D 54 -50.60 -3.10 45.24
N SER D 55 -49.82 -2.66 44.25
CA SER D 55 -49.71 -3.39 42.99
C SER D 55 -48.56 -4.41 43.00
N PHE D 56 -47.80 -4.48 44.07
CA PHE D 56 -46.63 -5.35 44.14
C PHE D 56 -46.96 -6.68 44.80
N SER D 57 -46.31 -7.73 44.32
CA SER D 57 -46.42 -9.07 44.88
C SER D 57 -45.35 -9.34 45.93
N THR D 58 -44.20 -8.67 45.83
CA THR D 58 -43.10 -8.75 46.77
C THR D 58 -42.62 -7.34 47.07
N PHE D 59 -42.42 -7.05 48.36
CA PHE D 59 -41.81 -5.79 48.81
C PHE D 59 -41.08 -6.12 50.12
N LYS D 60 -39.82 -6.53 49.97
CA LYS D 60 -39.02 -7.03 51.07
C LYS D 60 -37.84 -6.12 51.26
N CYS D 61 -37.58 -5.73 52.48
CA CYS D 61 -36.49 -4.82 52.75
C CYS D 61 -35.52 -5.48 53.72
N TYR D 62 -34.26 -5.11 53.58
CA TYR D 62 -33.13 -5.76 54.24
C TYR D 62 -32.29 -4.65 54.84
N GLY D 63 -32.16 -4.64 56.16
CA GLY D 63 -31.35 -3.62 56.80
C GLY D 63 -31.98 -2.25 56.81
N VAL D 64 -33.20 -2.11 56.31
CA VAL D 64 -33.90 -0.85 56.21
C VAL D 64 -35.39 -1.15 56.35
N SER D 65 -36.15 -0.16 56.79
CA SER D 65 -37.57 -0.39 57.00
C SER D 65 -38.39 0.52 56.10
N PRO D 66 -39.44 0.00 55.45
CA PRO D 66 -40.36 0.90 54.75
C PRO D 66 -41.14 1.73 55.75
N THR D 67 -41.46 2.97 55.34
CA THR D 67 -42.10 3.97 56.20
C THR D 67 -41.03 4.73 56.97
N LYS D 68 -39.85 4.13 57.11
CA LYS D 68 -38.67 4.85 57.57
C LYS D 68 -37.80 5.30 56.41
N LEU D 69 -37.93 4.67 55.24
CA LEU D 69 -37.17 5.08 54.07
C LEU D 69 -37.40 6.56 53.77
N ASN D 70 -38.62 7.05 54.00
CA ASN D 70 -38.94 8.46 53.75
C ASN D 70 -38.12 9.40 54.61
N ASP D 71 -37.32 8.88 55.54
CA ASP D 71 -36.39 9.67 56.34
C ASP D 71 -34.96 9.34 55.95
N LEU D 72 -34.04 10.19 56.41
CA LEU D 72 -32.60 9.96 56.28
C LEU D 72 -32.07 10.03 54.85
N CYS D 73 -30.75 10.17 54.72
CA CYS D 73 -30.11 10.38 53.44
C CYS D 73 -29.13 9.26 53.11
N PHE D 74 -28.87 9.12 51.80
CA PHE D 74 -27.88 8.20 51.30
C PHE D 74 -27.05 8.90 50.24
N THR D 75 -25.88 8.33 49.97
CA THR D 75 -24.99 8.89 48.96
C THR D 75 -25.61 8.74 47.58
N ASN D 76 -26.12 7.54 47.30
CA ASN D 76 -26.71 7.20 46.01
C ASN D 76 -27.62 6.01 46.26
N VAL D 77 -28.54 5.79 45.34
CA VAL D 77 -29.36 4.59 45.29
C VAL D 77 -29.15 3.98 43.91
N TYR D 78 -29.00 2.66 43.85
CA TYR D 78 -28.90 1.98 42.57
C TYR D 78 -30.16 1.15 42.41
N ALA D 79 -30.69 1.13 41.21
CA ALA D 79 -31.91 0.38 40.93
C ALA D 79 -31.57 -0.61 39.82
N ASP D 80 -31.58 -1.89 40.15
CA ASP D 80 -31.37 -2.98 39.21
C ASP D 80 -32.72 -3.55 38.85
N SER D 81 -32.91 -3.86 37.59
CA SER D 81 -34.18 -4.40 37.13
C SER D 81 -34.04 -5.46 36.07
N PHE D 82 -35.02 -6.37 36.04
CA PHE D 82 -35.01 -7.53 35.15
C PHE D 82 -36.31 -8.30 35.33
N VAL D 83 -36.48 -9.31 34.49
CA VAL D 83 -37.61 -10.21 34.51
C VAL D 83 -37.14 -11.63 34.82
N ILE D 84 -37.88 -12.31 35.69
CA ILE D 84 -37.65 -13.71 36.05
C ILE D 84 -39.03 -14.35 36.22
N ARG D 85 -39.05 -15.66 36.40
CA ARG D 85 -40.34 -16.28 36.65
C ARG D 85 -40.71 -16.12 38.12
N GLY D 86 -42.01 -16.21 38.38
CA GLY D 86 -42.48 -15.93 39.74
C GLY D 86 -41.86 -16.80 40.82
N ASP D 87 -41.67 -18.08 40.53
CA ASP D 87 -41.09 -18.99 41.50
C ASP D 87 -39.61 -18.71 41.77
N GLU D 88 -38.97 -17.81 41.01
CA GLU D 88 -37.58 -17.46 41.25
C GLU D 88 -37.42 -16.16 42.01
N VAL D 89 -38.50 -15.44 42.28
CA VAL D 89 -38.39 -14.20 43.03
C VAL D 89 -37.78 -14.42 44.42
N ARG D 90 -38.05 -15.59 45.03
CA ARG D 90 -37.44 -15.94 46.31
C ARG D 90 -35.92 -16.01 46.25
N GLN D 91 -35.33 -16.21 45.08
CA GLN D 91 -33.88 -16.21 44.97
C GLN D 91 -33.26 -14.82 45.00
N ILE D 92 -34.06 -13.77 44.81
CA ILE D 92 -33.57 -12.40 44.90
C ILE D 92 -33.57 -11.95 46.35
N ALA D 93 -32.64 -12.48 47.13
CA ALA D 93 -32.54 -12.24 48.55
C ALA D 93 -31.14 -12.63 48.97
N PRO D 94 -30.60 -12.03 50.03
CA PRO D 94 -29.27 -12.42 50.49
C PRO D 94 -29.27 -13.88 50.94
N GLY D 95 -28.20 -14.59 50.58
CA GLY D 95 -27.99 -15.95 51.05
C GLY D 95 -28.71 -17.03 50.31
N GLN D 96 -29.30 -16.75 49.16
CA GLN D 96 -30.09 -17.75 48.44
C GLN D 96 -29.23 -18.51 47.43
N THR D 97 -29.78 -19.61 46.94
CA THR D 97 -29.19 -20.40 45.88
C THR D 97 -30.26 -20.78 44.86
N GLY D 98 -29.79 -21.22 43.70
CA GLY D 98 -30.66 -21.52 42.58
C GLY D 98 -30.03 -20.99 41.31
N LYS D 99 -30.61 -21.30 40.15
CA LYS D 99 -29.99 -20.85 38.90
C LYS D 99 -29.86 -19.34 38.84
N ILE D 100 -30.84 -18.61 39.37
CA ILE D 100 -30.80 -17.16 39.26
C ILE D 100 -29.74 -16.59 40.21
N ALA D 101 -29.82 -16.92 41.48
CA ALA D 101 -28.84 -16.41 42.44
C ALA D 101 -27.43 -16.87 42.10
N ASP D 102 -27.29 -18.07 41.55
CA ASP D 102 -25.94 -18.60 41.32
C ASP D 102 -25.31 -18.10 40.02
N TYR D 103 -26.09 -18.02 38.93
CA TYR D 103 -25.54 -17.76 37.61
C TYR D 103 -25.99 -16.46 36.97
N ASN D 104 -26.87 -15.68 37.62
CA ASN D 104 -27.48 -14.54 36.98
C ASN D 104 -27.45 -13.23 37.75
N TYR D 105 -27.96 -13.23 38.98
CA TYR D 105 -28.02 -12.02 39.77
C TYR D 105 -27.91 -12.41 41.23
N LYS D 106 -26.85 -11.97 41.89
CA LYS D 106 -26.52 -12.41 43.24
C LYS D 106 -26.42 -11.20 44.16
N LEU D 107 -27.20 -11.22 45.26
CA LEU D 107 -27.10 -10.14 46.23
C LEU D 107 -26.05 -10.47 47.28
N PRO D 108 -25.43 -9.47 47.89
CA PRO D 108 -24.45 -9.73 48.95
C PRO D 108 -25.16 -10.11 50.25
N ASP D 109 -24.43 -10.83 51.10
CA ASP D 109 -25.01 -11.22 52.38
C ASP D 109 -25.41 -10.01 53.21
N ASP D 110 -24.60 -8.95 53.18
CA ASP D 110 -24.83 -7.73 53.96
C ASP D 110 -25.65 -6.69 53.21
N PHE D 111 -26.53 -7.12 52.32
CA PHE D 111 -27.30 -6.20 51.49
C PHE D 111 -28.16 -5.27 52.34
N THR D 112 -28.14 -3.98 51.99
CA THR D 112 -29.06 -2.98 52.52
C THR D 112 -29.89 -2.44 51.37
N GLY D 113 -31.18 -2.71 51.38
CA GLY D 113 -32.02 -2.27 50.28
C GLY D 113 -33.33 -3.01 50.28
N CYS D 114 -34.01 -2.91 49.15
CA CYS D 114 -35.34 -3.45 48.99
C CYS D 114 -35.44 -4.23 47.70
N VAL D 115 -36.21 -5.31 47.72
CA VAL D 115 -36.47 -6.13 46.57
C VAL D 115 -37.97 -6.02 46.33
N ILE D 116 -38.35 -5.58 45.15
CA ILE D 116 -39.75 -5.31 44.79
C ILE D 116 -40.08 -6.06 43.53
N ALA D 117 -41.19 -6.78 43.49
CA ALA D 117 -41.57 -7.51 42.29
C ALA D 117 -43.07 -7.40 42.08
N TRP D 118 -43.48 -7.58 40.83
CA TRP D 118 -44.89 -7.65 40.48
C TRP D 118 -45.06 -8.53 39.27
N ASN D 119 -46.24 -9.14 39.20
CA ASN D 119 -46.58 -10.00 38.10
C ASN D 119 -46.76 -9.20 36.81
N SER D 120 -46.08 -9.63 35.74
CA SER D 120 -46.14 -8.91 34.47
C SER D 120 -46.66 -9.81 33.35
N ASN D 121 -47.50 -10.80 33.68
CA ASN D 121 -48.01 -11.70 32.65
C ASN D 121 -48.73 -10.95 31.54
N ASN D 122 -49.46 -9.89 31.87
CA ASN D 122 -50.17 -9.11 30.87
C ASN D 122 -49.22 -8.43 29.87
N LEU D 123 -47.99 -8.10 30.28
CA LEU D 123 -47.06 -7.43 29.39
C LEU D 123 -46.04 -8.37 28.74
N ASP D 124 -45.63 -9.41 29.44
CA ASP D 124 -44.42 -10.13 29.08
C ASP D 124 -44.65 -11.55 28.60
N SER D 125 -45.89 -12.02 28.51
CA SER D 125 -46.17 -13.33 27.95
C SER D 125 -46.80 -13.15 26.58
N LYS D 126 -46.62 -14.16 25.73
CA LYS D 126 -47.25 -14.18 24.41
C LYS D 126 -47.74 -15.58 24.13
N VAL D 127 -48.80 -15.69 23.31
CA VAL D 127 -49.37 -17.00 23.00
C VAL D 127 -48.30 -17.92 22.41
N GLY D 128 -47.55 -17.41 21.45
CA GLY D 128 -46.49 -18.15 20.82
C GLY D 128 -45.20 -18.18 21.60
N GLY D 129 -45.21 -17.57 22.79
CA GLY D 129 -44.08 -17.59 23.69
C GLY D 129 -43.24 -16.35 23.57
N ASN D 130 -42.89 -15.75 24.69
CA ASN D 130 -41.98 -14.61 24.67
C ASN D 130 -40.57 -15.17 24.73
N TYR D 131 -39.78 -14.90 23.70
CA TYR D 131 -38.41 -15.40 23.63
C TYR D 131 -37.36 -14.33 23.86
N ASN D 132 -37.81 -13.14 24.27
CA ASN D 132 -36.86 -12.05 24.51
C ASN D 132 -36.21 -12.10 25.89
N TYR D 133 -36.81 -12.77 26.88
CA TYR D 133 -36.24 -12.83 28.21
C TYR D 133 -35.48 -14.14 28.37
N LEU D 134 -34.22 -14.03 28.76
CA LEU D 134 -33.32 -15.16 28.85
C LEU D 134 -32.71 -15.21 30.25
N TYR D 135 -32.19 -16.38 30.58
CA TYR D 135 -31.40 -16.58 31.79
C TYR D 135 -30.21 -17.49 31.47
N ARG D 136 -29.15 -17.34 32.25
CA ARG D 136 -27.99 -18.20 32.08
C ARG D 136 -28.20 -19.53 32.82
N LEU D 137 -28.06 -20.62 32.09
CA LEU D 137 -28.27 -21.97 32.61
C LEU D 137 -26.98 -22.71 32.93
N PHE D 138 -25.87 -22.33 32.32
CA PHE D 138 -24.61 -23.01 32.52
C PHE D 138 -23.55 -21.97 32.85
N ARG D 139 -22.70 -22.28 33.83
CA ARG D 139 -21.56 -21.43 34.16
C ARG D 139 -20.59 -22.27 34.96
N LYS D 140 -19.29 -21.98 34.79
CA LYS D 140 -18.28 -22.82 35.45
C LYS D 140 -18.20 -22.58 36.94
N SER D 141 -18.68 -21.43 37.43
CA SER D 141 -18.70 -21.13 38.85
C SER D 141 -19.82 -20.15 39.15
N ASN D 142 -20.09 -19.97 40.44
CA ASN D 142 -21.10 -19.03 40.86
C ASN D 142 -20.61 -17.59 40.76
N LEU D 143 -21.58 -16.69 40.55
CA LEU D 143 -21.29 -15.28 40.48
C LEU D 143 -20.94 -14.72 41.85
N LYS D 144 -20.04 -13.74 41.86
CA LYS D 144 -19.89 -12.90 43.04
C LYS D 144 -21.04 -11.90 43.13
N PRO D 145 -21.30 -11.35 44.31
CA PRO D 145 -22.38 -10.38 44.44
C PRO D 145 -22.21 -9.23 43.46
N PHE D 146 -23.33 -8.88 42.81
CA PHE D 146 -23.44 -7.81 41.83
C PHE D 146 -22.55 -8.01 40.61
N GLU D 147 -22.05 -9.23 40.40
CA GLU D 147 -21.36 -9.56 39.16
C GLU D 147 -22.39 -9.74 38.06
N ARG D 148 -21.98 -9.46 36.83
CA ARG D 148 -22.90 -9.42 35.71
C ARG D 148 -22.19 -10.07 34.54
N ASP D 149 -22.62 -11.29 34.19
CA ASP D 149 -21.98 -12.10 33.14
C ASP D 149 -22.84 -12.06 31.88
N ILE D 150 -22.31 -11.48 30.82
CA ILE D 150 -22.99 -11.37 29.55
C ILE D 150 -22.32 -12.21 28.46
N SER D 151 -21.45 -13.14 28.85
CA SER D 151 -20.81 -14.00 27.87
C SER D 151 -21.81 -14.87 27.11
N THR D 152 -21.52 -15.08 25.83
CA THR D 152 -22.29 -15.99 25.00
C THR D 152 -21.44 -17.19 24.54
N GLU D 153 -20.32 -17.42 25.21
CA GLU D 153 -19.42 -18.51 24.82
C GLU D 153 -20.10 -19.87 25.02
N ILE D 154 -19.86 -20.79 24.09
CA ILE D 154 -20.44 -22.12 24.18
C ILE D 154 -19.84 -22.84 25.38
N TYR D 155 -20.71 -23.47 26.18
CA TYR D 155 -20.31 -24.15 27.41
C TYR D 155 -19.97 -25.60 27.11
N GLN D 156 -18.73 -26.01 27.43
CA GLN D 156 -18.29 -27.38 27.20
C GLN D 156 -18.78 -28.28 28.34
N ALA D 157 -19.76 -29.13 28.04
CA ALA D 157 -20.41 -29.97 29.06
C ALA D 157 -19.90 -31.40 29.03
N GLY D 158 -18.84 -31.67 28.27
CA GLY D 158 -18.29 -33.00 28.17
C GLY D 158 -16.79 -32.94 27.95
N SER D 159 -16.20 -34.04 27.45
CA SER D 159 -14.77 -34.12 27.20
C SER D 159 -14.38 -33.56 25.83
N THR D 160 -15.34 -33.35 24.94
CA THR D 160 -15.05 -32.92 23.56
C THR D 160 -15.12 -31.41 23.46
N PRO D 161 -14.14 -30.76 22.81
CA PRO D 161 -14.19 -29.30 22.69
C PRO D 161 -15.26 -28.85 21.71
N CYS D 162 -15.74 -27.63 21.93
CA CYS D 162 -16.86 -27.12 21.16
C CYS D 162 -16.45 -26.23 20.00
N ASN D 163 -15.28 -25.61 20.07
CA ASN D 163 -14.79 -24.75 19.00
C ASN D 163 -15.85 -23.76 18.53
N GLY D 164 -16.66 -23.28 19.47
CA GLY D 164 -17.61 -22.23 19.18
C GLY D 164 -18.90 -22.67 18.53
N VAL D 165 -19.13 -23.98 18.39
CA VAL D 165 -20.33 -24.48 17.74
C VAL D 165 -21.13 -25.30 18.75
N GLU D 166 -22.45 -25.06 18.77
CA GLU D 166 -23.32 -25.85 19.61
C GLU D 166 -23.43 -27.26 19.04
N GLY D 167 -23.59 -28.22 19.94
CA GLY D 167 -23.72 -29.60 19.54
C GLY D 167 -23.88 -30.46 20.76
N PHE D 168 -23.59 -31.75 20.59
CA PHE D 168 -23.64 -32.69 21.71
C PHE D 168 -22.65 -32.27 22.79
N ASN D 169 -23.17 -32.09 24.00
CA ASN D 169 -22.37 -31.70 25.16
C ASN D 169 -21.72 -30.33 25.01
N CYS D 170 -22.25 -29.49 24.12
CA CYS D 170 -21.72 -28.15 23.85
C CYS D 170 -22.90 -27.20 23.72
N TYR D 171 -23.18 -26.45 24.76
CA TYR D 171 -24.45 -25.77 24.91
C TYR D 171 -24.31 -24.26 24.84
N PHE D 172 -25.23 -23.62 24.10
CA PHE D 172 -25.36 -22.18 24.24
C PHE D 172 -25.79 -21.91 25.68
N PRO D 173 -25.17 -20.94 26.38
CA PRO D 173 -25.32 -20.89 27.83
C PRO D 173 -26.58 -20.20 28.31
N LEU D 174 -27.32 -19.53 27.43
CA LEU D 174 -28.53 -18.78 27.78
C LEU D 174 -29.74 -19.53 27.24
N GLN D 175 -30.79 -19.55 28.02
CA GLN D 175 -32.03 -20.19 27.60
C GLN D 175 -33.18 -19.22 27.75
N SER D 176 -34.17 -19.36 26.87
CA SER D 176 -35.34 -18.50 26.91
C SER D 176 -36.38 -19.04 27.89
N TYR D 177 -37.02 -18.12 28.61
CA TYR D 177 -38.17 -18.51 29.42
C TYR D 177 -39.39 -18.92 28.59
N GLY D 178 -39.60 -18.29 27.44
CA GLY D 178 -40.78 -18.64 26.62
C GLY D 178 -42.13 -18.45 27.28
N PHE D 179 -42.33 -17.35 27.98
CA PHE D 179 -43.54 -17.14 28.77
C PHE D 179 -44.76 -17.17 27.89
N GLN D 180 -45.75 -17.97 28.29
CA GLN D 180 -47.05 -18.01 27.65
C GLN D 180 -48.11 -17.65 28.69
N PRO D 181 -49.21 -17.02 28.27
CA PRO D 181 -50.13 -16.42 29.27
C PRO D 181 -50.87 -17.42 30.13
N THR D 182 -51.02 -18.68 29.69
CA THR D 182 -51.69 -19.72 30.45
C THR D 182 -50.77 -20.44 31.44
N ASN D 183 -49.50 -20.03 31.54
CA ASN D 183 -48.61 -20.61 32.54
C ASN D 183 -49.23 -20.45 33.93
N GLY D 184 -48.93 -21.41 34.81
CA GLY D 184 -49.24 -21.23 36.21
C GLY D 184 -48.49 -20.05 36.79
N VAL D 185 -48.98 -19.52 37.91
CA VAL D 185 -48.49 -18.25 38.44
C VAL D 185 -46.97 -18.29 38.72
N GLY D 186 -46.46 -19.43 39.18
CA GLY D 186 -45.04 -19.53 39.44
C GLY D 186 -44.18 -19.53 38.20
N TYR D 187 -44.77 -19.81 37.05
CA TYR D 187 -44.07 -19.81 35.78
C TYR D 187 -44.35 -18.57 34.97
N GLN D 188 -45.11 -17.64 35.49
CA GLN D 188 -45.41 -16.39 34.82
C GLN D 188 -44.27 -15.40 35.03
N PRO D 189 -44.13 -14.43 34.13
CA PRO D 189 -43.07 -13.42 34.30
C PRO D 189 -43.40 -12.42 35.40
N TYR D 190 -42.37 -12.09 36.18
CA TYR D 190 -42.40 -11.07 37.20
C TYR D 190 -41.32 -10.06 36.87
N ARG D 191 -41.67 -8.78 36.92
CA ARG D 191 -40.69 -7.71 36.86
C ARG D 191 -40.18 -7.43 38.27
N VAL D 192 -38.87 -7.22 38.39
CA VAL D 192 -38.18 -7.10 39.68
C VAL D 192 -37.36 -5.83 39.63
N VAL D 193 -37.42 -5.06 40.70
CA VAL D 193 -36.55 -3.93 40.96
C VAL D 193 -35.88 -4.14 42.30
N VAL D 194 -34.55 -4.07 42.30
CA VAL D 194 -33.74 -4.14 43.50
C VAL D 194 -33.18 -2.76 43.72
N LEU D 195 -33.51 -2.14 44.84
CA LEU D 195 -32.95 -0.85 45.23
C LEU D 195 -31.86 -1.09 46.26
N SER D 196 -30.65 -0.69 45.95
CA SER D 196 -29.52 -0.81 46.86
C SER D 196 -29.14 0.58 47.32
N PHE D 197 -28.96 0.74 48.62
CA PHE D 197 -28.68 2.02 49.25
C PHE D 197 -27.19 2.07 49.57
N GLU D 198 -26.50 3.06 49.02
CA GLU D 198 -25.08 3.25 49.25
C GLU D 198 -24.87 4.37 50.24
N LEU D 199 -23.98 4.13 51.20
CA LEU D 199 -23.63 5.11 52.22
C LEU D 199 -22.11 5.22 52.32
N LEU D 200 -21.57 6.27 51.73
CA LEU D 200 -20.15 6.58 51.81
C LEU D 200 -19.96 7.80 52.70
N HIS D 201 -18.70 8.03 53.09
CA HIS D 201 -18.32 9.27 53.75
C HIS D 201 -18.21 10.34 52.66
N ALA D 202 -19.38 10.81 52.23
CA ALA D 202 -19.49 11.71 51.09
C ALA D 202 -20.77 12.50 51.24
N PRO D 203 -20.92 13.60 50.51
CA PRO D 203 -22.20 14.32 50.53
C PRO D 203 -23.34 13.39 50.12
N ALA D 204 -24.39 13.38 50.92
CA ALA D 204 -25.60 12.64 50.56
C ALA D 204 -26.32 13.38 49.43
N THR D 205 -26.75 12.62 48.42
CA THR D 205 -27.52 13.22 47.35
C THR D 205 -28.94 12.69 47.22
N VAL D 206 -29.30 11.63 47.95
CA VAL D 206 -30.64 11.05 47.88
C VAL D 206 -31.20 11.09 49.28
N CYS D 207 -32.20 11.93 49.49
CA CYS D 207 -32.77 12.14 50.81
C CYS D 207 -34.28 11.98 50.73
N GLY D 208 -34.88 11.63 51.84
CA GLY D 208 -36.31 11.61 51.92
C GLY D 208 -36.87 12.99 52.16
N PRO D 209 -38.20 13.10 52.05
CA PRO D 209 -38.89 14.36 52.36
C PRO D 209 -39.15 14.51 53.85
N GLU E 1 -13.91 -16.85 23.66
CA GLU E 1 -13.36 -15.71 24.44
C GLU E 1 -13.93 -14.39 23.92
N VAL E 2 -13.87 -13.36 24.75
CA VAL E 2 -14.27 -12.02 24.33
C VAL E 2 -13.16 -11.46 23.45
N GLN E 3 -13.55 -10.88 22.33
CA GLN E 3 -12.63 -10.18 21.47
C GLN E 3 -13.32 -8.94 20.94
N LEU E 4 -12.56 -7.85 20.84
CA LEU E 4 -12.99 -6.63 20.19
C LEU E 4 -12.03 -6.46 19.01
N GLN E 5 -12.52 -6.62 17.79
CA GLN E 5 -11.66 -6.58 16.61
C GLN E 5 -11.89 -5.24 15.91
N GLN E 6 -10.86 -4.42 15.88
CA GLN E 6 -10.98 -3.10 15.28
C GLN E 6 -10.53 -3.11 13.82
N SER E 7 -11.02 -2.12 13.09
CA SER E 7 -10.67 -1.90 11.70
C SER E 7 -9.23 -1.44 11.57
N GLY E 8 -8.75 -1.46 10.32
CA GLY E 8 -7.35 -1.20 10.07
C GLY E 8 -6.96 0.26 10.06
N ALA E 9 -5.64 0.48 9.95
CA ALA E 9 -5.09 1.83 10.02
C ALA E 9 -5.63 2.72 8.91
N GLU E 10 -5.75 3.99 9.22
CA GLU E 10 -6.27 4.99 8.30
C GLU E 10 -5.28 6.13 8.13
N LEU E 11 -5.08 6.57 6.89
CA LEU E 11 -4.29 7.75 6.56
C LEU E 11 -5.19 8.68 5.77
N VAL E 12 -5.45 9.87 6.30
CA VAL E 12 -6.43 10.78 5.72
C VAL E 12 -5.87 12.19 5.72
N ARG E 13 -6.48 13.06 4.88
CA ARG E 13 -6.07 14.45 4.75
C ARG E 13 -6.82 15.34 5.75
N PRO E 14 -6.19 16.45 6.15
CA PRO E 14 -6.88 17.39 7.04
C PRO E 14 -8.21 17.82 6.42
N GLY E 15 -9.23 17.93 7.27
CA GLY E 15 -10.55 18.30 6.84
C GLY E 15 -11.45 17.15 6.49
N ALA E 16 -10.90 15.97 6.27
CA ALA E 16 -11.69 14.80 5.94
C ALA E 16 -12.37 14.23 7.18
N SER E 17 -13.15 13.19 6.95
CA SER E 17 -13.77 12.40 8.02
C SER E 17 -13.33 10.95 7.85
N VAL E 18 -13.39 10.20 8.94
CA VAL E 18 -13.08 8.78 8.94
C VAL E 18 -14.05 8.11 9.90
N LYS E 19 -14.34 6.84 9.64
CA LYS E 19 -15.24 6.07 10.49
C LYS E 19 -14.57 4.75 10.81
N LEU E 20 -14.29 4.55 12.08
CA LEU E 20 -13.61 3.38 12.59
C LEU E 20 -14.63 2.41 13.13
N SER E 21 -14.29 1.11 13.11
CA SER E 21 -15.22 0.12 13.60
C SER E 21 -14.57 -0.84 14.58
N CYS E 22 -15.44 -1.45 15.38
CA CYS E 22 -15.06 -2.42 16.40
C CYS E 22 -16.14 -3.48 16.40
N THR E 23 -15.77 -4.70 16.05
CA THR E 23 -16.71 -5.81 15.97
C THR E 23 -16.42 -6.74 17.13
N ALA E 24 -17.41 -6.93 17.98
CA ALA E 24 -17.30 -7.75 19.17
C ALA E 24 -17.66 -9.20 18.88
N SER E 25 -17.00 -10.09 19.59
CA SER E 25 -17.39 -11.48 19.63
C SER E 25 -17.34 -11.95 21.08
N GLY E 26 -18.14 -12.95 21.39
CA GLY E 26 -18.18 -13.51 22.71
C GLY E 26 -19.20 -12.91 23.65
N PHE E 27 -19.91 -11.87 23.21
CA PHE E 27 -20.98 -11.21 23.95
C PHE E 27 -21.70 -10.33 22.94
N ASN E 28 -22.90 -9.90 23.30
CA ASN E 28 -23.69 -9.01 22.44
C ASN E 28 -23.53 -7.58 22.93
N ILE E 29 -23.16 -6.67 22.01
CA ILE E 29 -22.93 -5.30 22.41
C ILE E 29 -24.18 -4.64 22.99
N LYS E 30 -25.37 -5.10 22.62
CA LYS E 30 -26.57 -4.51 23.18
C LYS E 30 -26.66 -4.70 24.69
N ASP E 31 -25.89 -5.64 25.25
CA ASP E 31 -25.93 -5.96 26.66
C ASP E 31 -24.94 -5.17 27.52
N THR E 32 -24.24 -4.20 26.94
CA THR E 32 -23.30 -3.40 27.73
C THR E 32 -23.20 -2.01 27.11
N TYR E 33 -22.17 -1.26 27.50
CA TYR E 33 -21.86 0.01 26.85
C TYR E 33 -20.50 -0.15 26.17
N ILE E 34 -20.36 0.43 24.99
CA ILE E 34 -19.10 0.42 24.25
C ILE E 34 -18.51 1.80 24.32
N HIS E 35 -17.25 1.89 24.74
CA HIS E 35 -16.54 3.15 24.92
C HIS E 35 -15.40 3.25 23.93
N TRP E 36 -15.03 4.47 23.63
CA TRP E 36 -13.86 4.75 22.79
C TRP E 36 -12.88 5.60 23.57
N VAL E 37 -11.59 5.35 23.35
CA VAL E 37 -10.47 5.97 24.05
C VAL E 37 -9.43 6.36 23.03
N LYS E 38 -8.87 7.56 23.16
CA LYS E 38 -7.84 8.10 22.26
C LYS E 38 -6.50 8.07 22.95
N GLN E 39 -5.45 7.76 22.19
CA GLN E 39 -4.09 7.87 22.72
C GLN E 39 -3.19 8.48 21.66
N ARG E 40 -2.79 9.76 21.86
CA ARG E 40 -1.91 10.40 20.88
C ARG E 40 -0.51 9.85 21.04
N PRO E 41 0.33 9.99 20.01
CA PRO E 41 1.68 9.39 20.05
C PRO E 41 2.51 9.90 21.22
N GLU E 42 3.07 8.96 21.98
CA GLU E 42 3.85 9.27 23.16
C GLU E 42 3.05 10.09 24.17
N GLN E 43 1.74 9.91 24.18
CA GLN E 43 0.86 10.68 25.06
C GLN E 43 -0.06 9.73 25.81
N GLY E 44 -0.91 10.31 26.65
CA GLY E 44 -1.75 9.55 27.54
C GLY E 44 -3.10 9.21 26.92
N LEU E 45 -3.82 8.42 27.68
CA LEU E 45 -5.17 7.98 27.31
C LEU E 45 -6.20 9.06 27.62
N GLU E 46 -7.19 9.18 26.72
CA GLU E 46 -8.28 10.12 26.87
C GLU E 46 -9.60 9.43 26.56
N TRP E 47 -10.53 9.49 27.50
CA TRP E 47 -11.87 8.95 27.24
C TRP E 47 -12.63 9.83 26.28
N ILE E 48 -13.16 9.24 25.22
CA ILE E 48 -13.93 9.99 24.22
C ILE E 48 -15.41 10.02 24.55
N GLY E 49 -16.00 8.85 24.76
CA GLY E 49 -17.45 8.76 24.96
C GLY E 49 -17.85 7.31 24.91
N ARG E 50 -19.18 7.11 24.98
CA ARG E 50 -19.71 5.76 24.98
C ARG E 50 -21.07 5.73 24.31
N ILE E 51 -21.45 4.53 23.88
CA ILE E 51 -22.82 4.27 23.43
C ILE E 51 -23.41 3.10 24.19
N ASP E 52 -24.74 3.15 24.37
CA ASP E 52 -25.60 2.07 24.81
C ASP E 52 -26.30 1.50 23.57
N PRO E 53 -25.81 0.41 22.97
CA PRO E 53 -26.40 -0.05 21.71
C PRO E 53 -27.82 -0.54 21.86
N GLY E 54 -28.28 -0.77 23.08
CA GLY E 54 -29.65 -1.23 23.28
C GLY E 54 -30.70 -0.16 23.01
N ASP E 55 -30.34 1.11 23.16
CA ASP E 55 -31.28 2.18 22.85
C ASP E 55 -30.67 3.36 22.12
N GLY E 56 -29.40 3.28 21.70
CA GLY E 56 -28.78 4.34 20.96
C GLY E 56 -28.20 5.47 21.77
N ASP E 57 -28.38 5.49 23.09
CA ASP E 57 -28.00 6.66 23.87
C ASP E 57 -26.48 6.77 23.96
N THR E 58 -25.97 7.98 23.82
CA THR E 58 -24.55 8.25 23.86
C THR E 58 -24.22 9.30 24.92
N GLU E 59 -22.95 9.27 25.37
CA GLU E 59 -22.37 10.32 26.20
C GLU E 59 -20.96 10.58 25.70
N TYR E 60 -20.55 11.84 25.70
CA TYR E 60 -19.24 12.24 25.23
C TYR E 60 -18.54 13.13 26.24
N ASP E 61 -17.23 13.07 26.27
CA ASP E 61 -16.46 14.12 26.92
C ASP E 61 -16.67 15.42 26.16
N PRO E 62 -16.86 16.54 26.87
CA PRO E 62 -17.13 17.80 26.16
C PRO E 62 -16.11 18.14 25.07
N SER E 63 -14.85 17.76 25.25
CA SER E 63 -13.86 18.15 24.25
C SER E 63 -14.07 17.43 22.93
N PHE E 64 -14.81 16.32 22.92
CA PHE E 64 -15.04 15.56 21.69
C PHE E 64 -16.44 15.70 21.14
N GLN E 65 -17.32 16.46 21.79
CA GLN E 65 -18.65 16.69 21.24
C GLN E 65 -18.52 17.34 19.87
N GLY E 66 -19.25 16.82 18.90
CA GLY E 66 -19.13 17.33 17.52
C GLY E 66 -18.04 16.68 16.70
N LYS E 67 -16.85 16.59 17.27
CA LYS E 67 -15.74 15.90 16.61
C LYS E 67 -16.05 14.41 16.45
N ALA E 68 -16.58 13.79 17.50
CA ALA E 68 -16.76 12.35 17.53
C ALA E 68 -18.26 12.03 17.52
N THR E 69 -18.63 11.03 16.74
CA THR E 69 -19.97 10.49 16.75
C THR E 69 -19.86 8.98 16.87
N ILE E 70 -20.42 8.42 17.95
CA ILE E 70 -20.41 6.98 18.18
C ILE E 70 -21.75 6.42 17.78
N THR E 71 -21.75 5.34 16.99
CA THR E 71 -22.97 4.63 16.61
C THR E 71 -22.77 3.13 16.78
N ALA E 72 -23.85 2.37 16.65
CA ALA E 72 -23.72 0.94 16.75
C ALA E 72 -24.69 0.26 15.80
N ASP E 73 -24.31 -0.94 15.37
CA ASP E 73 -25.13 -1.84 14.55
C ASP E 73 -25.22 -3.15 15.32
N THR E 74 -26.33 -3.37 16.04
CA THR E 74 -26.42 -4.58 16.85
C THR E 74 -26.51 -5.83 16.00
N SER E 75 -27.06 -5.72 14.78
CA SER E 75 -27.22 -6.90 13.94
C SER E 75 -25.88 -7.49 13.55
N SER E 76 -24.86 -6.65 13.38
CA SER E 76 -23.52 -7.14 13.10
C SER E 76 -22.62 -7.03 14.32
N ASN E 77 -23.16 -6.67 15.47
CA ASN E 77 -22.42 -6.64 16.72
C ASN E 77 -21.22 -5.69 16.62
N THR E 78 -21.41 -4.54 15.99
CA THR E 78 -20.34 -3.64 15.65
C THR E 78 -20.65 -2.24 16.15
N ALA E 79 -19.65 -1.59 16.72
CA ALA E 79 -19.72 -0.20 17.11
C ALA E 79 -18.80 0.62 16.21
N TYR E 80 -19.13 1.87 16.04
CA TYR E 80 -18.40 2.74 15.14
C TYR E 80 -18.08 4.06 15.84
N LEU E 81 -16.94 4.64 15.46
CA LEU E 81 -16.53 5.97 15.85
C LEU E 81 -16.26 6.77 14.58
N GLU E 82 -17.06 7.81 14.37
CA GLU E 82 -16.86 8.72 13.27
C GLU E 82 -16.18 9.97 13.80
N LEU E 83 -15.08 10.36 13.17
CA LEU E 83 -14.34 11.56 13.48
C LEU E 83 -14.43 12.50 12.29
N SER E 84 -14.83 13.75 12.54
CA SER E 84 -15.05 14.70 11.47
C SER E 84 -14.06 15.86 11.53
N SER E 85 -13.95 16.58 10.41
CA SER E 85 -13.11 17.78 10.29
C SER E 85 -11.73 17.53 10.86
N LEU E 86 -11.04 16.52 10.32
CA LEU E 86 -9.83 16.04 10.96
C LEU E 86 -8.70 17.05 10.89
N THR E 87 -7.92 17.11 11.96
CA THR E 87 -6.69 17.87 12.01
C THR E 87 -5.57 17.02 12.58
N SER E 88 -4.34 17.57 12.57
CA SER E 88 -3.20 16.81 13.06
C SER E 88 -3.35 16.41 14.52
N GLU E 89 -4.15 17.14 15.30
CA GLU E 89 -4.39 16.79 16.69
C GLU E 89 -5.20 15.52 16.83
N ASP E 90 -5.82 15.05 15.74
CA ASP E 90 -6.57 13.81 15.76
C ASP E 90 -5.73 12.59 15.42
N THR E 91 -4.48 12.78 15.02
CA THR E 91 -3.56 11.66 14.83
C THR E 91 -3.35 10.98 16.18
N ALA E 92 -3.66 9.69 16.23
CA ALA E 92 -3.69 8.96 17.48
C ALA E 92 -4.07 7.51 17.20
N VAL E 93 -3.85 6.67 18.18
CA VAL E 93 -4.47 5.35 18.21
C VAL E 93 -5.79 5.43 18.97
N TYR E 94 -6.84 4.86 18.40
CA TYR E 94 -8.16 4.85 18.98
C TYR E 94 -8.47 3.43 19.39
N TYR E 95 -8.93 3.26 20.63
CA TYR E 95 -9.32 1.97 21.15
C TYR E 95 -10.81 1.92 21.47
N CYS E 96 -11.41 0.77 21.20
CA CYS E 96 -12.72 0.46 21.73
C CYS E 96 -12.59 -0.42 22.96
N THR E 97 -13.52 -0.23 23.91
CA THR E 97 -13.55 -1.05 25.10
C THR E 97 -15.00 -1.24 25.55
N ARG E 98 -15.19 -2.19 26.46
CA ARG E 98 -16.48 -2.54 27.05
C ARG E 98 -16.46 -2.09 28.50
N PHE E 99 -17.54 -1.44 28.95
CA PHE E 99 -17.67 -1.06 30.33
C PHE E 99 -19.10 -0.65 30.66
N TYR E 100 -19.74 -1.41 31.54
CA TYR E 100 -21.11 -1.12 31.97
C TYR E 100 -20.98 -0.27 33.22
N ASP E 101 -21.24 1.03 33.06
CA ASP E 101 -20.67 2.06 33.93
C ASP E 101 -20.63 1.72 35.43
N TYR E 102 -21.79 1.52 36.02
CA TYR E 102 -21.99 1.43 37.46
C TYR E 102 -21.98 0.00 37.98
N VAL E 103 -21.50 -0.93 37.19
CA VAL E 103 -21.44 -2.34 37.54
C VAL E 103 -20.02 -2.89 37.43
N ASP E 104 -19.38 -2.71 36.27
CA ASP E 104 -18.12 -3.40 35.98
C ASP E 104 -16.98 -2.83 36.83
N TYR E 105 -15.95 -3.65 37.00
CA TYR E 105 -14.84 -3.26 37.86
C TYR E 105 -13.86 -2.27 37.21
N GLY E 106 -13.73 -2.30 35.90
CA GLY E 106 -12.81 -1.45 35.17
C GLY E 106 -13.00 -1.79 33.70
N MET E 107 -12.19 -1.24 32.81
CA MET E 107 -12.31 -1.55 31.38
C MET E 107 -11.49 -2.80 31.12
N ASP E 108 -12.17 -3.96 31.07
CA ASP E 108 -11.52 -5.27 31.12
C ASP E 108 -11.09 -5.76 29.75
N TYR E 109 -11.85 -5.47 28.71
CA TYR E 109 -11.55 -5.92 27.37
C TYR E 109 -11.39 -4.71 26.47
N TRP E 110 -10.31 -4.72 25.70
CA TRP E 110 -9.98 -3.64 24.78
C TRP E 110 -9.72 -4.23 23.40
N GLY E 111 -10.08 -3.45 22.37
CA GLY E 111 -9.60 -3.72 21.04
C GLY E 111 -8.10 -3.53 20.90
N GLN E 112 -7.60 -3.93 19.75
CA GLN E 112 -6.16 -3.83 19.49
C GLN E 112 -5.71 -2.44 19.14
N GLY E 113 -6.64 -1.54 18.93
CA GLY E 113 -6.32 -0.18 18.50
C GLY E 113 -6.38 -0.03 17.00
N THR E 114 -6.72 1.19 16.59
CA THR E 114 -6.68 1.61 15.20
C THR E 114 -5.90 2.91 15.12
N SER E 115 -4.82 2.92 14.32
CA SER E 115 -4.02 4.09 14.11
C SER E 115 -4.65 4.96 13.03
N VAL E 116 -4.90 6.22 13.37
CA VAL E 116 -5.32 7.24 12.42
C VAL E 116 -4.19 8.26 12.28
N THR E 117 -3.81 8.55 11.05
CA THR E 117 -2.82 9.57 10.75
C THR E 117 -3.43 10.61 9.84
N VAL E 118 -3.35 11.89 10.26
CA VAL E 118 -3.89 13.00 9.48
C VAL E 118 -2.73 13.80 8.91
N SER E 119 -2.63 13.85 7.59
CA SER E 119 -1.47 14.51 6.97
C SER E 119 -1.81 14.94 5.55
N SER E 120 -1.21 16.04 5.11
CA SER E 120 -1.29 16.46 3.72
C SER E 120 -0.09 16.00 2.91
N ALA E 121 0.82 15.23 3.49
CA ALA E 121 1.96 14.73 2.74
C ALA E 121 1.55 13.62 1.76
N LYS E 122 2.33 13.45 0.73
CA LYS E 122 2.06 12.45 -0.29
C LYS E 122 2.94 11.23 -0.08
N THR E 123 2.41 10.07 -0.45
CA THR E 123 3.22 8.85 -0.41
C THR E 123 4.45 9.04 -1.27
N THR E 124 5.63 8.76 -0.68
CA THR E 124 6.93 9.02 -1.27
C THR E 124 7.82 7.86 -0.85
N PRO E 125 8.50 7.20 -1.79
CA PRO E 125 9.43 6.12 -1.41
C PRO E 125 10.73 6.68 -0.83
N PRO E 126 11.42 5.89 -0.01
CA PRO E 126 12.68 6.35 0.56
C PRO E 126 13.83 6.27 -0.42
N SER E 127 14.83 7.13 -0.14
CA SER E 127 16.15 6.94 -0.66
C SER E 127 16.91 6.12 0.37
N VAL E 128 17.76 5.20 -0.08
CA VAL E 128 18.48 4.31 0.81
C VAL E 128 19.97 4.46 0.55
N TYR E 129 20.71 4.87 1.57
CA TYR E 129 22.12 5.15 1.40
C TYR E 129 22.94 4.31 2.35
N PRO E 130 24.11 3.86 1.92
CA PRO E 130 24.92 3.02 2.81
C PRO E 130 25.74 3.89 3.74
N LEU E 131 25.97 3.37 4.93
CA LEU E 131 26.84 4.00 5.95
C LEU E 131 28.03 3.06 6.16
N ALA E 132 29.15 3.39 5.52
CA ALA E 132 30.40 2.64 5.69
C ALA E 132 31.43 3.53 6.36
N PRO E 133 32.30 2.96 7.19
CA PRO E 133 33.29 3.79 7.88
C PRO E 133 34.32 4.34 6.91
N GLY E 134 34.90 5.48 7.29
CA GLY E 134 35.94 6.10 6.48
C GLY E 134 37.26 5.35 6.47
N ASN E 140 40.18 -2.55 18.82
CA ASN E 140 40.02 -2.31 17.39
C ASN E 140 39.81 -3.60 16.61
N SER E 141 38.63 -4.26 16.64
CA SER E 141 37.43 -4.00 17.46
C SER E 141 36.29 -4.59 16.59
N MET E 142 35.04 -4.44 17.01
CA MET E 142 33.92 -4.74 16.12
C MET E 142 33.66 -3.55 15.19
N VAL E 143 33.09 -3.83 14.02
CA VAL E 143 32.82 -2.81 13.02
C VAL E 143 31.32 -2.52 13.00
N THR E 144 30.98 -1.23 12.97
CA THR E 144 29.58 -0.78 12.90
C THR E 144 29.32 -0.20 11.51
N LEU E 145 28.28 -0.69 10.87
CA LEU E 145 27.83 -0.30 9.55
C LEU E 145 26.41 0.22 9.68
N GLY E 146 25.90 0.84 8.64
CA GLY E 146 24.52 1.28 8.74
C GLY E 146 23.89 1.53 7.40
N CYS E 147 22.63 1.92 7.46
CA CYS E 147 21.81 2.28 6.31
C CYS E 147 21.01 3.51 6.73
N LEU E 148 20.99 4.51 5.87
CA LEU E 148 20.20 5.72 6.03
C LEU E 148 19.01 5.66 5.07
N VAL E 149 17.81 5.75 5.61
CA VAL E 149 16.57 5.63 4.86
C VAL E 149 15.90 7.00 4.96
N LYS E 150 15.94 7.76 3.89
CA LYS E 150 15.63 9.17 3.92
C LYS E 150 14.48 9.57 3.02
N GLY E 151 13.59 10.41 3.55
CA GLY E 151 12.65 11.09 2.74
C GLY E 151 11.46 10.28 2.29
N TYR E 152 10.84 9.53 3.20
CA TYR E 152 9.70 8.72 2.85
C TYR E 152 8.45 9.14 3.60
N PHE E 153 7.30 8.68 3.07
CA PHE E 153 6.03 8.90 3.73
C PHE E 153 5.06 7.88 3.16
N PRO E 154 4.17 7.32 3.96
CA PRO E 154 4.01 7.41 5.40
C PRO E 154 4.93 6.42 6.08
N GLU E 155 4.88 6.39 7.41
CA GLU E 155 5.48 5.30 8.15
C GLU E 155 4.64 4.04 7.94
N PRO E 156 5.24 2.85 8.12
CA PRO E 156 6.60 2.58 8.53
C PRO E 156 7.49 2.05 7.40
N VAL E 157 8.77 2.01 7.70
CA VAL E 157 9.74 1.20 6.96
C VAL E 157 10.25 0.12 7.90
N THR E 158 10.64 -1.01 7.32
CA THR E 158 11.34 -2.03 8.07
C THR E 158 12.73 -2.22 7.46
N VAL E 159 13.71 -2.51 8.33
CA VAL E 159 15.08 -2.75 7.90
C VAL E 159 15.53 -4.07 8.49
N THR E 160 16.05 -4.96 7.65
CA THR E 160 16.73 -6.15 8.12
C THR E 160 18.13 -6.13 7.52
N TRP E 161 18.97 -7.05 7.97
CA TRP E 161 20.36 -7.16 7.53
C TRP E 161 20.58 -8.61 7.09
N ASN E 162 21.07 -8.76 5.86
CA ASN E 162 21.27 -10.10 5.26
C ASN E 162 20.01 -10.97 5.39
N SER E 163 18.87 -10.35 5.11
CA SER E 163 17.56 -11.01 5.16
C SER E 163 17.29 -11.73 6.47
N GLY E 164 17.80 -11.17 7.58
CA GLY E 164 17.64 -11.74 8.90
C GLY E 164 18.80 -12.59 9.38
N SER E 165 19.74 -12.93 8.51
CA SER E 165 20.90 -13.70 8.96
C SER E 165 21.71 -12.95 10.00
N LEU E 166 21.70 -11.63 9.94
CA LEU E 166 22.39 -10.79 10.93
C LEU E 166 21.29 -10.17 11.80
N SER E 167 21.13 -10.72 12.99
CA SER E 167 20.08 -10.27 13.89
C SER E 167 20.62 -9.66 15.16
N SER E 168 21.78 -10.10 15.64
CA SER E 168 22.38 -9.54 16.83
C SER E 168 23.09 -8.24 16.49
N GLY E 169 23.15 -7.34 17.47
CA GLY E 169 23.88 -6.11 17.25
C GLY E 169 23.21 -5.17 16.26
N VAL E 170 21.91 -5.31 16.06
CA VAL E 170 21.15 -4.45 15.18
C VAL E 170 20.39 -3.43 16.02
N HIS E 171 20.44 -2.18 15.61
CA HIS E 171 19.61 -1.12 16.17
C HIS E 171 18.93 -0.39 15.03
N THR E 172 17.62 -0.26 15.08
CA THR E 172 16.92 0.57 14.10
C THR E 172 16.29 1.73 14.87
N PHE E 173 16.62 2.91 14.50
CA PHE E 173 16.24 4.12 15.20
C PHE E 173 14.85 4.58 14.77
N PRO E 174 14.08 5.16 15.69
CA PRO E 174 12.76 5.65 15.30
C PRO E 174 12.85 6.76 14.28
N ALA E 175 11.86 6.80 13.40
CA ALA E 175 11.85 7.81 12.38
C ALA E 175 11.61 9.18 12.98
N VAL E 176 12.21 10.17 12.35
CA VAL E 176 11.98 11.56 12.66
C VAL E 176 11.60 12.31 11.40
N LEU E 177 10.82 13.37 11.58
CA LEU E 177 10.42 14.23 10.50
C LEU E 177 11.52 15.23 10.20
N GLN E 178 11.89 15.32 8.94
CA GLN E 178 12.89 16.25 8.42
C GLN E 178 12.36 16.74 7.09
N SER E 179 12.10 18.04 6.98
CA SER E 179 11.49 18.63 5.78
C SER E 179 10.15 17.95 5.45
N ASP E 180 9.38 17.64 6.49
CA ASP E 180 8.02 17.10 6.36
C ASP E 180 7.97 15.71 5.72
N LEU E 181 9.09 14.99 5.75
CA LEU E 181 9.17 13.59 5.35
C LEU E 181 9.90 12.86 6.46
N TYR E 182 9.81 11.55 6.48
CA TYR E 182 10.47 10.76 7.50
C TYR E 182 11.87 10.30 7.08
N THR E 183 12.76 10.22 8.06
CA THR E 183 14.08 9.66 7.92
C THR E 183 14.39 8.76 9.11
N LEU E 184 15.00 7.61 8.85
CA LEU E 184 15.54 6.81 9.91
C LEU E 184 16.84 6.19 9.47
N SER E 185 17.53 5.58 10.42
CA SER E 185 18.72 4.83 10.12
C SER E 185 18.70 3.53 10.90
N SER E 186 19.52 2.59 10.47
CA SER E 186 19.71 1.31 11.12
C SER E 186 21.20 1.08 11.21
N SER E 187 21.64 0.50 12.30
CA SER E 187 23.03 0.13 12.48
C SER E 187 23.12 -1.36 12.77
N VAL E 188 24.22 -1.95 12.30
CA VAL E 188 24.55 -3.33 12.59
C VAL E 188 26.02 -3.37 12.97
N THR E 189 26.35 -4.16 13.99
CA THR E 189 27.71 -4.31 14.45
C THR E 189 28.12 -5.76 14.28
N VAL E 190 29.21 -5.99 13.55
CA VAL E 190 29.68 -7.34 13.23
C VAL E 190 31.16 -7.40 13.54
N PRO E 191 31.70 -8.60 13.69
CA PRO E 191 33.16 -8.72 13.87
C PRO E 191 33.90 -8.19 12.67
N SER E 192 35.09 -7.62 12.93
CA SER E 192 35.93 -7.15 11.84
C SER E 192 36.37 -8.28 10.91
N SER E 193 36.38 -9.52 11.40
CA SER E 193 36.64 -10.66 10.55
C SER E 193 35.46 -11.03 9.66
N THR E 194 34.28 -10.45 9.88
CA THR E 194 33.10 -10.75 9.07
C THR E 194 32.95 -9.79 7.89
N TRP E 195 33.18 -8.50 8.09
CA TRP E 195 33.04 -7.54 7.00
C TRP E 195 34.34 -6.77 6.87
N PRO E 196 34.81 -6.53 5.63
CA PRO E 196 34.16 -6.81 4.35
C PRO E 196 34.40 -8.18 3.72
N SER E 197 34.97 -9.13 4.47
CA SER E 197 35.20 -10.48 3.95
C SER E 197 33.91 -11.12 3.44
N GLU E 198 32.80 -10.89 4.11
CA GLU E 198 31.50 -11.37 3.70
C GLU E 198 30.63 -10.19 3.35
N THR E 199 29.64 -10.41 2.50
CA THR E 199 28.74 -9.33 2.12
C THR E 199 27.79 -9.02 3.26
N VAL E 200 27.55 -7.72 3.46
CA VAL E 200 26.57 -7.23 4.40
C VAL E 200 25.65 -6.30 3.63
N THR E 201 24.35 -6.59 3.65
CA THR E 201 23.37 -5.87 2.87
C THR E 201 22.24 -5.47 3.80
N CYS E 202 21.77 -4.24 3.68
CA CYS E 202 20.56 -3.86 4.39
C CYS E 202 19.37 -4.00 3.46
N ASN E 203 18.27 -4.53 4.00
CA ASN E 203 17.08 -4.82 3.20
C ASN E 203 16.01 -3.89 3.73
N VAL E 204 15.56 -2.97 2.91
CA VAL E 204 14.61 -1.93 3.30
C VAL E 204 13.28 -2.19 2.61
N ALA E 205 12.20 -2.16 3.38
CA ALA E 205 10.87 -2.29 2.82
C ALA E 205 10.01 -1.11 3.24
N HIS E 206 9.32 -0.52 2.27
CA HIS E 206 8.36 0.55 2.50
C HIS E 206 7.08 0.10 1.82
N PRO E 207 6.23 -0.64 2.51
CA PRO E 207 5.06 -1.24 1.83
C PRO E 207 4.10 -0.22 1.27
N ALA E 208 3.98 0.96 1.87
CA ALA E 208 3.04 1.94 1.35
C ALA E 208 3.38 2.38 -0.07
N SER E 209 4.65 2.31 -0.47
CA SER E 209 5.07 2.68 -1.84
C SER E 209 5.41 1.46 -2.67
N SER E 210 5.18 0.26 -2.15
CA SER E 210 5.57 -0.98 -2.82
C SER E 210 7.06 -1.01 -3.12
N THR E 211 7.86 -0.52 -2.19
CA THR E 211 9.31 -0.42 -2.36
C THR E 211 10.02 -1.49 -1.54
N LYS E 212 10.92 -2.19 -2.20
CA LYS E 212 11.86 -3.09 -1.55
C LYS E 212 13.23 -2.79 -2.16
N VAL E 213 14.19 -2.48 -1.30
CA VAL E 213 15.53 -2.09 -1.75
C VAL E 213 16.54 -2.91 -0.96
N ASP E 214 17.50 -3.51 -1.65
CA ASP E 214 18.65 -4.12 -1.00
C ASP E 214 19.83 -3.22 -1.32
N LYS E 215 20.59 -2.86 -0.30
CA LYS E 215 21.78 -2.05 -0.48
C LYS E 215 22.96 -2.76 0.17
N LYS E 216 23.92 -3.20 -0.66
CA LYS E 216 25.15 -3.79 -0.14
C LYS E 216 26.03 -2.68 0.41
N ILE E 217 26.62 -2.93 1.57
CA ILE E 217 27.53 -1.98 2.20
C ILE E 217 28.93 -2.31 1.70
N GLU E 218 29.52 -1.44 0.93
CA GLU E 218 30.83 -1.67 0.35
C GLU E 218 31.85 -0.79 1.02
N PRO E 219 33.08 -1.30 1.24
CA PRO E 219 34.12 -0.46 1.84
C PRO E 219 34.42 0.72 0.94
N ARG E 220 34.76 1.83 1.57
CA ARG E 220 35.09 3.05 0.82
C ARG E 220 36.46 2.94 0.16
N ASP F 1 -16.49 16.98 37.78
CA ASP F 1 -15.39 16.30 37.04
C ASP F 1 -14.18 16.15 37.95
N ILE F 2 -13.35 15.15 37.64
CA ILE F 2 -12.16 14.85 38.42
C ILE F 2 -10.98 14.79 37.45
N GLN F 3 -9.90 15.49 37.78
CA GLN F 3 -8.64 15.40 37.06
C GLN F 3 -7.69 14.46 37.80
N MET F 4 -6.94 13.66 37.04
CA MET F 4 -6.04 12.66 37.57
C MET F 4 -4.60 12.96 37.18
N THR F 5 -3.67 12.91 38.15
CA THR F 5 -2.25 13.05 37.85
C THR F 5 -1.48 11.88 38.46
N GLN F 6 -0.35 11.56 37.85
CA GLN F 6 0.49 10.45 38.30
C GLN F 6 1.91 10.91 38.53
N SER F 7 2.60 10.23 39.45
CA SER F 7 3.98 10.54 39.76
C SER F 7 4.66 9.22 40.08
N PRO F 8 5.92 9.04 39.65
CA PRO F 8 6.70 9.96 38.83
C PRO F 8 6.32 9.77 37.36
N ALA F 9 6.70 10.72 36.51
CA ALA F 9 6.48 10.55 35.08
C ALA F 9 7.22 9.32 34.55
N SER F 10 8.40 9.06 35.10
CA SER F 10 9.22 7.93 34.68
C SER F 10 10.08 7.48 35.85
N LEU F 11 10.41 6.19 35.86
CA LEU F 11 11.12 5.59 36.96
C LEU F 11 11.94 4.44 36.40
N SER F 12 13.19 4.33 36.83
CA SER F 12 14.02 3.19 36.51
C SER F 12 14.23 2.35 37.75
N ALA F 13 14.11 1.03 37.59
CA ALA F 13 14.30 0.15 38.74
C ALA F 13 14.86 -1.17 38.27
N SER F 14 15.53 -1.86 39.19
CA SER F 14 16.19 -3.11 38.85
C SER F 14 15.25 -4.28 39.04
N VAL F 15 15.45 -5.33 38.23
CA VAL F 15 14.73 -6.58 38.43
C VAL F 15 14.97 -7.03 39.87
N GLY F 16 13.90 -7.46 40.53
CA GLY F 16 13.95 -7.80 41.93
C GLY F 16 13.71 -6.66 42.90
N GLU F 17 13.73 -5.41 42.43
CA GLU F 17 13.49 -4.26 43.29
C GLU F 17 11.98 -4.08 43.50
N THR F 18 11.63 -3.26 44.48
CA THR F 18 10.24 -2.92 44.79
C THR F 18 10.04 -1.45 44.52
N VAL F 19 8.96 -1.10 43.82
CA VAL F 19 8.71 0.29 43.47
C VAL F 19 7.28 0.66 43.87
N THR F 20 7.07 1.95 44.05
CA THR F 20 5.74 2.49 44.32
C THR F 20 5.48 3.67 43.41
N ILE F 21 4.34 3.64 42.71
CA ILE F 21 3.95 4.76 41.88
C ILE F 21 2.63 5.30 42.43
N THR F 22 2.37 6.58 42.17
CA THR F 22 1.31 7.33 42.81
C THR F 22 0.33 7.91 41.80
N CYS F 23 -0.95 7.96 42.19
CA CYS F 23 -2.02 8.61 41.44
C CYS F 23 -2.70 9.58 42.39
N ARG F 24 -2.94 10.81 41.93
CA ARG F 24 -3.63 11.81 42.71
C ARG F 24 -4.84 12.31 41.95
N ALA F 25 -5.99 12.31 42.61
CA ALA F 25 -7.23 12.84 42.06
C ALA F 25 -7.42 14.25 42.58
N SER F 26 -8.07 15.09 41.77
CA SER F 26 -8.29 16.47 42.18
C SER F 26 -9.35 16.60 43.26
N GLY F 27 -10.22 15.59 43.39
CA GLY F 27 -11.16 15.51 44.49
C GLY F 27 -11.27 14.07 44.98
N ASN F 28 -12.00 13.89 46.07
CA ASN F 28 -12.10 12.60 46.73
C ASN F 28 -12.87 11.66 45.80
N ILE F 29 -12.27 10.53 45.46
CA ILE F 29 -12.90 9.58 44.55
C ILE F 29 -13.29 8.29 45.27
N HIS F 30 -13.09 8.21 46.58
CA HIS F 30 -13.72 7.18 47.40
C HIS F 30 -13.37 5.77 46.93
N ASN F 31 -12.12 5.57 46.52
CA ASN F 31 -11.58 4.29 46.12
C ASN F 31 -12.12 3.80 44.79
N TYR F 32 -12.83 4.63 44.02
CA TYR F 32 -13.35 4.23 42.71
C TYR F 32 -12.24 4.49 41.69
N LEU F 33 -11.25 3.61 41.70
CA LEU F 33 -9.99 3.83 40.98
C LEU F 33 -9.48 2.52 40.41
N ALA F 34 -9.09 2.53 39.15
CA ALA F 34 -8.52 1.39 38.48
C ALA F 34 -7.09 1.72 38.04
N TRP F 35 -6.26 0.70 37.99
CA TRP F 35 -4.92 0.79 37.43
C TRP F 35 -4.82 -0.15 36.23
N TYR F 36 -4.05 0.29 35.22
CA TYR F 36 -3.83 -0.44 34.00
C TYR F 36 -2.33 -0.49 33.72
N GLN F 37 -1.89 -1.57 33.07
CA GLN F 37 -0.55 -1.68 32.51
C GLN F 37 -0.68 -1.62 31.00
N GLN F 38 0.27 -0.95 30.35
CA GLN F 38 0.32 -0.95 28.90
C GLN F 38 1.73 -1.20 28.43
N LYS F 39 1.92 -2.30 27.70
CA LYS F 39 3.21 -2.58 27.07
C LYS F 39 3.26 -1.88 25.73
N GLN F 40 4.48 -1.55 25.29
CA GLN F 40 4.65 -0.84 24.02
C GLN F 40 3.90 -1.54 22.89
N GLY F 41 3.14 -0.78 22.13
CA GLY F 41 2.41 -1.30 20.99
C GLY F 41 1.19 -2.13 21.29
N LYS F 42 0.82 -2.32 22.56
CA LYS F 42 -0.34 -3.12 22.91
C LYS F 42 -1.39 -2.25 23.60
N SER F 43 -2.58 -2.82 23.78
CA SER F 43 -3.64 -2.09 24.46
C SER F 43 -3.44 -2.21 25.97
N PRO F 44 -4.00 -1.27 26.73
CA PRO F 44 -3.94 -1.38 28.19
C PRO F 44 -4.64 -2.66 28.65
N GLN F 45 -4.19 -3.16 29.81
CA GLN F 45 -4.82 -4.25 30.51
C GLN F 45 -5.10 -3.85 31.95
N LEU F 46 -6.28 -4.25 32.46
CA LEU F 46 -6.68 -3.92 33.82
C LEU F 46 -5.88 -4.72 34.84
N LEU F 47 -5.33 -4.02 35.83
CA LEU F 47 -4.52 -4.64 36.88
C LEU F 47 -5.23 -4.69 38.22
N VAL F 48 -5.80 -3.55 38.64
CA VAL F 48 -6.35 -3.37 39.98
C VAL F 48 -7.60 -2.55 39.82
N TYR F 49 -8.62 -2.87 40.62
CA TYR F 49 -9.84 -2.08 40.63
C TYR F 49 -10.27 -1.85 42.08
N ASN F 50 -11.12 -0.86 42.26
CA ASN F 50 -11.54 -0.41 43.60
C ASN F 50 -10.32 -0.13 44.46
N ALA F 51 -9.28 0.40 43.81
CA ALA F 51 -8.04 0.85 44.41
C ALA F 51 -7.14 -0.28 44.90
N LYS F 52 -7.71 -1.39 45.40
CA LYS F 52 -6.93 -2.41 46.09
C LYS F 52 -7.18 -3.85 45.66
N THR F 53 -8.13 -4.11 44.79
CA THR F 53 -8.48 -5.47 44.43
C THR F 53 -7.82 -5.85 43.12
N LEU F 54 -7.06 -6.93 43.12
CA LEU F 54 -6.39 -7.35 41.91
C LEU F 54 -7.40 -7.96 40.95
N ALA F 55 -7.26 -7.62 39.67
CA ALA F 55 -8.07 -8.21 38.63
C ALA F 55 -7.66 -9.66 38.40
N ASP F 56 -8.56 -10.40 37.76
CA ASP F 56 -8.25 -11.80 37.49
C ASP F 56 -7.04 -11.88 36.57
N GLY F 57 -6.13 -12.79 36.90
CA GLY F 57 -4.96 -13.02 36.07
C GLY F 57 -3.82 -12.06 36.30
N VAL F 58 -3.81 -11.38 37.44
CA VAL F 58 -2.77 -10.42 37.80
C VAL F 58 -1.94 -11.01 38.93
N PRO F 59 -0.62 -10.97 38.85
CA PRO F 59 0.21 -11.49 39.94
C PRO F 59 0.07 -10.71 41.24
N SER F 60 0.16 -11.44 42.36
CA SER F 60 0.01 -10.84 43.69
C SER F 60 1.17 -9.93 44.08
N ARG F 61 2.26 -9.87 43.29
CA ARG F 61 3.29 -8.87 43.58
C ARG F 61 2.82 -7.45 43.35
N PHE F 62 1.72 -7.28 42.62
CA PHE F 62 1.05 -5.98 42.54
C PHE F 62 0.14 -5.78 43.75
N SER F 63 0.18 -4.57 44.29
CA SER F 63 -0.70 -4.22 45.38
C SER F 63 -1.12 -2.78 45.25
N GLY F 64 -2.41 -2.51 45.40
CA GLY F 64 -2.93 -1.17 45.35
C GLY F 64 -3.36 -0.74 46.74
N SER F 65 -3.18 0.54 47.04
CA SER F 65 -3.62 1.10 48.32
C SER F 65 -3.97 2.57 48.14
N GLY F 66 -4.49 3.16 49.20
CA GLY F 66 -4.77 4.57 49.19
C GLY F 66 -6.20 4.86 49.60
N SER F 67 -6.53 6.14 49.59
CA SER F 67 -7.83 6.63 49.99
C SER F 67 -7.93 8.08 49.56
N GLY F 68 -9.16 8.58 49.54
CA GLY F 68 -9.42 9.98 49.26
C GLY F 68 -8.95 10.38 47.88
N THR F 69 -7.90 11.20 47.87
CA THR F 69 -7.32 11.71 46.64
C THR F 69 -5.99 11.08 46.28
N GLN F 70 -5.42 10.20 47.10
CA GLN F 70 -4.07 9.75 46.85
C GLN F 70 -4.02 8.24 46.89
N TYR F 71 -3.55 7.65 45.79
CA TYR F 71 -3.52 6.20 45.61
C TYR F 71 -2.16 5.76 45.17
N SER F 72 -1.83 4.52 45.52
CA SER F 72 -0.51 3.98 45.25
C SER F 72 -0.65 2.61 44.60
N LEU F 73 0.25 2.32 43.66
CA LEU F 73 0.42 0.98 43.12
C LEU F 73 1.83 0.55 43.48
N LYS F 74 1.96 -0.53 44.22
CA LYS F 74 3.27 -1.06 44.62
C LYS F 74 3.52 -2.35 43.86
N ILE F 75 4.72 -2.49 43.34
CA ILE F 75 5.12 -3.73 42.68
C ILE F 75 6.28 -4.31 43.46
N ASN F 76 6.06 -5.48 44.05
CA ASN F 76 7.10 -6.18 44.79
C ASN F 76 7.90 -7.06 43.85
N SER F 77 9.22 -7.04 44.02
CA SER F 77 10.10 -8.00 43.34
C SER F 77 9.90 -7.96 41.82
N LEU F 78 10.16 -6.78 41.25
CA LEU F 78 9.91 -6.56 39.83
C LEU F 78 10.44 -7.69 38.97
N GLN F 79 9.66 -8.05 37.95
CA GLN F 79 10.03 -9.04 36.95
C GLN F 79 10.14 -8.36 35.59
N PRO F 80 10.89 -8.91 34.67
CA PRO F 80 11.03 -8.25 33.36
C PRO F 80 9.72 -7.92 32.65
N GLU F 81 8.68 -8.74 32.83
CA GLU F 81 7.42 -8.47 32.15
C GLU F 81 6.69 -7.27 32.75
N ASP F 82 7.18 -6.70 33.85
CA ASP F 82 6.50 -5.59 34.50
C ASP F 82 6.87 -4.23 33.92
N PHE F 83 7.93 -4.13 33.14
CA PHE F 83 8.34 -2.84 32.61
C PHE F 83 7.44 -2.44 31.48
N GLY F 84 7.06 -1.19 31.49
CA GLY F 84 6.03 -0.67 30.62
C GLY F 84 5.40 0.56 31.26
N SER F 85 4.23 0.95 30.78
CA SER F 85 3.56 2.12 31.30
C SER F 85 2.37 1.72 32.16
N TYR F 86 2.08 2.55 33.13
CA TYR F 86 0.99 2.34 34.06
C TYR F 86 0.10 3.56 34.09
N TYR F 87 -1.22 3.34 34.07
CA TYR F 87 -2.18 4.42 34.07
C TYR F 87 -3.22 4.16 35.14
N CYS F 88 -3.70 5.22 35.77
CA CYS F 88 -4.88 5.11 36.64
C CYS F 88 -6.08 5.76 35.96
N GLN F 89 -7.28 5.38 36.44
CA GLN F 89 -8.54 5.92 35.92
C GLN F 89 -9.53 5.92 37.06
N HIS F 90 -10.33 6.98 37.17
CA HIS F 90 -11.35 7.02 38.21
C HIS F 90 -12.72 6.65 37.61
N PHE F 91 -13.59 6.17 38.48
CA PHE F 91 -15.00 5.87 38.14
C PHE F 91 -15.96 6.50 39.13
N TRP F 92 -15.61 7.66 39.65
CA TRP F 92 -16.40 8.30 40.66
C TRP F 92 -17.48 9.18 40.02
N SER F 93 -18.73 8.96 40.45
CA SER F 93 -19.90 9.79 40.15
C SER F 93 -20.37 9.60 38.71
N THR F 94 -19.88 10.41 37.79
CA THR F 94 -20.34 10.38 36.41
C THR F 94 -19.15 10.63 35.47
N PRO F 95 -19.30 10.23 34.22
CA PRO F 95 -18.23 10.51 33.23
C PRO F 95 -17.98 12.01 33.14
N PRO F 96 -16.82 12.42 32.62
CA PRO F 96 -15.83 11.54 32.00
C PRO F 96 -15.04 10.64 32.95
N TRP F 97 -14.71 9.42 32.52
CA TRP F 97 -13.92 8.48 33.30
C TRP F 97 -12.45 8.71 32.98
N THR F 98 -11.89 9.74 33.59
CA THR F 98 -10.61 10.28 33.16
C THR F 98 -9.43 9.44 33.62
N PHE F 99 -8.41 9.38 32.78
CA PHE F 99 -7.17 8.69 33.08
C PHE F 99 -6.09 9.67 33.56
N GLY F 100 -5.18 9.15 34.38
CA GLY F 100 -3.94 9.86 34.66
C GLY F 100 -3.02 9.86 33.48
N GLY F 101 -1.95 10.67 33.57
CA GLY F 101 -1.07 10.86 32.44
C GLY F 101 -0.08 9.75 32.17
N GLY F 102 0.04 8.82 33.10
CA GLY F 102 0.88 7.66 32.95
C GLY F 102 2.21 7.80 33.65
N THR F 103 2.78 6.65 34.01
CA THR F 103 4.13 6.51 34.54
C THR F 103 4.83 5.41 33.75
N LYS F 104 5.99 5.73 33.18
CA LYS F 104 6.80 4.77 32.44
C LYS F 104 7.84 4.14 33.37
N LEU F 105 7.81 2.82 33.47
CA LEU F 105 8.76 2.08 34.30
C LEU F 105 9.78 1.42 33.39
N GLU F 106 11.05 1.80 33.58
CA GLU F 106 12.16 1.32 32.78
C GLU F 106 13.13 0.53 33.65
N VAL F 107 14.05 -0.20 32.99
CA VAL F 107 14.96 -1.09 33.70
C VAL F 107 16.21 -0.32 34.07
N LYS F 108 16.63 -0.44 35.33
CA LYS F 108 17.89 0.13 35.76
C LYS F 108 18.98 -0.92 35.63
N ARG F 109 20.14 -0.51 35.12
CA ARG F 109 21.28 -1.38 34.97
C ARG F 109 22.51 -0.55 35.25
N ALA F 110 23.67 -1.21 35.17
CA ALA F 110 24.93 -0.51 35.40
C ALA F 110 25.17 0.53 34.30
N ASP F 111 25.80 1.64 34.70
CA ASP F 111 26.14 2.66 33.72
C ASP F 111 27.06 2.08 32.65
N ALA F 112 26.93 2.62 31.44
CA ALA F 112 27.77 2.20 30.33
C ALA F 112 28.01 3.38 29.40
N ALA F 113 29.26 3.55 28.96
CA ALA F 113 29.56 4.63 28.05
C ALA F 113 29.16 4.25 26.61
N PRO F 114 28.83 5.23 25.77
CA PRO F 114 28.45 4.91 24.39
C PRO F 114 29.63 4.48 23.55
N THR F 115 29.33 3.62 22.59
CA THR F 115 30.26 3.32 21.50
C THR F 115 29.89 4.22 20.33
N VAL F 116 30.83 5.08 19.93
CA VAL F 116 30.54 6.16 18.99
C VAL F 116 31.15 5.80 17.64
N SER F 117 30.35 5.95 16.58
CA SER F 117 30.78 5.76 15.21
C SER F 117 30.30 6.91 14.35
N ILE F 118 31.14 7.42 13.46
CA ILE F 118 30.79 8.51 12.55
C ILE F 118 30.90 8.02 11.11
N PHE F 119 30.01 8.50 10.25
CA PHE F 119 29.97 8.09 8.89
C PHE F 119 29.86 9.29 7.96
N PRO F 120 30.73 9.39 6.97
CA PRO F 120 30.59 10.43 5.96
C PRO F 120 29.41 10.14 5.04
N PRO F 121 28.98 11.16 4.27
CA PRO F 121 27.99 10.90 3.23
C PRO F 121 28.46 9.86 2.25
N SER F 122 27.51 9.10 1.75
CA SER F 122 27.80 8.14 0.70
C SER F 122 27.97 8.85 -0.64
N SER F 123 28.76 8.23 -1.51
CA SER F 123 28.91 8.78 -2.85
C SER F 123 27.56 8.83 -3.56
N GLU F 124 26.66 7.88 -3.26
CA GLU F 124 25.34 7.88 -3.89
C GLU F 124 24.54 9.13 -3.48
N GLN F 125 24.57 9.49 -2.20
CA GLN F 125 23.86 10.69 -1.79
C GLN F 125 24.50 11.95 -2.39
N LEU F 126 25.83 12.04 -2.38
CA LEU F 126 26.49 13.21 -2.94
C LEU F 126 26.16 13.38 -4.41
N THR F 127 26.07 12.29 -5.16
CA THR F 127 25.70 12.38 -6.57
C THR F 127 24.29 12.94 -6.74
N SER F 128 23.42 12.71 -5.77
CA SER F 128 22.08 13.30 -5.83
C SER F 128 22.04 14.74 -5.34
N GLY F 129 23.16 15.29 -4.84
CA GLY F 129 23.25 16.66 -4.42
C GLY F 129 23.12 16.89 -2.92
N GLY F 130 23.04 15.84 -2.12
CA GLY F 130 22.86 15.97 -0.69
C GLY F 130 24.05 15.42 0.07
N ALA F 131 24.07 15.67 1.38
CA ALA F 131 25.14 15.15 2.21
C ALA F 131 24.68 15.06 3.66
N SER F 132 24.43 13.85 4.12
CA SER F 132 24.09 13.62 5.51
C SER F 132 25.26 12.97 6.20
N VAL F 133 25.66 13.54 7.33
CA VAL F 133 26.72 12.97 8.16
C VAL F 133 26.02 12.35 9.36
N VAL F 134 26.32 11.10 9.67
CA VAL F 134 25.61 10.35 10.71
C VAL F 134 26.57 9.93 11.79
N CYS F 135 26.11 10.00 13.03
CA CYS F 135 26.84 9.53 14.19
C CYS F 135 25.94 8.61 14.98
N PHE F 136 26.40 7.40 15.29
CA PHE F 136 25.67 6.48 16.15
C PHE F 136 26.36 6.48 17.51
N LEU F 137 25.56 6.57 18.57
CA LEU F 137 25.99 6.48 19.97
C LEU F 137 25.27 5.25 20.50
N ASN F 138 25.97 4.12 20.57
CA ASN F 138 25.30 2.85 20.81
C ASN F 138 25.59 2.28 22.19
N ASN F 139 24.56 1.67 22.77
CA ASN F 139 24.64 0.79 23.92
C ASN F 139 25.18 1.49 25.16
N PHE F 140 24.50 2.58 25.55
CA PHE F 140 24.88 3.34 26.71
C PHE F 140 23.77 3.34 27.75
N TYR F 141 24.12 3.71 29.00
CA TYR F 141 23.14 3.79 30.06
C TYR F 141 23.71 4.72 31.11
N PRO F 142 22.91 5.64 31.69
CA PRO F 142 21.48 5.92 31.47
C PRO F 142 21.22 6.66 30.15
N LYS F 143 19.96 7.07 29.94
CA LYS F 143 19.50 7.53 28.62
C LYS F 143 19.95 8.94 28.31
N ASP F 144 20.21 9.76 29.33
CA ASP F 144 20.60 11.14 29.10
C ASP F 144 21.97 11.17 28.44
N ILE F 145 22.09 11.94 27.37
CA ILE F 145 23.36 12.05 26.65
C ILE F 145 23.33 13.31 25.81
N ASN F 146 24.49 13.87 25.57
CA ASN F 146 24.58 15.10 24.80
C ASN F 146 25.51 14.84 23.64
N VAL F 147 25.12 15.35 22.48
CA VAL F 147 25.95 15.24 21.29
C VAL F 147 26.23 16.63 20.76
N LYS F 148 27.47 16.87 20.39
CA LYS F 148 27.89 18.12 19.81
C LYS F 148 28.59 17.82 18.49
N TRP F 149 28.19 18.54 17.45
CA TRP F 149 28.87 18.49 16.16
C TRP F 149 29.83 19.67 16.02
N LYS F 150 31.00 19.39 15.48
CA LYS F 150 31.97 20.42 15.13
C LYS F 150 32.36 20.24 13.68
N ILE F 151 32.40 21.35 12.95
CA ILE F 151 32.88 21.37 11.57
C ILE F 151 34.09 22.29 11.56
N ASP F 152 35.24 21.76 11.18
CA ASP F 152 36.50 22.52 11.22
C ASP F 152 36.67 23.21 12.57
N GLY F 153 36.29 22.51 13.64
CA GLY F 153 36.52 22.96 14.99
C GLY F 153 35.48 23.89 15.57
N SER F 154 34.49 24.31 14.76
CA SER F 154 33.44 25.21 15.24
C SER F 154 32.14 24.42 15.42
N GLU F 155 31.44 24.72 16.52
CA GLU F 155 30.21 24.01 16.83
C GLU F 155 29.13 24.33 15.82
N ARG F 156 28.39 23.30 15.41
CA ARG F 156 27.30 23.42 14.46
C ARG F 156 26.04 22.90 15.12
N GLN F 157 25.01 23.74 15.20
CA GLN F 157 23.73 23.36 15.78
C GLN F 157 22.62 23.18 14.75
N ASN F 158 22.60 23.99 13.70
CA ASN F 158 21.52 23.92 12.72
C ASN F 158 21.71 22.71 11.80
N GLY F 159 20.60 22.08 11.46
CA GLY F 159 20.60 20.91 10.61
C GLY F 159 20.84 19.59 11.31
N VAL F 160 20.73 19.53 12.63
CA VAL F 160 21.01 18.32 13.39
C VAL F 160 19.70 17.76 13.93
N LEU F 161 19.51 16.44 13.73
CA LEU F 161 18.38 15.72 14.27
C LEU F 161 18.83 14.47 15.01
N ASN F 162 18.22 14.21 16.16
CA ASN F 162 18.58 13.09 17.02
C ASN F 162 17.39 12.17 17.21
N SER F 163 17.67 10.88 17.36
CA SER F 163 16.65 9.88 17.62
C SER F 163 17.18 8.83 18.58
N TRP F 164 16.47 8.60 19.68
CA TRP F 164 16.81 7.57 20.64
C TRP F 164 15.98 6.30 20.42
N THR F 165 16.59 5.15 20.63
CA THR F 165 15.86 3.91 20.66
C THR F 165 15.12 3.77 22.00
N ASP F 166 14.14 2.89 22.03
CA ASP F 166 13.64 2.41 23.31
C ASP F 166 14.70 1.53 23.96
N GLN F 167 14.51 1.24 25.22
CA GLN F 167 15.45 0.40 25.93
C GLN F 167 15.55 -0.97 25.26
N ASP F 168 16.79 -1.44 25.09
CA ASP F 168 17.03 -2.70 24.40
C ASP F 168 16.58 -3.87 25.27
N SER F 169 15.86 -4.82 24.66
CA SER F 169 15.30 -5.93 25.42
C SER F 169 16.37 -6.88 25.96
N LYS F 170 17.51 -6.96 25.28
CA LYS F 170 18.57 -7.88 25.72
C LYS F 170 19.40 -7.29 26.85
N ASP F 171 20.05 -6.16 26.62
CA ASP F 171 21.01 -5.61 27.58
C ASP F 171 20.55 -4.34 28.29
N SER F 172 19.34 -3.87 28.01
CA SER F 172 18.73 -2.75 28.71
C SER F 172 19.43 -1.43 28.51
N THR F 173 20.26 -1.33 27.48
CA THR F 173 20.90 -0.09 27.13
C THR F 173 20.03 0.70 26.19
N TYR F 174 20.46 1.93 25.94
CA TYR F 174 19.89 2.81 24.96
C TYR F 174 20.90 3.06 23.85
N SER F 175 20.39 3.45 22.68
CA SER F 175 21.23 3.94 21.60
C SER F 175 20.60 5.19 21.03
N MET F 176 21.41 5.98 20.32
CA MET F 176 20.90 7.19 19.71
C MET F 176 21.64 7.43 18.41
N SER F 177 20.94 7.97 17.42
CA SER F 177 21.58 8.45 16.21
C SER F 177 21.48 9.96 16.15
N SER F 178 22.50 10.60 15.61
CA SER F 178 22.50 12.03 15.38
C SER F 178 22.90 12.23 13.93
N THR F 179 22.13 13.04 13.20
CA THR F 179 22.32 13.22 11.76
C THR F 179 22.40 14.70 11.47
N LEU F 180 23.49 15.11 10.83
CA LEU F 180 23.69 16.45 10.34
C LEU F 180 23.43 16.45 8.85
N THR F 181 22.39 17.16 8.42
CA THR F 181 22.01 17.20 7.01
C THR F 181 22.49 18.48 6.38
N LEU F 182 23.29 18.36 5.31
CA LEU F 182 23.87 19.46 4.58
C LEU F 182 23.59 19.28 3.08
N THR F 183 23.79 20.34 2.29
CA THR F 183 23.86 20.16 0.85
C THR F 183 25.27 19.66 0.47
N LYS F 184 25.38 19.08 -0.73
CA LYS F 184 26.70 18.68 -1.20
C LYS F 184 27.65 19.87 -1.19
N ASP F 185 27.15 21.03 -1.64
CA ASP F 185 28.02 22.21 -1.73
C ASP F 185 28.52 22.67 -0.36
N GLU F 186 27.64 22.67 0.64
CA GLU F 186 28.06 23.03 1.99
C GLU F 186 29.06 22.02 2.54
N TYR F 187 28.77 20.74 2.38
CA TYR F 187 29.69 19.71 2.84
C TYR F 187 31.06 19.88 2.25
N GLU F 188 31.14 20.19 0.97
CA GLU F 188 32.42 20.30 0.28
C GLU F 188 33.17 21.60 0.59
N ARG F 189 32.60 22.51 1.36
CA ARG F 189 33.31 23.72 1.73
C ARG F 189 34.06 23.59 3.05
N HIS F 190 34.03 22.43 3.70
CA HIS F 190 34.67 22.20 4.98
C HIS F 190 35.44 20.89 4.93
N ASN F 191 36.31 20.70 5.90
CA ASN F 191 37.25 19.59 5.87
C ASN F 191 36.97 18.53 6.93
N SER F 192 36.96 18.90 8.19
CA SER F 192 36.89 17.94 9.29
C SER F 192 35.50 18.00 9.92
N TYR F 193 34.91 16.83 10.12
CA TYR F 193 33.60 16.68 10.74
C TYR F 193 33.79 15.81 11.96
N THR F 194 33.24 16.26 13.10
CA THR F 194 33.43 15.61 14.38
C THR F 194 32.10 15.54 15.13
N CYS F 195 31.85 14.41 15.75
CA CYS F 195 30.75 14.27 16.71
C CYS F 195 31.37 13.99 18.08
N GLU F 196 30.90 14.70 19.10
CA GLU F 196 31.41 14.60 20.46
C GLU F 196 30.26 14.25 21.37
N ALA F 197 30.35 13.13 22.05
CA ALA F 197 29.30 12.66 22.95
C ALA F 197 29.74 12.87 24.38
N THR F 198 28.89 13.51 25.18
CA THR F 198 29.13 13.70 26.60
C THR F 198 28.04 12.96 27.38
N HIS F 199 28.48 12.08 28.28
CA HIS F 199 27.60 11.16 29.00
C HIS F 199 28.06 11.10 30.45
N LYS F 200 27.14 10.80 31.36
CA LYS F 200 27.48 10.90 32.78
C LYS F 200 28.68 10.05 33.16
N THR F 201 29.02 9.06 32.35
CA THR F 201 30.11 8.15 32.65
C THR F 201 31.48 8.83 32.64
N SER F 202 31.62 10.02 32.02
CA SER F 202 32.90 10.72 32.07
C SER F 202 32.71 12.20 31.82
N THR F 203 33.54 13.03 32.48
CA THR F 203 33.52 14.45 32.14
C THR F 203 34.17 14.71 30.77
N SER F 204 34.95 13.76 30.26
CA SER F 204 35.60 13.97 28.95
C SER F 204 34.70 13.44 27.85
N PRO F 205 34.49 14.19 26.76
CA PRO F 205 33.65 13.67 25.68
C PRO F 205 34.36 12.54 24.95
N ILE F 206 33.53 11.70 24.32
CA ILE F 206 34.03 10.71 23.36
C ILE F 206 33.91 11.33 21.98
N VAL F 207 35.03 11.39 21.26
CA VAL F 207 35.15 12.17 20.03
C VAL F 207 35.45 11.24 18.87
N LYS F 208 34.68 11.36 17.81
CA LYS F 208 34.98 10.69 16.55
C LYS F 208 34.95 11.69 15.42
N SER F 209 35.89 11.57 14.49
CA SER F 209 36.02 12.55 13.43
C SER F 209 36.40 11.87 12.13
N PHE F 210 36.17 12.56 11.02
CA PHE F 210 36.78 12.23 9.76
C PHE F 210 37.11 13.51 9.00
N ASN F 211 38.01 13.39 8.03
CA ASN F 211 38.38 14.48 7.14
C ASN F 211 37.95 14.12 5.72
N ARG F 212 37.15 14.99 5.10
CA ARG F 212 36.68 14.78 3.74
C ARG F 212 37.80 14.66 2.71
N ASN F 213 38.97 15.18 3.03
CA ASN F 213 40.09 15.05 2.10
C ASN F 213 40.81 13.71 2.23
N ASN F 214 40.39 12.90 3.19
CA ASN F 214 41.02 11.63 3.57
C ASN F 214 42.41 11.84 4.16
C1 NAG G . 43.81 -9.76 -15.32
C2 NAG G . 43.64 -9.40 -13.85
C3 NAG G . 43.20 -7.94 -13.73
C4 NAG G . 44.10 -7.00 -14.54
C5 NAG G . 44.34 -7.54 -15.94
C6 NAG G . 45.45 -6.79 -16.67
C7 NAG G . 43.04 -11.18 -12.27
C8 NAG G . 41.92 -12.02 -11.71
N2 NAG G . 42.69 -10.28 -13.20
O3 NAG G . 43.23 -7.57 -12.35
O4 NAG G . 43.48 -5.60 -14.57
O5 NAG G . 44.76 -8.91 -15.92
O6 NAG G . 46.72 -7.05 -16.08
O7 NAG G . 44.21 -11.31 -11.90
C1 NAG G . 44.36 -4.58 -14.21
C2 NAG G . 43.80 -3.20 -14.49
C3 NAG G . 44.81 -2.13 -14.04
C4 NAG G . 45.20 -2.34 -12.59
C5 NAG G . 45.67 -3.78 -12.36
C6 NAG G . 45.93 -4.09 -10.90
C7 NAG G . 42.26 -3.29 -16.40
C8 NAG G . 42.10 -3.04 -17.88
N2 NAG G . 43.48 -3.02 -15.89
O3 NAG G . 44.28 -0.83 -14.23
O4 NAG G . 46.26 -1.45 -12.23
O5 NAG G . 44.67 -4.71 -12.80
O6 NAG G . 46.40 -5.42 -10.73
O7 NAG G . 41.35 -3.73 -15.71
C1 NAG H . -33.62 22.68 46.43
C2 NAG H . -32.64 23.32 47.39
C3 NAG H . -31.89 22.23 48.18
C4 NAG H . -32.84 21.21 48.79
C5 NAG H . -33.90 20.75 47.78
C6 NAG H . -35.02 19.96 48.42
C7 NAG H . -31.71 25.50 46.78
C8 NAG H . -30.68 26.23 45.97
N2 NAG H . -31.70 24.17 46.69
O3 NAG H . -31.15 22.87 49.22
O4 NAG H . -32.05 20.01 49.36
O5 NAG H . -34.51 21.87 47.14
O6 NAG H . -35.82 20.80 49.24
O7 NAG H . -32.51 26.10 47.49
C1 NAG H . -32.35 19.66 50.66
C2 NAG H . -31.73 18.36 51.12
C3 NAG H . -32.09 18.09 52.59
C4 NAG H . -31.74 19.28 53.47
C5 NAG H . -32.34 20.57 52.90
C6 NAG H . -31.88 21.81 53.63
C7 NAG H . -31.47 16.86 49.19
C8 NAG H . -32.02 15.69 48.46
N2 NAG H . -32.13 17.25 50.29
O3 NAG H . -31.44 16.92 53.08
O4 NAG H . -32.26 19.08 54.78
O5 NAG H . -31.93 20.73 51.53
O6 NAG H . -32.48 22.98 53.09
O7 NAG H . -30.46 17.45 48.81
C1 NAG I . 45.93 -4.42 -39.10
C2 NAG I . 46.62 -4.35 -37.74
C3 NAG I . 48.11 -4.07 -37.92
C4 NAG I . 48.74 -5.08 -38.87
C5 NAG I . 47.96 -5.13 -40.19
C6 NAG I . 48.45 -6.22 -41.11
C7 NAG I . 45.44 -3.61 -35.71
C8 NAG I . 44.83 -2.44 -34.99
N2 NAG I . 46.00 -3.34 -36.89
O3 NAG I . 48.77 -4.14 -36.66
O4 NAG I . 50.10 -4.72 -39.14
O5 NAG I . 46.58 -5.41 -39.92
O6 NAG I . 47.54 -6.48 -42.16
O7 NAG I . 45.41 -4.74 -35.24
C1 NAG J . -46.44 3.81 37.53
C2 NAG J . -46.30 4.76 38.71
C3 NAG J . -47.57 4.73 39.56
C4 NAG J . -48.79 5.01 38.71
C5 NAG J . -48.83 4.07 37.50
C6 NAG J . -49.94 4.40 36.53
C7 NAG J . -44.11 5.26 39.70
C8 NAG J . -42.99 4.74 40.55
N2 NAG J . -45.14 4.42 39.51
O3 NAG J . -47.47 5.70 40.60
O4 NAG J . -49.97 4.83 39.48
O5 NAG J . -47.60 4.16 36.77
O6 NAG J . -49.75 3.75 35.28
O7 NAG J . -44.09 6.39 39.21
#